data_7E78
#
_entry.id   7E78
#
_cell.length_a   243.616
_cell.length_b   74.449
_cell.length_c   125.585
_cell.angle_alpha   90.000
_cell.angle_beta   94.119
_cell.angle_gamma   90.000
#
_symmetry.space_group_name_H-M   'C 1 2 1'
#
loop_
_entity.id
_entity.type
_entity.pdbx_description
1 polymer 'Glucose-6-phosphate isomerase'
2 non-polymer 6-O-phosphono-alpha-D-glucopyranose
3 water water
#
_entity_poly.entity_id   1
_entity_poly.type   'polypeptide(L)'
_entity_poly.pdbx_seq_one_letter_code
;MASPALISDTDQWKALQAHVGAIHKTHLRDLMTDADRCKAMTAEFEGVFLDYSRQQATTETVDKLFKLAEAAKLKEKIDK
MFKGEKINTTENRSVLHVALRAPRDAVINSDGVNVVPEVWAVKDKIKQFSETFRSGSWVGATGKPLTNVVSVGIGGSFLG
PLFVHTALQTDPEAAESAKGRQLRFLANVDPVDVARSIKDLDPATTLVVVVSKTFTTAETMLNARTIKEWIVSSLGPQAV
SKHMIAVSTNLKLVKEFGIDPNNAFAFWDWVGGRYSVCSAVGVLPLSLQYGFPIVQKFLEGASSIDNHFHTSSFEKNIPV
LLGLLSVWNVSFLGYPARAILPYSQALEKLAPHIQQLSMESNGKGVSIDGVRLPYEAGEIDFGEPGTNGQHSFYQLIHQG
RVIPCDFIGVIKSQQPVYLKGETVSNHDELMSNFFAQPDALAYGKTPEQLHSEKVPENLISHKTFQGNRPSLSFLLSSLS
AYEIGQLLSIYEHRIAVQGFIWGINSFDQWGVELGKSLASTVRKQLHASRMEGKPVEGFNPSSASLLTRFLAVKPSTPYD
TTVLPKV
;
_entity_poly.pdbx_strand_id   A,C,B,D
#
loop_
_chem_comp.id
_chem_comp.type
_chem_comp.name
_chem_comp.formula
G6P D-saccharide, alpha linking 6-O-phosphono-alpha-D-glucopyranose 'C6 H13 O9 P'
#
# COMPACT_ATOMS: atom_id res chain seq x y z
N ALA A 5 40.95 -34.39 35.19
CA ALA A 5 41.08 -35.74 34.67
C ALA A 5 39.98 -36.02 33.63
N LEU A 6 39.07 -36.91 33.98
CA LEU A 6 37.92 -37.24 33.15
C LEU A 6 36.88 -37.87 34.06
N ILE A 7 35.69 -37.26 34.15
CA ILE A 7 34.78 -37.61 35.24
C ILE A 7 34.42 -39.08 35.21
N SER A 8 34.35 -39.67 34.02
CA SER A 8 33.93 -41.05 33.84
C SER A 8 34.96 -42.06 34.34
N ASP A 9 36.15 -41.61 34.73
CA ASP A 9 37.16 -42.51 35.26
C ASP A 9 37.17 -42.55 36.79
N THR A 10 36.49 -41.62 37.45
CA THR A 10 36.62 -41.47 38.90
C THR A 10 35.85 -42.55 39.63
N ASP A 11 36.25 -42.78 40.88
CA ASP A 11 35.57 -43.77 41.71
C ASP A 11 34.12 -43.37 41.95
N GLN A 12 33.87 -42.08 42.13
CA GLN A 12 32.51 -41.61 42.36
C GLN A 12 31.61 -42.00 41.19
N TRP A 13 32.16 -42.00 39.98
CA TRP A 13 31.39 -42.36 38.80
C TRP A 13 31.15 -43.86 38.75
N LYS A 14 32.18 -44.65 39.04
CA LYS A 14 32.03 -46.10 38.97
C LYS A 14 31.12 -46.60 40.08
N ALA A 15 31.18 -45.96 41.25
CA ALA A 15 30.26 -46.30 42.33
C ALA A 15 28.82 -46.07 41.91
N LEU A 16 28.52 -44.86 41.43
CA LEU A 16 27.20 -44.56 40.89
C LEU A 16 26.80 -45.54 39.79
N GLN A 17 27.78 -46.07 39.07
CA GLN A 17 27.45 -47.00 37.98
C GLN A 17 26.94 -48.32 38.53
N ALA A 18 27.60 -48.87 39.55
CA ALA A 18 27.07 -50.08 40.14
C ALA A 18 25.77 -49.79 40.89
N HIS A 19 25.64 -48.59 41.45
CA HIS A 19 24.45 -48.24 42.19
C HIS A 19 23.20 -48.40 41.36
N VAL A 20 23.33 -48.25 40.03
CA VAL A 20 22.21 -48.48 39.11
C VAL A 20 21.60 -49.85 39.34
N GLY A 21 22.45 -50.86 39.55
CA GLY A 21 21.94 -52.20 39.78
C GLY A 21 21.07 -52.32 41.02
N ALA A 22 21.39 -51.56 42.06
CA ALA A 22 20.54 -51.57 43.26
C ALA A 22 19.22 -50.85 42.99
N ILE A 23 19.27 -49.72 42.28
CA ILE A 23 18.05 -49.01 41.97
C ILE A 23 17.13 -49.88 41.11
N HIS A 24 17.73 -50.67 40.20
CA HIS A 24 16.96 -51.60 39.38
C HIS A 24 16.29 -52.70 40.19
N LYS A 25 16.70 -52.92 41.44
CA LYS A 25 16.02 -53.89 42.29
C LYS A 25 14.87 -53.27 43.05
N THR A 26 14.59 -51.99 42.82
CA THR A 26 13.44 -51.33 43.42
C THR A 26 12.40 -51.06 42.34
N HIS A 27 11.23 -50.58 42.78
CA HIS A 27 10.15 -50.20 41.89
C HIS A 27 9.41 -49.07 42.56
N LEU A 28 9.14 -48.01 41.81
CA LEU A 28 8.63 -46.80 42.43
C LEU A 28 7.33 -47.02 43.17
N ARG A 29 6.53 -48.01 42.76
CA ARG A 29 5.23 -48.19 43.41
C ARG A 29 5.36 -48.65 44.87
N ASP A 30 6.49 -49.24 45.24
CA ASP A 30 6.88 -49.42 46.64
C ASP A 30 7.55 -48.18 47.20
N LEU A 31 8.56 -47.65 46.50
CA LEU A 31 9.32 -46.51 47.00
C LEU A 31 8.40 -45.35 47.35
N MET A 32 7.27 -45.25 46.67
CA MET A 32 6.40 -44.12 46.90
C MET A 32 5.53 -44.27 48.16
N THR A 33 5.51 -45.46 48.80
CA THR A 33 4.80 -45.57 50.08
C THR A 33 5.63 -45.05 51.24
N ASP A 34 6.92 -44.86 51.06
CA ASP A 34 7.80 -44.46 52.16
C ASP A 34 7.66 -42.96 52.39
N ALA A 35 7.00 -42.58 53.48
CA ALA A 35 6.85 -41.16 53.79
C ALA A 35 8.18 -40.50 54.11
N ASP A 36 9.13 -41.24 54.67
CA ASP A 36 10.45 -40.66 54.98
C ASP A 36 11.17 -40.31 53.70
N ARG A 37 11.23 -41.26 52.76
CA ARG A 37 11.84 -41.00 51.46
C ARG A 37 11.15 -39.82 50.76
N CYS A 38 9.83 -39.88 50.61
CA CYS A 38 9.12 -38.87 49.84
C CYS A 38 9.40 -37.46 50.38
N LYS A 39 9.38 -37.32 51.70
CA LYS A 39 9.61 -36.02 52.34
C LYS A 39 11.03 -35.52 52.10
N ALA A 40 12.00 -36.43 52.03
CA ALA A 40 13.38 -36.03 51.90
C ALA A 40 13.72 -35.63 50.47
N MET A 41 13.10 -36.27 49.48
CA MET A 41 13.38 -35.98 48.08
C MET A 41 12.52 -34.82 47.57
N THR A 42 12.56 -33.73 48.32
CA THR A 42 11.93 -32.49 47.92
C THR A 42 12.90 -31.35 48.23
N ALA A 43 12.56 -30.15 47.71
CA ALA A 43 13.29 -28.93 47.99
C ALA A 43 12.36 -27.77 47.70
N GLU A 44 12.66 -26.62 48.32
CA GLU A 44 11.70 -25.52 48.29
C GLU A 44 12.41 -24.19 48.45
N PHE A 45 11.93 -23.19 47.72
CA PHE A 45 12.42 -21.82 47.83
C PHE A 45 11.33 -20.87 47.36
N GLU A 46 10.91 -19.98 48.26
CA GLU A 46 9.79 -19.04 48.04
C GLU A 46 8.62 -19.83 47.48
N GLY A 47 7.92 -19.35 46.46
CA GLY A 47 6.80 -20.08 45.90
C GLY A 47 7.16 -21.19 44.95
N VAL A 48 8.36 -21.75 45.05
CA VAL A 48 8.80 -22.80 44.14
C VAL A 48 9.06 -24.06 44.96
N PHE A 49 8.26 -25.09 44.72
CA PHE A 49 8.41 -26.35 45.43
C PHE A 49 8.77 -27.45 44.44
N LEU A 50 9.85 -28.18 44.74
CA LEU A 50 10.32 -29.28 43.90
C LEU A 50 10.05 -30.57 44.64
N ASP A 51 9.31 -31.49 44.01
CA ASP A 51 9.10 -32.85 44.50
C ASP A 51 9.78 -33.75 43.47
N TYR A 52 10.84 -34.44 43.87
CA TYR A 52 11.48 -35.36 42.95
C TYR A 52 11.44 -36.78 43.51
N SER A 53 10.45 -37.07 44.37
CA SER A 53 10.33 -38.40 44.93
C SER A 53 10.05 -39.45 43.86
N ARG A 54 9.55 -39.02 42.71
CA ARG A 54 9.18 -40.00 41.66
C ARG A 54 10.38 -40.27 40.76
N GLN A 55 11.56 -39.91 41.23
CA GLN A 55 12.79 -40.24 40.48
C GLN A 55 13.18 -41.65 40.86
N GLN A 56 13.87 -42.37 39.96
CA GLN A 56 14.27 -43.76 40.23
C GLN A 56 15.49 -43.65 41.12
N ALA A 57 15.27 -43.38 42.40
CA ALA A 57 16.41 -43.14 43.29
C ALA A 57 16.01 -43.06 44.76
N THR A 58 16.99 -43.10 45.65
CA THR A 58 16.82 -42.95 47.08
C THR A 58 17.71 -41.81 47.57
N THR A 59 17.50 -41.42 48.81
CA THR A 59 18.37 -40.43 49.43
C THR A 59 19.83 -40.85 49.38
N GLU A 60 20.08 -42.17 49.39
CA GLU A 60 21.44 -42.67 49.21
C GLU A 60 21.94 -42.39 47.80
N THR A 61 21.10 -42.61 46.78
CA THR A 61 21.46 -42.20 45.41
C THR A 61 21.90 -40.75 45.38
N VAL A 62 21.10 -39.89 46.02
CA VAL A 62 21.42 -38.47 46.09
C VAL A 62 22.71 -38.24 46.87
N ASP A 63 22.92 -39.03 47.92
CA ASP A 63 24.19 -38.94 48.64
C ASP A 63 25.35 -39.20 47.70
N LYS A 64 25.20 -40.18 46.82
CA LYS A 64 26.32 -40.55 45.96
C LYS A 64 26.53 -39.52 44.86
N LEU A 65 25.44 -38.94 44.35
CA LEU A 65 25.58 -37.84 43.42
C LEU A 65 26.34 -36.69 44.06
N PHE A 66 26.13 -36.44 45.36
CA PHE A 66 26.82 -35.33 46.01
C PHE A 66 28.32 -35.55 46.02
N LYS A 67 28.74 -36.79 46.22
CA LYS A 67 30.17 -37.09 46.19
C LYS A 67 30.72 -37.05 44.78
N LEU A 68 29.88 -37.23 43.76
CA LEU A 68 30.34 -36.93 42.40
C LEU A 68 30.46 -35.44 42.18
N ALA A 69 29.49 -34.67 42.66
CA ALA A 69 29.59 -33.22 42.63
C ALA A 69 30.85 -32.74 43.32
N GLU A 70 31.25 -33.42 44.40
CA GLU A 70 32.50 -33.05 45.06
C GLU A 70 33.70 -33.37 44.17
N ALA A 71 33.80 -34.62 43.71
CA ALA A 71 34.92 -34.97 42.85
C ALA A 71 34.98 -34.07 41.63
N ALA A 72 33.82 -33.62 41.16
CA ALA A 72 33.73 -32.70 40.03
C ALA A 72 34.03 -31.26 40.40
N LYS A 73 34.21 -30.94 41.69
CA LYS A 73 34.39 -29.56 42.15
C LYS A 73 33.24 -28.67 41.68
N LEU A 74 32.00 -29.19 41.76
CA LEU A 74 30.84 -28.42 41.35
C LEU A 74 30.74 -27.09 42.09
N LYS A 75 30.89 -27.13 43.42
CA LYS A 75 30.84 -25.89 44.19
C LYS A 75 31.81 -24.87 43.64
N GLU A 76 33.04 -25.30 43.33
CA GLU A 76 34.07 -24.42 42.77
C GLU A 76 33.61 -23.75 41.49
N LYS A 77 33.20 -24.56 40.50
CA LYS A 77 32.85 -24.02 39.19
C LYS A 77 31.71 -23.02 39.28
N ILE A 78 30.77 -23.23 40.20
CA ILE A 78 29.71 -22.25 40.39
C ILE A 78 30.28 -20.95 40.92
N ASP A 79 31.22 -21.06 41.87
CA ASP A 79 31.80 -19.85 42.43
C ASP A 79 32.60 -19.10 41.38
N LYS A 80 33.40 -19.81 40.59
CA LYS A 80 34.14 -19.14 39.53
C LYS A 80 33.20 -18.46 38.55
N MET A 81 32.11 -19.12 38.17
CA MET A 81 31.12 -18.46 37.32
C MET A 81 30.64 -17.16 37.95
N PHE A 82 30.19 -17.24 39.22
CA PHE A 82 29.62 -16.06 39.87
C PHE A 82 30.65 -14.95 40.08
N LYS A 83 31.92 -15.31 40.32
CA LYS A 83 32.97 -14.31 40.51
C LYS A 83 33.41 -13.64 39.22
N GLY A 84 33.09 -14.21 38.08
CA GLY A 84 33.44 -13.58 36.83
C GLY A 84 34.62 -14.19 36.13
N GLU A 85 35.17 -15.28 36.65
CA GLU A 85 36.25 -15.95 35.95
C GLU A 85 35.80 -16.35 34.56
N LYS A 86 36.77 -16.39 33.64
CA LYS A 86 36.51 -16.76 32.26
C LYS A 86 36.55 -18.29 32.18
N ILE A 87 35.46 -18.90 32.66
CA ILE A 87 35.37 -20.36 32.61
C ILE A 87 35.06 -20.85 31.20
N ASN A 88 34.61 -19.97 30.31
CA ASN A 88 34.44 -20.30 28.90
C ASN A 88 35.81 -20.30 28.22
N THR A 89 36.60 -21.34 28.51
CA THR A 89 38.02 -21.37 28.14
C THR A 89 38.25 -21.41 26.65
N THR A 90 37.32 -21.94 25.86
CA THR A 90 37.57 -22.06 24.44
C THR A 90 37.38 -20.74 23.70
N GLU A 91 36.57 -19.83 24.23
CA GLU A 91 36.38 -18.50 23.66
C GLU A 91 37.03 -17.42 24.52
N ASN A 92 37.58 -17.79 25.68
CA ASN A 92 38.17 -16.88 26.68
C ASN A 92 37.21 -15.75 27.06
N ARG A 93 36.05 -16.15 27.59
CA ARG A 93 35.06 -15.17 28.01
C ARG A 93 34.55 -15.52 29.40
N SER A 94 34.06 -14.51 30.10
CA SER A 94 33.37 -14.73 31.35
C SER A 94 32.00 -15.32 31.06
N VAL A 95 31.31 -15.71 32.14
CA VAL A 95 29.97 -16.23 32.03
C VAL A 95 29.15 -15.55 33.11
N LEU A 96 28.45 -14.48 32.73
CA LEU A 96 27.87 -13.62 33.75
C LEU A 96 26.47 -13.21 33.34
N HIS A 97 25.66 -14.17 32.91
CA HIS A 97 24.27 -13.83 32.73
C HIS A 97 23.62 -13.53 34.08
N VAL A 98 24.26 -13.95 35.17
CA VAL A 98 23.83 -13.57 36.51
C VAL A 98 23.86 -12.06 36.68
N ALA A 99 24.87 -11.40 36.09
CA ALA A 99 25.04 -9.97 36.26
C ALA A 99 23.94 -9.14 35.59
N LEU A 100 23.20 -9.72 34.64
CA LEU A 100 22.11 -8.96 34.03
C LEU A 100 21.00 -8.67 35.01
N ARG A 101 20.80 -9.53 36.02
CA ARG A 101 19.77 -9.29 37.01
C ARG A 101 20.35 -8.99 38.39
N ALA A 102 21.59 -8.54 38.45
CA ALA A 102 22.18 -8.15 39.72
C ALA A 102 21.69 -6.77 40.14
N PRO A 103 21.83 -6.37 41.44
CA PRO A 103 21.47 -5.03 41.86
C PRO A 103 22.61 -4.05 41.60
N ARG A 104 22.37 -2.74 41.74
CA ARG A 104 23.39 -1.73 41.37
C ARG A 104 24.65 -1.84 42.22
N ASP A 105 24.51 -2.10 43.51
CA ASP A 105 25.67 -2.12 44.44
C ASP A 105 26.53 -3.35 44.20
N ALA A 106 26.08 -4.30 43.39
CA ALA A 106 26.80 -5.57 43.25
C ALA A 106 28.19 -5.37 42.63
N VAL A 107 29.14 -6.23 43.02
CA VAL A 107 30.53 -6.14 42.50
C VAL A 107 30.88 -7.41 41.74
N ILE A 108 30.65 -7.43 40.42
CA ILE A 108 30.93 -8.61 39.59
C ILE A 108 31.98 -8.22 38.54
N ASN A 109 33.14 -8.87 38.62
CA ASN A 109 34.33 -8.44 37.89
C ASN A 109 34.60 -9.34 36.69
N SER A 110 34.73 -8.72 35.53
CA SER A 110 35.30 -9.32 34.33
C SER A 110 36.51 -8.49 33.94
N ASP A 111 37.70 -9.10 33.99
CA ASP A 111 38.96 -8.43 33.68
C ASP A 111 39.16 -7.22 34.58
N GLY A 112 39.09 -7.46 35.90
CA GLY A 112 39.25 -6.43 36.90
C GLY A 112 38.23 -5.33 36.88
N VAL A 113 37.33 -5.27 35.90
CA VAL A 113 36.32 -4.22 35.80
C VAL A 113 34.99 -4.75 36.30
N ASN A 114 34.33 -3.98 37.16
CA ASN A 114 32.99 -4.33 37.60
C ASN A 114 32.01 -4.06 36.48
N VAL A 115 31.21 -5.09 36.12
CA VAL A 115 30.31 -4.96 34.97
C VAL A 115 28.94 -4.43 35.34
N VAL A 116 28.59 -4.45 36.63
CA VAL A 116 27.24 -4.08 37.04
C VAL A 116 26.85 -2.66 36.62
N PRO A 117 27.69 -1.63 36.83
CA PRO A 117 27.27 -0.28 36.39
C PRO A 117 26.87 -0.22 34.93
N GLU A 118 27.54 -0.99 34.07
CA GLU A 118 27.16 -0.97 32.66
C GLU A 118 25.84 -1.69 32.43
N VAL A 119 25.63 -2.80 33.15
CA VAL A 119 24.34 -3.51 33.07
C VAL A 119 23.19 -2.54 33.37
N TRP A 120 23.24 -1.87 34.53
CA TRP A 120 22.16 -0.98 34.91
C TRP A 120 22.09 0.27 34.03
N ALA A 121 23.20 0.64 33.37
CA ALA A 121 23.20 1.76 32.44
C ALA A 121 22.31 1.49 31.24
N VAL A 122 22.44 0.30 30.64
CA VAL A 122 21.51 -0.11 29.60
C VAL A 122 20.10 -0.21 30.17
N LYS A 123 19.98 -0.77 31.38
CA LYS A 123 18.65 -0.95 31.98
C LYS A 123 17.95 0.39 32.18
N ASP A 124 18.64 1.34 32.82
CA ASP A 124 18.10 2.69 32.96
C ASP A 124 17.75 3.30 31.61
N LYS A 125 18.59 3.05 30.60
CA LYS A 125 18.30 3.57 29.27
C LYS A 125 17.02 2.97 28.71
N ILE A 126 16.85 1.64 28.86
CA ILE A 126 15.64 0.98 28.37
C ILE A 126 14.40 1.57 29.04
N LYS A 127 14.42 1.66 30.37
CA LYS A 127 13.25 2.17 31.07
C LYS A 127 12.86 3.54 30.55
N GLN A 128 13.84 4.46 30.44
CA GLN A 128 13.56 5.81 29.95
C GLN A 128 12.90 5.76 28.57
N PHE A 129 13.45 4.94 27.65
CA PHE A 129 12.87 4.81 26.33
C PHE A 129 11.46 4.23 26.40
N SER A 130 11.24 3.23 27.26
CA SER A 130 9.95 2.54 27.29
C SER A 130 8.83 3.43 27.84
N GLU A 131 9.16 4.34 28.76
CA GLU A 131 8.20 5.36 29.16
C GLU A 131 7.88 6.28 27.97
N THR A 132 8.92 6.87 27.38
CA THR A 132 8.79 7.65 26.15
C THR A 132 7.95 6.91 25.12
N PHE A 133 8.31 5.66 24.86
CA PHE A 133 7.62 4.90 23.82
C PHE A 133 6.16 4.69 24.17
N ARG A 134 5.87 4.26 25.39
CA ARG A 134 4.51 3.85 25.71
C ARG A 134 3.61 5.05 25.98
N SER A 135 4.19 6.20 26.34
CA SER A 135 3.40 7.41 26.55
C SER A 135 2.75 7.94 25.27
N GLY A 136 3.23 7.51 24.11
CA GLY A 136 2.79 8.08 22.85
C GLY A 136 3.64 9.23 22.37
N SER A 137 4.49 9.77 23.25
CA SER A 137 5.35 10.89 22.88
C SER A 137 6.22 10.54 21.67
N TRP A 138 6.88 9.39 21.74
CA TRP A 138 7.63 8.90 20.58
C TRP A 138 6.66 8.59 19.45
N VAL A 139 6.81 9.29 18.32
CA VAL A 139 5.89 9.14 17.20
C VAL A 139 6.66 8.68 15.96
N GLY A 140 5.90 8.23 14.97
CA GLY A 140 6.46 7.82 13.70
C GLY A 140 6.62 8.98 12.74
N ALA A 141 6.88 8.64 11.48
CA ALA A 141 7.13 9.67 10.47
C ALA A 141 5.86 10.46 10.19
N THR A 142 4.72 9.77 10.10
CA THR A 142 3.44 10.45 9.98
C THR A 142 2.99 11.09 11.28
N GLY A 143 3.82 11.05 12.33
CA GLY A 143 3.47 11.61 13.62
C GLY A 143 2.59 10.74 14.50
N LYS A 144 2.07 9.63 13.99
CA LYS A 144 1.25 8.78 14.82
C LYS A 144 2.12 8.06 15.87
N PRO A 145 1.57 7.75 17.04
CA PRO A 145 2.33 6.98 18.03
C PRO A 145 2.41 5.52 17.64
N LEU A 146 3.48 4.88 18.09
CA LEU A 146 3.80 3.50 17.70
C LEU A 146 3.14 2.48 18.63
N THR A 147 2.23 1.66 18.07
CA THR A 147 1.48 0.62 18.77
C THR A 147 2.23 -0.70 18.85
N ASN A 148 2.83 -1.11 17.74
CA ASN A 148 3.24 -2.48 17.52
C ASN A 148 4.75 -2.56 17.39
N VAL A 149 5.33 -3.60 17.99
CA VAL A 149 6.77 -3.82 17.94
C VAL A 149 7.04 -5.17 17.30
N VAL A 150 7.97 -5.20 16.34
CA VAL A 150 8.44 -6.44 15.74
C VAL A 150 9.90 -6.63 16.15
N SER A 151 10.22 -7.82 16.65
CA SER A 151 11.54 -8.17 17.15
C SER A 151 12.17 -9.13 16.15
N VAL A 152 13.26 -8.70 15.51
CA VAL A 152 13.94 -9.47 14.48
C VAL A 152 15.19 -10.09 15.10
N GLY A 153 15.25 -11.41 15.07
CA GLY A 153 16.40 -12.12 15.59
C GLY A 153 16.09 -13.60 15.61
N ILE A 154 17.12 -14.37 15.98
CA ILE A 154 17.12 -15.81 15.81
C ILE A 154 17.80 -16.43 17.03
N GLY A 155 17.40 -17.66 17.34
CA GLY A 155 18.08 -18.43 18.37
C GLY A 155 17.97 -17.71 19.70
N GLY A 156 19.13 -17.45 20.31
CA GLY A 156 19.14 -16.79 21.61
C GLY A 156 18.52 -15.41 21.59
N SER A 157 18.59 -14.73 20.45
CA SER A 157 17.97 -13.42 20.36
C SER A 157 16.46 -13.51 20.22
N PHE A 158 15.90 -14.72 20.29
CA PHE A 158 14.52 -15.01 19.90
C PHE A 158 13.76 -15.82 20.96
N LEU A 159 14.33 -16.96 21.33
CA LEU A 159 13.57 -18.02 21.99
C LEU A 159 13.21 -17.66 23.43
N GLY A 160 14.16 -17.13 24.18
CA GLY A 160 13.92 -16.68 25.52
C GLY A 160 12.86 -15.59 25.60
N PRO A 161 13.01 -14.53 24.79
CA PRO A 161 11.97 -13.50 24.75
C PRO A 161 10.62 -14.05 24.37
N LEU A 162 10.56 -14.93 23.38
CA LEU A 162 9.28 -15.52 23.00
C LEU A 162 8.66 -16.28 24.17
N PHE A 163 9.48 -17.04 24.91
CA PHE A 163 8.96 -17.76 26.05
C PHE A 163 8.40 -16.80 27.09
N VAL A 164 9.21 -15.85 27.54
CA VAL A 164 8.78 -14.94 28.59
C VAL A 164 7.54 -14.19 28.14
N HIS A 165 7.48 -13.85 26.86
CA HIS A 165 6.37 -13.08 26.31
C HIS A 165 5.10 -13.91 26.27
N THR A 166 5.20 -15.17 25.85
CA THR A 166 4.03 -16.04 25.87
C THR A 166 3.49 -16.22 27.28
N ALA A 167 4.38 -16.30 28.26
CA ALA A 167 3.96 -16.47 29.65
C ALA A 167 3.26 -15.23 30.15
N LEU A 168 3.77 -14.05 29.82
CA LEU A 168 3.21 -12.77 30.37
C LEU A 168 1.92 -12.38 29.66
N GLN A 169 1.74 -12.83 28.41
CA GLN A 169 0.55 -12.46 27.60
C GLN A 169 -0.74 -12.64 28.40
N THR A 170 -0.82 -13.67 29.24
CA THR A 170 -2.10 -13.95 29.93
C THR A 170 -2.04 -13.53 31.41
N ASP A 171 -0.84 -13.31 31.96
CA ASP A 171 -0.78 -12.81 33.32
C ASP A 171 -1.63 -11.54 33.46
N PRO A 172 -2.55 -11.48 34.43
CA PRO A 172 -3.50 -10.36 34.44
C PRO A 172 -2.88 -9.01 34.75
N GLU A 173 -1.76 -8.95 35.45
CA GLU A 173 -1.04 -7.69 35.59
C GLU A 173 -0.41 -7.28 34.26
N ALA A 174 0.45 -8.16 33.71
CA ALA A 174 1.13 -7.85 32.45
C ALA A 174 0.13 -7.56 31.33
N ALA A 175 -0.88 -8.41 31.17
CA ALA A 175 -1.84 -8.20 30.09
C ALA A 175 -2.44 -6.80 30.18
N GLU A 176 -2.75 -6.34 31.40
CA GLU A 176 -3.29 -5.00 31.59
C GLU A 176 -2.32 -3.93 31.11
N SER A 177 -1.03 -4.08 31.42
CA SER A 177 -0.03 -3.12 30.98
C SER A 177 0.28 -3.25 29.48
N ALA A 178 -0.19 -4.30 28.82
CA ALA A 178 0.09 -4.55 27.43
C ALA A 178 -1.08 -4.25 26.51
N LYS A 179 -2.18 -3.72 27.03
CA LYS A 179 -3.40 -3.59 26.25
C LYS A 179 -3.14 -2.75 25.00
N GLY A 180 -3.83 -3.11 23.93
CA GLY A 180 -3.72 -2.41 22.68
C GLY A 180 -2.41 -2.57 21.95
N ARG A 181 -1.44 -3.29 22.50
CA ARG A 181 -0.12 -3.39 21.91
C ARG A 181 0.14 -4.79 21.38
N GLN A 182 0.93 -4.86 20.31
CA GLN A 182 1.43 -6.13 19.81
C GLN A 182 2.94 -6.18 19.92
N LEU A 183 3.45 -7.37 20.22
CA LEU A 183 4.87 -7.65 20.12
C LEU A 183 5.02 -8.96 19.35
N ARG A 184 5.58 -8.86 18.16
CA ARG A 184 5.72 -9.99 17.25
C ARG A 184 7.20 -10.33 17.06
N PHE A 185 7.47 -11.56 16.67
CA PHE A 185 8.83 -12.04 16.51
C PHE A 185 9.05 -12.50 15.08
N LEU A 186 9.94 -11.82 14.36
CA LEU A 186 10.40 -12.24 13.03
C LEU A 186 11.70 -12.97 13.22
N ALA A 187 11.72 -14.25 12.87
CA ALA A 187 12.88 -15.05 13.24
C ALA A 187 13.46 -15.82 12.05
N ASN A 188 12.62 -16.56 11.35
CA ASN A 188 13.12 -17.36 10.23
C ASN A 188 13.54 -16.44 9.08
N VAL A 189 14.52 -16.88 8.30
CA VAL A 189 14.82 -16.14 7.07
C VAL A 189 13.78 -16.44 5.98
N ASP A 190 13.05 -17.55 6.11
CA ASP A 190 11.96 -17.88 5.21
C ASP A 190 11.08 -16.66 5.01
N PRO A 191 10.94 -16.16 3.78
CA PRO A 191 10.09 -14.98 3.57
C PRO A 191 8.63 -15.18 4.01
N VAL A 192 8.17 -16.43 4.18
CA VAL A 192 6.86 -16.63 4.80
C VAL A 192 6.81 -15.96 6.17
N ASP A 193 7.91 -16.04 6.92
CA ASP A 193 7.89 -15.49 8.27
C ASP A 193 7.89 -13.97 8.25
N VAL A 194 8.44 -13.37 7.19
CA VAL A 194 8.33 -11.92 7.03
C VAL A 194 6.89 -11.54 6.74
N ALA A 195 6.27 -12.21 5.76
CA ALA A 195 4.88 -11.95 5.43
C ALA A 195 3.99 -12.07 6.66
N ARG A 196 4.20 -13.10 7.48
CA ARG A 196 3.44 -13.26 8.71
C ARG A 196 3.67 -12.11 9.67
N SER A 197 4.93 -11.78 9.94
CA SER A 197 5.23 -10.75 10.93
C SER A 197 4.60 -9.40 10.59
N ILE A 198 4.49 -9.03 9.31
CA ILE A 198 3.94 -7.72 8.94
C ILE A 198 2.47 -7.79 8.57
N LYS A 199 1.87 -8.97 8.59
CA LYS A 199 0.45 -9.14 8.28
C LYS A 199 -0.41 -8.22 9.14
N ASP A 200 -1.27 -7.44 8.49
CA ASP A 200 -2.14 -6.46 9.12
C ASP A 200 -1.35 -5.35 9.85
N LEU A 201 -0.08 -5.15 9.56
CA LEU A 201 0.65 -4.08 10.21
C LEU A 201 0.73 -2.85 9.31
N ASP A 202 0.70 -1.67 9.93
CA ASP A 202 0.94 -0.40 9.25
C ASP A 202 2.31 0.10 9.69
N PRO A 203 3.25 0.28 8.77
CA PRO A 203 4.58 0.80 9.18
C PRO A 203 4.51 2.13 9.90
N ALA A 204 3.43 2.90 9.72
CA ALA A 204 3.33 4.19 10.42
C ALA A 204 3.28 3.98 11.92
N THR A 205 2.55 2.95 12.37
CA THR A 205 2.36 2.66 13.79
C THR A 205 3.24 1.52 14.28
N THR A 206 4.29 1.17 13.53
CA THR A 206 5.13 0.03 13.83
C THR A 206 6.52 0.48 14.26
N LEU A 207 7.07 -0.19 15.25
CA LEU A 207 8.47 -0.01 15.64
C LEU A 207 9.19 -1.34 15.48
N VAL A 208 10.40 -1.31 14.94
CA VAL A 208 11.19 -2.51 14.69
C VAL A 208 12.41 -2.49 15.60
N VAL A 209 12.71 -3.63 16.20
CA VAL A 209 13.86 -3.81 17.07
C VAL A 209 14.69 -4.95 16.49
N VAL A 210 15.94 -4.66 16.15
CA VAL A 210 16.81 -5.66 15.55
C VAL A 210 17.74 -6.19 16.64
N VAL A 211 17.65 -7.50 16.89
CA VAL A 211 18.38 -8.12 17.98
C VAL A 211 19.30 -9.20 17.41
N SER A 212 20.60 -9.07 17.68
CA SER A 212 21.60 -10.05 17.31
C SER A 212 22.89 -9.78 18.03
N LYS A 213 23.47 -10.77 18.73
CA LYS A 213 24.66 -10.50 19.51
C LYS A 213 25.80 -10.00 18.62
N THR A 214 25.89 -10.54 17.40
CA THR A 214 26.97 -10.22 16.49
C THR A 214 26.62 -9.11 15.50
N PHE A 215 25.32 -8.88 15.30
CA PHE A 215 24.78 -8.02 14.24
C PHE A 215 25.25 -8.43 12.85
N THR A 216 25.80 -9.64 12.71
CA THR A 216 26.24 -10.20 11.44
C THR A 216 25.52 -11.48 11.06
N THR A 217 24.56 -11.97 11.84
CA THR A 217 23.94 -13.25 11.53
C THR A 217 23.09 -13.11 10.28
N ALA A 218 23.36 -14.00 9.31
CA ALA A 218 22.88 -13.82 7.95
C ALA A 218 21.37 -13.66 7.90
N GLU A 219 20.65 -14.54 8.61
CA GLU A 219 19.19 -14.51 8.54
C GLU A 219 18.63 -13.23 9.15
N THR A 220 19.13 -12.83 10.32
CA THR A 220 18.62 -11.64 10.98
C THR A 220 18.86 -10.39 10.13
N MET A 221 20.06 -10.24 9.57
CA MET A 221 20.36 -9.02 8.79
C MET A 221 19.50 -8.93 7.53
N LEU A 222 19.28 -10.05 6.84
CA LEU A 222 18.43 -9.99 5.66
C LEU A 222 17.00 -9.60 6.04
N ASN A 223 16.45 -10.23 7.08
CA ASN A 223 15.15 -9.80 7.60
C ASN A 223 15.18 -8.34 8.00
N ALA A 224 16.28 -7.90 8.62
CA ALA A 224 16.40 -6.50 9.02
C ALA A 224 16.36 -5.57 7.79
N ARG A 225 17.21 -5.83 6.81
CA ARG A 225 17.16 -5.00 5.60
C ARG A 225 15.82 -5.19 4.89
N THR A 226 15.19 -6.34 5.06
CA THR A 226 13.90 -6.55 4.41
C THR A 226 12.83 -5.71 5.06
N ILE A 227 12.83 -5.63 6.40
CA ILE A 227 11.80 -4.84 7.09
C ILE A 227 12.13 -3.34 7.01
N LYS A 228 13.40 -2.99 6.86
CA LYS A 228 13.76 -1.61 6.52
C LYS A 228 13.10 -1.19 5.21
N GLU A 229 13.24 -2.00 4.15
CA GLU A 229 12.60 -1.68 2.89
C GLU A 229 11.09 -1.52 3.03
N TRP A 230 10.46 -2.32 3.92
CA TRP A 230 9.02 -2.21 4.15
C TRP A 230 8.67 -0.82 4.66
N ILE A 231 9.55 -0.26 5.50
CA ILE A 231 9.30 1.03 6.13
C ILE A 231 9.61 2.18 5.17
N VAL A 232 10.74 2.13 4.48
CA VAL A 232 11.05 3.22 3.56
C VAL A 232 10.08 3.25 2.40
N SER A 233 9.64 2.08 1.93
CA SER A 233 8.73 2.04 0.80
C SER A 233 7.39 2.70 1.10
N SER A 234 7.02 2.82 2.38
CA SER A 234 5.76 3.44 2.73
C SER A 234 5.91 4.83 3.32
N LEU A 235 7.03 5.09 4.02
CA LEU A 235 7.16 6.29 4.83
C LEU A 235 8.39 7.10 4.48
N GLY A 236 9.18 6.68 3.49
CA GLY A 236 10.35 7.41 3.07
C GLY A 236 11.60 6.97 3.80
N PRO A 237 12.76 7.24 3.22
CA PRO A 237 14.03 6.79 3.82
C PRO A 237 14.43 7.52 5.09
N GLN A 238 13.71 8.59 5.43
CA GLN A 238 13.92 9.28 6.70
C GLN A 238 13.27 8.53 7.85
N ALA A 239 12.22 7.76 7.57
CA ALA A 239 11.42 7.08 8.57
C ALA A 239 12.23 6.04 9.34
N VAL A 240 13.51 5.86 8.98
CA VAL A 240 14.28 4.77 9.58
C VAL A 240 14.73 5.11 11.00
N SER A 241 15.33 6.28 11.20
CA SER A 241 15.75 6.63 12.56
C SER A 241 14.58 6.68 13.53
N LYS A 242 13.33 6.74 13.03
CA LYS A 242 12.11 6.81 13.83
C LYS A 242 11.48 5.45 14.07
N HIS A 243 11.63 4.50 13.15
CA HIS A 243 10.91 3.23 13.25
C HIS A 243 11.81 2.03 13.53
N MET A 244 13.12 2.21 13.68
CA MET A 244 14.04 1.09 13.84
C MET A 244 15.06 1.37 14.94
N ILE A 245 15.22 0.40 15.84
CA ILE A 245 16.25 0.44 16.89
C ILE A 245 16.91 -0.93 16.94
N ALA A 246 18.00 -1.04 17.71
CA ALA A 246 18.81 -2.26 17.66
C ALA A 246 19.35 -2.65 19.02
N VAL A 247 19.56 -3.96 19.21
CA VAL A 247 20.22 -4.55 20.38
C VAL A 247 21.35 -5.44 19.87
N SER A 248 22.55 -5.30 20.45
CA SER A 248 23.70 -6.08 20.00
C SER A 248 24.89 -5.80 20.91
N THR A 249 25.98 -6.55 20.67
CA THR A 249 27.28 -6.34 21.30
C THR A 249 28.15 -5.43 20.46
N ASN A 250 27.89 -5.36 19.14
CA ASN A 250 28.70 -4.53 18.21
C ASN A 250 27.90 -3.32 17.74
N LEU A 251 28.20 -2.14 18.30
CA LEU A 251 27.45 -0.91 17.95
C LEU A 251 28.00 -0.27 16.67
N LYS A 252 29.26 -0.51 16.33
CA LYS A 252 29.82 0.03 15.08
C LYS A 252 28.98 -0.52 13.94
N LEU A 253 28.78 -1.82 13.93
CA LEU A 253 27.91 -2.46 12.95
C LEU A 253 26.47 -1.95 13.05
N VAL A 254 26.02 -1.56 14.24
CA VAL A 254 24.66 -1.02 14.36
C VAL A 254 24.57 0.34 13.69
N LYS A 255 25.64 1.14 13.84
CA LYS A 255 25.66 2.46 13.15
C LYS A 255 25.67 2.20 11.65
N GLU A 256 26.45 1.20 11.23
CA GLU A 256 26.60 0.91 9.78
C GLU A 256 25.24 0.51 9.20
N PHE A 257 24.44 -0.25 9.95
CA PHE A 257 23.10 -0.63 9.46
C PHE A 257 22.33 0.64 9.11
N GLY A 258 22.58 1.73 9.84
CA GLY A 258 21.86 2.96 9.60
C GLY A 258 20.87 3.33 10.69
N ILE A 259 21.17 2.94 11.93
CA ILE A 259 20.28 3.19 13.06
C ILE A 259 20.95 4.19 13.97
N ASP A 260 20.17 5.19 14.42
CA ASP A 260 20.60 6.26 15.31
C ASP A 260 21.43 5.70 16.47
N PRO A 261 22.68 6.17 16.66
CA PRO A 261 23.56 5.56 17.66
C PRO A 261 23.00 5.54 19.08
N ASN A 262 22.22 6.53 19.48
CA ASN A 262 21.60 6.45 20.79
C ASN A 262 20.30 5.66 20.78
N ASN A 263 19.96 5.07 19.64
CA ASN A 263 18.91 4.05 19.58
C ASN A 263 19.51 2.66 19.53
N ALA A 264 20.73 2.49 20.04
CA ALA A 264 21.34 1.19 20.22
C ALA A 264 21.37 0.86 21.71
N PHE A 265 21.17 -0.42 22.05
CA PHE A 265 21.19 -0.87 23.44
C PHE A 265 22.17 -2.03 23.58
N ALA A 266 23.21 -1.84 24.38
CA ALA A 266 24.30 -2.81 24.42
C ALA A 266 23.99 -4.03 25.27
N PHE A 267 24.67 -5.14 24.95
CA PHE A 267 25.06 -6.14 25.92
C PHE A 267 26.44 -6.66 25.53
N TRP A 268 26.92 -7.69 26.22
CA TRP A 268 28.35 -7.96 26.28
C TRP A 268 28.69 -9.40 25.95
N ASP A 269 30.00 -9.62 25.71
CA ASP A 269 30.47 -10.92 25.23
C ASP A 269 30.25 -12.03 26.25
N TRP A 270 30.12 -11.71 27.55
CA TRP A 270 29.91 -12.70 28.60
C TRP A 270 28.44 -13.01 28.81
N VAL A 271 27.60 -12.64 27.86
CA VAL A 271 26.18 -13.00 27.83
C VAL A 271 26.01 -13.98 26.69
N GLY A 272 25.77 -15.25 27.01
CA GLY A 272 25.44 -16.20 25.96
C GLY A 272 24.13 -15.83 25.29
N GLY A 273 24.02 -16.20 24.00
CA GLY A 273 22.75 -16.02 23.33
C GLY A 273 21.62 -16.73 24.04
N ARG A 274 21.82 -17.99 24.38
CA ARG A 274 20.84 -18.79 25.10
C ARG A 274 20.73 -18.44 26.58
N TYR A 275 21.50 -17.45 27.05
CA TYR A 275 21.41 -16.92 28.40
C TYR A 275 21.21 -15.41 28.39
N SER A 276 20.54 -14.88 27.37
CA SER A 276 20.54 -13.45 27.15
C SER A 276 19.20 -12.78 27.36
N VAL A 277 18.12 -13.52 27.63
CA VAL A 277 16.83 -12.86 27.76
C VAL A 277 16.81 -11.84 28.90
N CYS A 278 17.69 -11.98 29.90
CA CYS A 278 17.72 -10.98 30.97
C CYS A 278 18.52 -9.73 30.61
N SER A 279 19.15 -9.71 29.45
CA SER A 279 19.81 -8.52 28.92
C SER A 279 18.80 -7.72 28.10
N ALA A 280 19.30 -6.69 27.41
CA ALA A 280 18.44 -5.88 26.55
C ALA A 280 17.79 -6.71 25.47
N VAL A 281 18.32 -7.90 25.20
CA VAL A 281 17.70 -8.81 24.24
C VAL A 281 16.24 -9.04 24.59
N GLY A 282 15.97 -9.33 25.86
CA GLY A 282 14.61 -9.47 26.29
C GLY A 282 14.05 -8.21 26.92
N VAL A 283 14.84 -7.56 27.77
CA VAL A 283 14.33 -6.45 28.58
C VAL A 283 13.78 -5.34 27.71
N LEU A 284 14.39 -5.10 26.53
CA LEU A 284 13.95 -3.98 25.70
C LEU A 284 12.58 -4.25 25.06
N PRO A 285 12.42 -5.28 24.21
CA PRO A 285 11.07 -5.49 23.64
C PRO A 285 10.03 -5.76 24.70
N LEU A 286 10.37 -6.49 25.77
CA LEU A 286 9.39 -6.77 26.81
C LEU A 286 8.96 -5.51 27.52
N SER A 287 9.91 -4.60 27.82
CA SER A 287 9.54 -3.33 28.43
C SER A 287 8.60 -2.51 27.56
N LEU A 288 8.71 -2.65 26.25
CA LEU A 288 7.85 -1.89 25.35
C LEU A 288 6.43 -2.45 25.37
N GLN A 289 6.30 -3.77 25.51
CA GLN A 289 4.99 -4.39 25.55
C GLN A 289 4.37 -4.27 26.95
N TYR A 290 5.18 -4.40 28.01
CA TYR A 290 4.67 -4.60 29.36
C TYR A 290 5.03 -3.49 30.34
N GLY A 291 5.87 -2.54 29.96
CA GLY A 291 6.39 -1.54 30.89
C GLY A 291 7.60 -2.10 31.58
N PHE A 292 8.54 -1.25 32.00
CA PHE A 292 9.76 -1.70 32.65
C PHE A 292 9.55 -2.30 34.05
N PRO A 293 8.56 -1.87 34.83
CA PRO A 293 8.36 -2.51 36.17
C PRO A 293 8.04 -3.99 36.09
N ILE A 294 7.11 -4.37 35.21
CA ILE A 294 6.81 -5.79 35.00
C ILE A 294 8.10 -6.54 34.69
N VAL A 295 8.90 -6.02 33.75
CA VAL A 295 10.19 -6.65 33.41
C VAL A 295 11.13 -6.65 34.61
N GLN A 296 11.10 -5.60 35.42
CA GLN A 296 11.93 -5.59 36.63
C GLN A 296 11.52 -6.68 37.61
N LYS A 297 10.24 -7.04 37.66
CA LYS A 297 9.81 -8.13 38.55
C LYS A 297 10.27 -9.48 38.02
N PHE A 298 10.34 -9.61 36.70
CA PHE A 298 10.91 -10.81 36.09
C PHE A 298 12.39 -10.94 36.45
N LEU A 299 13.16 -9.86 36.27
CA LEU A 299 14.58 -9.90 36.60
C LEU A 299 14.81 -10.23 38.06
N GLU A 300 13.94 -9.71 38.95
CA GLU A 300 14.06 -10.02 40.37
C GLU A 300 13.79 -11.49 40.64
N GLY A 301 12.82 -12.07 39.94
CA GLY A 301 12.64 -13.51 40.02
C GLY A 301 13.92 -14.25 39.69
N ALA A 302 14.52 -13.92 38.54
CA ALA A 302 15.78 -14.56 38.16
C ALA A 302 16.85 -14.34 39.22
N SER A 303 16.94 -13.12 39.77
CA SER A 303 17.98 -12.82 40.75
C SER A 303 17.83 -13.70 41.99
N SER A 304 16.61 -13.94 42.46
CA SER A 304 16.46 -14.70 43.70
C SER A 304 17.04 -16.10 43.56
N ILE A 305 16.83 -16.73 42.40
CA ILE A 305 17.38 -18.07 42.20
C ILE A 305 18.89 -18.02 42.15
N ASP A 306 19.46 -16.98 41.51
CA ASP A 306 20.91 -16.81 41.47
C ASP A 306 21.50 -16.88 42.87
N ASN A 307 20.96 -16.09 43.79
CA ASN A 307 21.39 -16.13 45.19
C ASN A 307 21.11 -17.49 45.81
N HIS A 308 19.89 -18.00 45.64
CA HIS A 308 19.59 -19.34 46.12
C HIS A 308 20.59 -20.36 45.59
N PHE A 309 20.84 -20.32 44.28
CA PHE A 309 21.73 -21.30 43.65
C PHE A 309 23.14 -21.17 44.19
N HIS A 310 23.58 -19.95 44.46
CA HIS A 310 24.98 -19.70 44.80
C HIS A 310 25.30 -20.03 46.24
N THR A 311 24.31 -19.91 47.14
CA THR A 311 24.56 -19.97 48.58
C THR A 311 23.97 -21.19 49.26
N SER A 312 22.88 -21.74 48.72
CA SER A 312 22.16 -22.79 49.42
C SER A 312 22.92 -24.11 49.38
N SER A 313 22.92 -24.81 50.51
CA SER A 313 23.53 -26.13 50.58
C SER A 313 22.90 -27.09 49.57
N PHE A 314 23.64 -28.12 49.18
CA PHE A 314 23.26 -28.89 48.00
C PHE A 314 21.91 -29.59 48.19
N GLU A 315 21.59 -30.03 49.41
CA GLU A 315 20.34 -30.77 49.62
C GLU A 315 19.12 -29.87 49.64
N LYS A 316 19.29 -28.55 49.71
CA LYS A 316 18.21 -27.61 49.51
C LYS A 316 18.32 -26.86 48.18
N ASN A 317 19.32 -27.18 47.35
CA ASN A 317 19.69 -26.36 46.19
C ASN A 317 18.94 -26.89 44.98
N ILE A 318 17.94 -26.15 44.53
CA ILE A 318 17.04 -26.68 43.52
C ILE A 318 17.75 -26.87 42.18
N PRO A 319 18.55 -25.90 41.68
CA PRO A 319 19.29 -26.16 40.44
C PRO A 319 20.34 -27.24 40.57
N VAL A 320 21.02 -27.33 41.72
CA VAL A 320 22.01 -28.40 41.89
C VAL A 320 21.33 -29.76 41.87
N LEU A 321 20.22 -29.90 42.60
CA LEU A 321 19.51 -31.17 42.60
C LEU A 321 18.99 -31.51 41.21
N LEU A 322 18.40 -30.53 40.52
CA LEU A 322 17.88 -30.79 39.17
C LEU A 322 18.97 -31.27 38.24
N GLY A 323 20.14 -30.61 38.28
CA GLY A 323 21.20 -30.94 37.34
C GLY A 323 21.78 -32.32 37.61
N LEU A 324 21.85 -32.71 38.89
CA LEU A 324 22.39 -34.01 39.25
C LEU A 324 21.39 -35.13 38.97
N LEU A 325 20.11 -34.87 39.18
CA LEU A 325 19.12 -35.86 38.80
C LEU A 325 19.15 -36.09 37.29
N SER A 326 19.28 -35.01 36.52
CA SER A 326 19.31 -35.14 35.06
C SER A 326 20.56 -35.86 34.60
N VAL A 327 21.70 -35.60 35.21
CA VAL A 327 22.89 -36.38 34.92
C VAL A 327 22.68 -37.85 35.29
N TRP A 328 22.12 -38.10 36.48
CA TRP A 328 21.77 -39.45 36.90
C TRP A 328 20.95 -40.14 35.82
N ASN A 329 19.86 -39.51 35.40
CA ASN A 329 19.01 -40.13 34.40
C ASN A 329 19.75 -40.32 33.08
N VAL A 330 20.65 -39.40 32.72
CA VAL A 330 21.30 -39.48 31.41
C VAL A 330 22.44 -40.50 31.43
N SER A 331 23.38 -40.33 32.34
CA SER A 331 24.62 -41.06 32.26
C SER A 331 24.61 -42.40 32.99
N PHE A 332 23.71 -42.58 33.95
CA PHE A 332 23.66 -43.85 34.65
C PHE A 332 22.40 -44.65 34.35
N LEU A 333 21.23 -44.04 34.30
CA LEU A 333 20.06 -44.79 33.91
C LEU A 333 19.93 -44.95 32.39
N GLY A 334 20.73 -44.22 31.62
CA GLY A 334 20.81 -44.43 30.18
C GLY A 334 19.77 -43.70 29.35
N TYR A 335 19.03 -42.77 29.93
CA TYR A 335 17.89 -42.17 29.23
C TYR A 335 18.36 -41.08 28.27
N PRO A 336 18.14 -41.22 26.96
CA PRO A 336 18.69 -40.23 26.02
C PRO A 336 17.88 -38.95 25.90
N ALA A 337 16.62 -38.93 26.33
CA ALA A 337 15.77 -37.77 26.13
C ALA A 337 15.16 -37.31 27.45
N ARG A 338 14.61 -36.10 27.42
CA ARG A 338 13.99 -35.44 28.57
C ARG A 338 12.77 -34.69 28.07
N ALA A 339 11.67 -34.75 28.81
CA ALA A 339 10.44 -34.10 28.39
C ALA A 339 10.13 -32.93 29.32
N ILE A 340 9.86 -31.76 28.72
CA ILE A 340 9.45 -30.55 29.42
C ILE A 340 7.93 -30.52 29.24
N LEU A 341 7.18 -30.67 30.32
CA LEU A 341 5.74 -30.85 30.22
C LEU A 341 5.04 -29.87 31.16
N PRO A 342 5.04 -28.59 30.82
CA PRO A 342 4.30 -27.61 31.63
C PRO A 342 2.80 -27.86 31.51
N TYR A 343 2.12 -27.89 32.64
CA TYR A 343 0.67 -27.98 32.59
C TYR A 343 0.07 -26.57 32.63
N SER A 344 0.46 -25.82 31.59
CA SER A 344 0.06 -24.42 31.46
C SER A 344 0.17 -24.01 30.00
N GLN A 345 -0.93 -23.51 29.43
CA GLN A 345 -0.82 -22.98 28.07
C GLN A 345 0.08 -21.75 28.02
N ALA A 346 0.14 -20.98 29.08
CA ALA A 346 0.99 -19.79 29.05
C ALA A 346 2.46 -20.15 28.93
N LEU A 347 2.83 -21.35 29.36
CA LEU A 347 4.19 -21.84 29.19
C LEU A 347 4.37 -22.60 27.89
N GLU A 348 3.51 -22.32 26.91
CA GLU A 348 3.57 -23.02 25.63
C GLU A 348 4.91 -22.88 24.93
N LYS A 349 5.62 -21.78 25.14
CA LYS A 349 6.89 -21.60 24.43
C LYS A 349 8.08 -21.84 25.34
N LEU A 350 7.85 -22.54 26.45
CA LEU A 350 8.92 -22.88 27.37
C LEU A 350 9.84 -23.93 26.79
N ALA A 351 9.28 -25.06 26.38
CA ALA A 351 10.10 -26.13 25.81
C ALA A 351 11.01 -25.67 24.65
N PRO A 352 10.53 -24.88 23.66
CA PRO A 352 11.47 -24.47 22.60
C PRO A 352 12.67 -23.70 23.11
N HIS A 353 12.51 -22.90 24.17
CA HIS A 353 13.67 -22.22 24.72
C HIS A 353 14.61 -23.19 25.43
N ILE A 354 14.05 -24.19 26.13
CA ILE A 354 14.88 -25.14 26.86
C ILE A 354 15.65 -26.04 25.89
N GLN A 355 15.02 -26.38 24.75
CA GLN A 355 15.74 -27.07 23.68
C GLN A 355 17.06 -26.40 23.39
N GLN A 356 17.01 -25.09 23.13
CA GLN A 356 18.25 -24.37 22.84
C GLN A 356 19.12 -24.24 24.07
N LEU A 357 18.53 -23.89 25.21
CA LEU A 357 19.34 -23.64 26.40
C LEU A 357 20.14 -24.88 26.78
N SER A 358 19.52 -26.06 26.68
CA SER A 358 20.17 -27.32 27.06
C SER A 358 20.98 -27.94 25.93
N MET A 359 20.41 -28.05 24.73
CA MET A 359 21.09 -28.85 23.72
C MET A 359 22.27 -28.11 23.09
N GLU A 360 22.20 -26.78 23.01
CA GLU A 360 23.35 -26.03 22.52
C GLU A 360 24.44 -25.93 23.59
N SER A 361 24.08 -25.90 24.87
CA SER A 361 25.09 -25.84 25.91
C SER A 361 25.81 -27.18 26.07
N ASN A 362 25.06 -28.28 26.05
CA ASN A 362 25.56 -29.56 26.52
C ASN A 362 25.67 -30.62 25.43
N GLY A 363 25.22 -30.31 24.21
CA GLY A 363 25.45 -31.23 23.10
C GLY A 363 26.88 -31.12 22.59
N LYS A 364 27.82 -31.66 23.36
CA LYS A 364 29.25 -31.49 23.11
C LYS A 364 29.91 -32.86 23.12
N GLY A 365 31.00 -33.01 22.36
CA GLY A 365 31.66 -34.30 22.29
C GLY A 365 33.02 -34.42 22.97
N VAL A 366 33.50 -33.32 23.52
CA VAL A 366 34.83 -33.30 24.13
C VAL A 366 34.75 -32.54 25.45
N SER A 367 35.63 -32.91 26.37
CA SER A 367 35.69 -32.18 27.62
C SER A 367 36.15 -30.75 27.38
N ILE A 368 36.10 -29.95 28.44
CA ILE A 368 36.48 -28.55 28.33
C ILE A 368 37.97 -28.43 28.03
N ASP A 369 38.73 -29.51 28.21
CA ASP A 369 40.15 -29.61 27.89
C ASP A 369 40.40 -30.25 26.53
N GLY A 370 39.35 -30.47 25.74
CA GLY A 370 39.54 -31.10 24.44
C GLY A 370 39.74 -32.60 24.47
N VAL A 371 39.60 -33.25 25.63
CA VAL A 371 39.60 -34.71 25.66
C VAL A 371 38.29 -35.22 25.05
N ARG A 372 38.40 -36.22 24.18
CA ARG A 372 37.18 -36.84 23.62
C ARG A 372 36.47 -37.58 24.75
N LEU A 373 35.14 -37.48 24.79
CA LEU A 373 34.38 -38.09 25.89
C LEU A 373 34.06 -39.55 25.59
N PRO A 374 34.31 -40.47 26.52
CA PRO A 374 33.97 -41.88 26.30
C PRO A 374 32.52 -42.24 26.57
N TYR A 375 31.68 -41.25 26.83
CA TYR A 375 30.25 -41.42 27.00
C TYR A 375 29.59 -40.21 26.34
N GLU A 376 28.28 -40.26 26.17
CA GLU A 376 27.58 -39.14 25.57
C GLU A 376 26.98 -38.26 26.66
N ALA A 377 26.78 -36.99 26.36
CA ALA A 377 26.39 -36.05 27.43
C ALA A 377 25.00 -35.44 27.26
N GLY A 378 24.93 -34.26 26.66
CA GLY A 378 23.66 -33.51 26.61
C GLY A 378 22.52 -34.32 26.06
N GLU A 379 21.39 -34.22 26.73
CA GLU A 379 20.23 -35.04 26.34
C GLU A 379 19.36 -34.32 25.32
N ILE A 380 18.62 -35.10 24.56
CA ILE A 380 17.62 -34.52 23.68
C ILE A 380 16.45 -34.04 24.52
N ASP A 381 16.09 -32.76 24.39
CA ASP A 381 14.95 -32.18 25.10
C ASP A 381 13.82 -31.90 24.11
N PHE A 382 12.59 -31.98 24.62
CA PHE A 382 11.40 -31.68 23.86
C PHE A 382 10.25 -31.52 24.84
N GLY A 383 9.13 -31.00 24.32
CA GLY A 383 7.93 -30.92 25.12
C GLY A 383 6.77 -30.30 24.37
N GLU A 384 5.59 -30.46 24.95
CA GLU A 384 4.38 -29.72 24.65
C GLU A 384 3.72 -29.46 26.00
N PRO A 385 2.86 -28.45 26.09
CA PRO A 385 2.15 -28.23 27.35
C PRO A 385 1.12 -29.33 27.61
N GLY A 386 0.93 -29.63 28.91
CA GLY A 386 -0.22 -30.40 29.30
C GLY A 386 -1.44 -29.50 29.38
N THR A 387 -2.61 -30.07 29.08
CA THR A 387 -2.75 -31.49 28.80
C THR A 387 -2.55 -31.84 27.33
N ASN A 388 -2.11 -30.89 26.51
CA ASN A 388 -1.99 -31.15 25.08
C ASN A 388 -1.13 -32.39 24.83
N GLY A 389 0.09 -32.37 25.34
CA GLY A 389 1.02 -33.47 25.11
C GLY A 389 0.51 -34.79 25.59
N GLN A 390 -0.37 -34.76 26.60
CA GLN A 390 -1.04 -35.97 27.04
C GLN A 390 -1.70 -36.70 25.89
N HIS A 391 -2.38 -35.96 25.01
CA HIS A 391 -3.09 -36.61 23.91
C HIS A 391 -2.24 -36.68 22.66
N SER A 392 -0.91 -36.52 22.79
CA SER A 392 0.00 -36.67 21.68
C SER A 392 0.98 -37.81 21.92
N PHE A 393 2.00 -37.65 22.76
CA PHE A 393 3.05 -38.65 22.80
C PHE A 393 3.11 -39.44 24.10
N TYR A 394 2.26 -39.13 25.08
CA TYR A 394 2.29 -39.83 26.36
C TYR A 394 2.11 -41.35 26.21
N GLN A 395 1.39 -41.79 25.19
CA GLN A 395 1.34 -43.21 24.85
C GLN A 395 2.72 -43.86 24.88
N LEU A 396 3.70 -43.17 24.29
CA LEU A 396 5.06 -43.70 24.24
C LEU A 396 5.71 -43.60 25.62
N ILE A 397 5.49 -42.49 26.31
CA ILE A 397 6.15 -42.33 27.60
C ILE A 397 5.65 -43.37 28.62
N HIS A 398 4.40 -43.86 28.48
CA HIS A 398 3.89 -44.89 29.39
C HIS A 398 4.24 -46.30 28.94
N GLN A 399 4.26 -46.58 27.63
CA GLN A 399 4.41 -47.96 27.18
C GLN A 399 5.54 -48.20 26.22
N GLY A 400 6.25 -47.16 25.77
CA GLY A 400 7.40 -47.30 24.89
C GLY A 400 8.70 -46.93 25.60
N ARG A 401 9.59 -46.21 24.93
CA ARG A 401 10.86 -45.81 25.54
C ARG A 401 10.63 -45.00 26.81
N VAL A 402 11.45 -45.23 27.80
CA VAL A 402 11.36 -44.47 29.03
C VAL A 402 11.92 -43.07 28.76
N ILE A 403 11.21 -42.07 29.25
CA ILE A 403 11.60 -40.66 29.10
C ILE A 403 11.35 -39.95 30.42
N PRO A 404 12.39 -39.55 31.15
CA PRO A 404 12.21 -38.74 32.36
C PRO A 404 11.49 -37.45 32.02
N CYS A 405 10.53 -37.09 32.87
CA CYS A 405 9.67 -35.96 32.65
C CYS A 405 9.89 -34.93 33.74
N ASP A 406 9.91 -33.68 33.30
CA ASP A 406 9.75 -32.51 34.14
C ASP A 406 8.28 -32.11 34.04
N PHE A 407 7.54 -32.20 35.14
CA PHE A 407 6.18 -31.71 35.20
C PHE A 407 6.19 -30.39 35.93
N ILE A 408 5.52 -29.38 35.36
CA ILE A 408 5.44 -28.08 36.00
C ILE A 408 3.98 -27.69 36.11
N GLY A 409 3.55 -27.36 37.32
CA GLY A 409 2.18 -26.97 37.56
C GLY A 409 2.14 -25.75 38.45
N VAL A 410 1.05 -25.01 38.35
CA VAL A 410 0.89 -23.73 39.02
C VAL A 410 -0.37 -23.76 39.89
N ILE A 411 -0.23 -23.29 41.13
CA ILE A 411 -1.36 -23.32 42.06
C ILE A 411 -2.46 -22.39 41.57
N LYS A 412 -2.16 -21.09 41.53
CA LYS A 412 -3.14 -20.10 41.11
C LYS A 412 -3.19 -19.97 39.59
N SER A 413 -4.40 -20.02 39.02
CA SER A 413 -4.58 -19.86 37.59
C SER A 413 -4.47 -18.40 37.18
N GLN A 414 -3.77 -18.14 36.05
CA GLN A 414 -3.76 -16.81 35.48
C GLN A 414 -5.16 -16.38 35.04
N GLN A 415 -6.00 -17.34 34.66
CA GLN A 415 -7.26 -17.08 33.97
C GLN A 415 -8.31 -18.05 34.50
N PRO A 416 -8.75 -17.87 35.74
CA PRO A 416 -9.65 -18.86 36.34
C PRO A 416 -11.05 -18.80 35.72
N VAL A 417 -11.65 -19.99 35.56
CA VAL A 417 -12.96 -20.17 34.94
C VAL A 417 -13.71 -21.25 35.70
N TYR A 418 -14.98 -20.99 36.01
CA TYR A 418 -15.84 -21.99 36.64
C TYR A 418 -17.25 -21.87 36.09
N LEU A 419 -17.87 -23.03 35.85
CA LEU A 419 -19.27 -23.10 35.46
C LEU A 419 -20.08 -23.64 36.63
N LYS A 420 -21.17 -22.95 36.97
CA LYS A 420 -22.04 -23.41 38.04
C LYS A 420 -22.48 -24.83 37.76
N GLY A 421 -22.29 -25.71 38.75
CA GLY A 421 -22.73 -27.07 38.63
C GLY A 421 -21.71 -28.02 38.06
N GLU A 422 -20.57 -27.52 37.59
CA GLU A 422 -19.47 -28.38 37.15
C GLU A 422 -18.82 -29.06 38.35
N THR A 423 -18.38 -30.30 38.14
CA THR A 423 -17.79 -31.03 39.26
C THR A 423 -16.49 -30.38 39.75
N VAL A 424 -15.71 -29.80 38.83
CA VAL A 424 -14.48 -29.06 39.16
C VAL A 424 -14.35 -27.84 38.26
N SER A 425 -13.59 -26.86 38.75
CA SER A 425 -13.21 -25.70 37.94
C SER A 425 -12.24 -26.13 36.84
N ASN A 426 -12.18 -25.32 35.77
CA ASN A 426 -11.38 -25.72 34.62
C ASN A 426 -9.91 -25.86 34.99
N HIS A 427 -9.37 -24.92 35.78
CA HIS A 427 -8.00 -25.08 36.25
C HIS A 427 -7.84 -26.33 37.12
N ASP A 428 -8.87 -26.68 37.91
CA ASP A 428 -8.78 -27.90 38.72
C ASP A 428 -8.83 -29.15 37.84
N GLU A 429 -9.67 -29.11 36.81
CA GLU A 429 -9.68 -30.18 35.81
C GLU A 429 -8.31 -30.34 35.17
N LEU A 430 -7.63 -29.22 34.90
CA LEU A 430 -6.27 -29.30 34.36
C LEU A 430 -5.33 -29.92 35.37
N MET A 431 -5.43 -29.48 36.62
CA MET A 431 -4.46 -29.93 37.61
C MET A 431 -4.64 -31.39 38.01
N SER A 432 -5.84 -31.97 37.86
CA SER A 432 -5.96 -33.37 38.26
C SER A 432 -5.24 -34.27 37.28
N ASN A 433 -5.00 -33.80 36.05
CA ASN A 433 -4.03 -34.47 35.18
C ASN A 433 -2.61 -34.27 35.71
N PHE A 434 -2.28 -33.05 36.13
CA PHE A 434 -0.92 -32.78 36.59
C PHE A 434 -0.55 -33.66 37.78
N PHE A 435 -1.53 -33.93 38.68
CA PHE A 435 -1.29 -34.76 39.86
C PHE A 435 -1.33 -36.26 39.55
N ALA A 436 -2.11 -36.68 38.55
CA ALA A 436 -2.30 -38.10 38.22
C ALA A 436 -1.16 -38.69 37.39
N GLN A 437 -0.69 -37.95 36.37
CA GLN A 437 0.28 -38.51 35.43
C GLN A 437 1.57 -38.95 36.11
N PRO A 438 2.19 -38.20 37.01
CA PRO A 438 3.39 -38.72 37.68
C PRO A 438 3.14 -40.04 38.41
N ASP A 439 2.14 -40.07 39.32
CA ASP A 439 1.76 -41.33 39.96
C ASP A 439 1.54 -42.45 38.96
N ALA A 440 0.85 -42.16 37.83
CA ALA A 440 0.58 -43.24 36.87
C ALA A 440 1.86 -43.75 36.23
N LEU A 441 2.89 -42.91 36.11
CA LEU A 441 4.14 -43.38 35.52
C LEU A 441 4.98 -44.11 36.54
N ALA A 442 4.89 -43.66 37.79
CA ALA A 442 5.57 -44.36 38.88
C ALA A 442 4.95 -45.74 39.15
N TYR A 443 3.62 -45.83 39.19
CA TYR A 443 2.99 -47.08 39.66
C TYR A 443 2.81 -48.13 38.57
N GLY A 444 2.46 -47.75 37.37
CA GLY A 444 2.18 -48.82 36.45
C GLY A 444 0.86 -49.49 36.80
N LYS A 445 0.62 -50.65 36.18
CA LYS A 445 -0.61 -51.43 36.37
C LYS A 445 -0.33 -52.84 35.87
N THR A 446 -0.24 -53.80 36.81
CA THR A 446 0.30 -55.11 36.51
C THR A 446 -0.74 -55.98 35.81
N PRO A 447 -0.30 -57.00 35.07
CA PRO A 447 -1.26 -57.97 34.55
C PRO A 447 -2.15 -58.55 35.65
N GLU A 448 -1.59 -58.74 36.85
CA GLU A 448 -2.39 -59.29 37.96
C GLU A 448 -3.59 -58.40 38.26
N GLN A 449 -3.36 -57.09 38.39
CA GLN A 449 -4.50 -56.18 38.54
C GLN A 449 -5.49 -56.30 37.38
N LEU A 450 -4.99 -56.41 36.15
CA LEU A 450 -5.87 -56.40 34.98
C LEU A 450 -6.74 -57.66 34.95
N HIS A 451 -6.12 -58.81 35.20
CA HIS A 451 -6.87 -60.06 35.35
C HIS A 451 -7.88 -59.95 36.49
N SER A 452 -7.47 -59.33 37.60
CA SER A 452 -8.41 -59.06 38.70
C SER A 452 -9.48 -58.05 38.30
N GLU A 453 -9.39 -57.42 37.13
CA GLU A 453 -10.47 -56.58 36.64
C GLU A 453 -11.24 -57.24 35.51
N LYS A 454 -10.93 -58.50 35.20
CA LYS A 454 -11.62 -59.24 34.15
C LYS A 454 -11.38 -58.59 32.78
N VAL A 455 -10.15 -58.13 32.57
CA VAL A 455 -9.66 -57.84 31.22
C VAL A 455 -9.34 -59.17 30.53
N PRO A 456 -9.89 -59.43 29.35
CA PRO A 456 -9.64 -60.71 28.68
C PRO A 456 -8.15 -60.99 28.59
N GLU A 457 -7.79 -62.27 28.71
CA GLU A 457 -6.39 -62.64 28.80
C GLU A 457 -5.60 -62.19 27.57
N ASN A 458 -6.28 -62.02 26.44
CA ASN A 458 -5.60 -61.64 25.20
C ASN A 458 -5.34 -60.13 25.12
N LEU A 459 -6.08 -59.32 25.88
CA LEU A 459 -5.88 -57.89 25.94
C LEU A 459 -4.95 -57.46 27.06
N ILE A 460 -4.64 -58.37 27.99
CA ILE A 460 -3.84 -57.99 29.19
C ILE A 460 -2.48 -57.42 28.81
N SER A 461 -1.76 -58.06 27.90
CA SER A 461 -0.39 -57.63 27.55
C SER A 461 -0.42 -56.22 26.96
N HIS A 462 -1.44 -55.91 26.16
CA HIS A 462 -1.55 -54.60 25.48
C HIS A 462 -1.96 -53.50 26.47
N LYS A 463 -2.60 -53.86 27.59
CA LYS A 463 -3.08 -52.90 28.56
C LYS A 463 -2.20 -52.84 29.81
N THR A 464 -1.07 -53.52 29.80
CA THR A 464 -0.13 -53.54 30.91
C THR A 464 0.68 -52.25 30.96
N PHE A 465 0.89 -51.69 32.16
CA PHE A 465 1.80 -50.56 32.37
C PHE A 465 2.87 -51.01 33.36
N GLN A 466 4.13 -50.92 32.93
CA GLN A 466 5.22 -51.46 33.75
C GLN A 466 5.53 -50.58 34.95
N GLY A 467 5.25 -49.29 34.85
CA GLY A 467 5.54 -48.39 35.93
C GLY A 467 7.04 -48.22 36.13
N ASN A 468 7.35 -47.66 37.29
CA ASN A 468 8.75 -47.38 37.66
C ASN A 468 9.42 -46.48 36.61
N ARG A 469 8.65 -45.53 36.05
CA ARG A 469 9.15 -44.55 35.07
C ARG A 469 9.23 -43.19 35.70
N PRO A 470 10.38 -42.53 35.60
CA PRO A 470 10.68 -41.42 36.49
C PRO A 470 10.15 -40.08 36.02
N SER A 471 9.83 -39.25 37.00
CA SER A 471 9.35 -37.93 36.74
C SER A 471 9.64 -37.08 37.96
N LEU A 472 9.70 -35.77 37.75
CA LEU A 472 9.70 -34.84 38.86
C LEU A 472 8.63 -33.80 38.61
N SER A 473 8.29 -33.07 39.66
CA SER A 473 7.17 -32.15 39.65
C SER A 473 7.60 -30.85 40.32
N PHE A 474 7.33 -29.72 39.65
CA PHE A 474 7.44 -28.39 40.23
C PHE A 474 6.03 -27.87 40.51
N LEU A 475 5.82 -27.33 41.70
CA LEU A 475 4.54 -26.68 42.04
C LEU A 475 4.84 -25.22 42.33
N LEU A 476 4.29 -24.34 41.50
CA LEU A 476 4.51 -22.90 41.61
C LEU A 476 3.26 -22.25 42.22
N SER A 477 3.49 -21.27 43.09
CA SER A 477 2.39 -20.58 43.74
C SER A 477 1.57 -19.77 42.73
N SER A 478 2.21 -19.27 41.69
CA SER A 478 1.59 -18.39 40.71
C SER A 478 2.51 -18.32 39.51
N LEU A 479 2.00 -17.73 38.42
CA LEU A 479 2.81 -17.53 37.21
C LEU A 479 2.80 -16.04 36.83
N SER A 480 3.28 -15.21 37.73
CA SER A 480 3.44 -13.80 37.42
C SER A 480 4.85 -13.59 36.88
N ALA A 481 5.21 -12.34 36.60
CA ALA A 481 6.53 -12.06 36.03
C ALA A 481 7.64 -12.58 36.94
N TYR A 482 7.48 -12.38 38.25
CA TYR A 482 8.51 -12.77 39.21
C TYR A 482 8.79 -14.27 39.14
N GLU A 483 7.74 -15.09 39.03
CA GLU A 483 7.90 -16.54 39.02
C GLU A 483 8.40 -17.03 37.66
N ILE A 484 8.00 -16.37 36.58
CA ILE A 484 8.59 -16.67 35.28
C ILE A 484 10.10 -16.47 35.32
N GLY A 485 10.54 -15.40 35.99
CA GLY A 485 11.97 -15.16 36.09
C GLY A 485 12.70 -16.21 36.90
N GLN A 486 12.04 -16.74 37.95
CA GLN A 486 12.63 -17.81 38.74
C GLN A 486 12.73 -19.10 37.94
N LEU A 487 11.67 -19.46 37.21
CA LEU A 487 11.68 -20.64 36.36
C LEU A 487 12.79 -20.56 35.32
N LEU A 488 12.88 -19.43 34.63
CA LEU A 488 14.01 -19.18 33.74
C LEU A 488 15.34 -19.45 34.44
N SER A 489 15.55 -18.86 35.63
CA SER A 489 16.85 -18.96 36.26
C SER A 489 17.14 -20.38 36.73
N ILE A 490 16.11 -21.11 37.17
CA ILE A 490 16.30 -22.50 37.59
C ILE A 490 16.89 -23.32 36.46
N TYR A 491 16.32 -23.21 35.27
CA TYR A 491 16.76 -24.03 34.14
C TYR A 491 18.14 -23.59 33.62
N GLU A 492 18.42 -22.28 33.59
CA GLU A 492 19.75 -21.85 33.17
C GLU A 492 20.82 -22.47 34.05
N HIS A 493 20.55 -22.56 35.35
CA HIS A 493 21.56 -23.06 36.29
C HIS A 493 21.60 -24.57 36.33
N ARG A 494 20.45 -25.23 36.14
CA ARG A 494 20.44 -26.68 36.00
C ARG A 494 21.35 -27.11 34.85
N ILE A 495 21.21 -26.46 33.70
CA ILE A 495 22.00 -26.86 32.53
C ILE A 495 23.49 -26.66 32.80
N ALA A 496 23.84 -25.56 33.45
CA ALA A 496 25.25 -25.33 33.80
C ALA A 496 25.76 -26.43 34.72
N VAL A 497 24.97 -26.79 35.73
CA VAL A 497 25.34 -27.86 36.67
C VAL A 497 25.70 -29.13 35.91
N GLN A 498 24.87 -29.48 34.93
CA GLN A 498 25.08 -30.70 34.15
C GLN A 498 26.39 -30.63 33.39
N GLY A 499 26.64 -29.50 32.71
CA GLY A 499 27.91 -29.32 32.02
C GLY A 499 29.09 -29.41 32.96
N PHE A 500 28.95 -28.85 34.17
CA PHE A 500 30.03 -28.90 35.16
C PHE A 500 30.30 -30.32 35.65
N ILE A 501 29.25 -31.08 35.98
CA ILE A 501 29.48 -32.47 36.34
C ILE A 501 30.15 -33.19 35.19
N TRP A 502 29.61 -33.04 33.98
CA TRP A 502 30.18 -33.69 32.82
C TRP A 502 31.58 -33.17 32.49
N GLY A 503 31.92 -31.97 32.92
CA GLY A 503 33.24 -31.42 32.64
C GLY A 503 33.41 -30.86 31.25
N ILE A 504 32.34 -30.31 30.68
CA ILE A 504 32.33 -29.81 29.31
C ILE A 504 32.11 -28.30 29.35
N ASN A 505 32.28 -27.65 28.21
CA ASN A 505 32.02 -26.22 28.14
C ASN A 505 30.57 -26.02 27.72
N SER A 506 29.73 -25.69 28.69
CA SER A 506 28.34 -25.39 28.39
C SER A 506 28.18 -24.09 27.62
N PHE A 507 29.26 -23.37 27.30
CA PHE A 507 29.07 -21.99 26.85
C PHE A 507 29.65 -21.64 25.47
N ASP A 508 30.42 -22.52 24.82
CA ASP A 508 30.79 -22.29 23.42
C ASP A 508 29.78 -22.96 22.50
N GLN A 509 29.95 -22.76 21.20
CA GLN A 509 29.02 -23.34 20.23
C GLN A 509 29.70 -23.50 18.89
N TRP A 510 30.83 -24.20 18.87
CA TRP A 510 31.54 -24.45 17.63
C TRP A 510 30.73 -25.31 16.67
N GLY A 511 29.85 -26.17 17.19
CA GLY A 511 29.09 -27.06 16.34
C GLY A 511 28.19 -26.38 15.34
N VAL A 512 28.09 -25.05 15.35
CA VAL A 512 27.23 -24.40 14.38
C VAL A 512 28.03 -23.90 13.15
N GLU A 513 29.36 -23.82 13.25
CA GLU A 513 30.15 -23.14 12.23
C GLU A 513 30.09 -23.86 10.88
N LEU A 514 30.28 -25.18 10.88
CA LEU A 514 30.44 -25.90 9.63
C LEU A 514 29.22 -25.76 8.74
N GLY A 515 28.02 -25.78 9.32
CA GLY A 515 26.83 -25.51 8.53
C GLY A 515 26.85 -24.11 7.94
N LYS A 516 27.36 -23.14 8.72
CA LYS A 516 27.44 -21.77 8.22
C LYS A 516 28.37 -21.69 7.02
N SER A 517 29.55 -22.32 7.13
CA SER A 517 30.53 -22.26 6.05
C SER A 517 29.94 -22.78 4.74
N LEU A 518 29.44 -24.02 4.75
CA LEU A 518 28.91 -24.62 3.53
C LEU A 518 27.67 -23.91 3.03
N ALA A 519 26.95 -23.21 3.91
CA ALA A 519 25.80 -22.46 3.43
C ALA A 519 26.23 -21.22 2.66
N SER A 520 27.35 -20.60 3.05
CA SER A 520 27.95 -19.52 2.25
C SER A 520 28.29 -20.03 0.87
N THR A 521 28.93 -21.19 0.80
CA THR A 521 29.31 -21.74 -0.48
C THR A 521 28.08 -21.99 -1.35
N VAL A 522 26.99 -22.44 -0.75
CA VAL A 522 25.76 -22.60 -1.50
C VAL A 522 25.23 -21.24 -1.94
N ARG A 523 25.21 -20.26 -1.03
CA ARG A 523 24.77 -18.91 -1.39
C ARG A 523 25.57 -18.34 -2.55
N LYS A 524 26.88 -18.59 -2.58
CA LYS A 524 27.68 -18.15 -3.72
C LYS A 524 27.20 -18.83 -4.99
N GLN A 525 27.03 -20.15 -4.94
CA GLN A 525 26.57 -20.87 -6.12
C GLN A 525 25.24 -20.34 -6.64
N LEU A 526 24.32 -20.00 -5.73
CA LEU A 526 23.00 -19.55 -6.14
C LEU A 526 23.08 -18.21 -6.84
N HIS A 527 23.87 -17.28 -6.32
CA HIS A 527 24.07 -16.01 -7.00
C HIS A 527 24.71 -16.22 -8.38
N ALA A 528 25.84 -16.94 -8.41
CA ALA A 528 26.49 -17.26 -9.68
C ALA A 528 25.50 -17.82 -10.69
N SER A 529 24.58 -18.67 -10.26
CA SER A 529 23.63 -19.27 -11.18
C SER A 529 22.43 -18.37 -11.47
N ARG A 530 21.91 -17.68 -10.45
CA ARG A 530 20.73 -16.83 -10.65
C ARG A 530 21.08 -15.59 -11.46
N MET A 531 22.17 -14.89 -11.08
CA MET A 531 22.56 -13.62 -11.69
C MET A 531 23.57 -13.75 -12.82
N GLU A 532 24.36 -14.81 -12.87
CA GLU A 532 25.41 -14.91 -13.87
C GLU A 532 25.28 -16.10 -14.81
N GLY A 533 24.23 -16.91 -14.66
CA GLY A 533 24.03 -18.07 -15.51
C GLY A 533 25.04 -19.18 -15.35
N LYS A 534 25.82 -19.15 -14.27
CA LYS A 534 26.91 -20.09 -14.13
C LYS A 534 26.36 -21.51 -13.88
N PRO A 535 27.06 -22.54 -14.37
CA PRO A 535 26.67 -23.92 -14.05
C PRO A 535 26.90 -24.24 -12.59
N VAL A 536 26.36 -25.38 -12.15
CA VAL A 536 26.61 -25.88 -10.81
C VAL A 536 27.91 -26.67 -10.80
N GLU A 537 28.78 -26.37 -9.83
CA GLU A 537 30.14 -26.90 -9.85
C GLU A 537 30.71 -26.92 -8.45
N GLY A 538 31.39 -28.01 -8.10
CA GLY A 538 32.04 -28.12 -6.82
C GLY A 538 31.23 -28.77 -5.73
N PHE A 539 30.18 -29.52 -6.08
CA PHE A 539 29.34 -30.23 -5.15
C PHE A 539 29.36 -31.71 -5.51
N ASN A 540 29.03 -32.55 -4.52
CA ASN A 540 28.94 -33.98 -4.77
C ASN A 540 27.73 -34.24 -5.66
N PRO A 541 27.59 -35.45 -6.21
CA PRO A 541 26.53 -35.67 -7.20
C PRO A 541 25.11 -35.50 -6.66
N SER A 542 24.84 -35.98 -5.44
CA SER A 542 23.54 -35.72 -4.82
C SER A 542 23.23 -34.24 -4.78
N SER A 543 24.17 -33.44 -4.24
CA SER A 543 23.93 -32.01 -4.09
C SER A 543 23.82 -31.29 -5.44
N ALA A 544 24.66 -31.68 -6.40
CA ALA A 544 24.54 -31.14 -7.75
C ALA A 544 23.11 -31.24 -8.26
N SER A 545 22.54 -32.45 -8.24
CA SER A 545 21.19 -32.65 -8.75
C SER A 545 20.15 -31.81 -7.99
N LEU A 546 20.18 -31.87 -6.64
CA LEU A 546 19.25 -31.06 -5.83
C LEU A 546 19.30 -29.60 -6.22
N LEU A 547 20.52 -29.05 -6.39
CA LEU A 547 20.67 -27.64 -6.77
C LEU A 547 20.15 -27.37 -8.18
N THR A 548 20.44 -28.26 -9.13
CA THR A 548 19.90 -28.09 -10.48
C THR A 548 18.38 -28.12 -10.48
N ARG A 549 17.77 -29.05 -9.75
CA ARG A 549 16.32 -29.12 -9.69
C ARG A 549 15.73 -27.83 -9.17
N PHE A 550 16.44 -27.19 -8.23
CA PHE A 550 15.95 -25.96 -7.60
C PHE A 550 16.15 -24.75 -8.51
N LEU A 551 17.30 -24.67 -9.18
CA LEU A 551 17.56 -23.57 -10.11
C LEU A 551 16.73 -23.69 -11.37
N ALA A 552 16.30 -24.90 -11.72
CA ALA A 552 15.45 -25.11 -12.89
C ALA A 552 14.30 -24.13 -12.95
N VAL A 553 13.71 -23.82 -11.80
CA VAL A 553 12.56 -22.92 -11.72
C VAL A 553 13.09 -21.49 -11.57
N LYS A 554 12.81 -20.65 -12.59
CA LYS A 554 13.29 -19.27 -12.55
C LYS A 554 12.25 -18.38 -11.90
N PRO A 555 12.69 -17.30 -11.24
CA PRO A 555 11.73 -16.44 -10.54
C PRO A 555 10.93 -15.60 -11.54
N SER A 556 9.68 -15.34 -11.18
CA SER A 556 8.71 -14.71 -12.07
C SER A 556 8.79 -13.19 -12.04
N THR A 557 9.76 -12.62 -11.28
CA THR A 557 9.91 -11.19 -11.15
C THR A 557 11.04 -10.71 -12.05
N PRO A 558 11.01 -9.45 -12.49
CA PRO A 558 12.06 -8.96 -13.38
C PRO A 558 13.39 -8.82 -12.64
N TYR A 559 14.46 -8.88 -13.42
CA TYR A 559 15.83 -8.85 -12.89
C TYR A 559 16.00 -7.76 -11.84
N ASP A 560 16.68 -8.12 -10.75
CA ASP A 560 17.10 -7.16 -9.72
C ASP A 560 15.95 -6.27 -9.24
N THR A 561 14.70 -6.77 -9.26
CA THR A 561 13.52 -5.99 -8.94
C THR A 561 12.99 -6.34 -7.55
N THR A 562 12.74 -5.32 -6.74
CA THR A 562 12.31 -5.51 -5.37
C THR A 562 10.87 -5.98 -5.31
N VAL A 563 10.64 -7.09 -4.61
CA VAL A 563 9.30 -7.60 -4.38
C VAL A 563 9.10 -7.81 -2.87
N LEU A 564 7.92 -7.43 -2.37
CA LEU A 564 7.52 -7.68 -0.97
C LEU A 564 6.32 -8.64 -0.95
N PRO A 565 5.86 -9.15 0.23
CA PRO A 565 4.89 -10.28 0.19
C PRO A 565 3.41 -9.93 0.04
N LYS A 566 2.54 -10.93 0.24
CA LYS A 566 1.06 -10.79 0.21
C LYS A 566 0.53 -10.05 -1.03
N PRO B 4 3.21 -64.45 14.08
CA PRO B 4 3.83 -65.43 14.97
C PRO B 4 5.23 -65.03 15.47
N ALA B 5 6.27 -65.43 14.75
CA ALA B 5 7.63 -65.23 15.22
C ALA B 5 7.96 -63.75 15.36
N LEU B 6 8.62 -63.39 16.47
CA LEU B 6 9.10 -62.03 16.61
C LEU B 6 10.06 -61.67 15.48
N ILE B 7 9.90 -60.48 14.92
CA ILE B 7 10.70 -60.15 13.73
C ILE B 7 12.18 -60.24 14.07
N SER B 8 12.56 -59.91 15.30
CA SER B 8 13.94 -59.94 15.74
C SER B 8 14.50 -61.36 15.82
N ASP B 9 13.69 -62.38 15.58
CA ASP B 9 14.19 -63.74 15.52
C ASP B 9 14.53 -64.20 14.11
N THR B 10 13.99 -63.53 13.10
CA THR B 10 14.16 -63.99 11.72
C THR B 10 15.61 -63.84 11.27
N ASP B 11 16.01 -64.73 10.34
CA ASP B 11 17.35 -64.64 9.76
C ASP B 11 17.58 -63.27 9.13
N GLN B 12 16.56 -62.74 8.46
CA GLN B 12 16.68 -61.42 7.86
C GLN B 12 17.06 -60.38 8.91
N TRP B 13 16.35 -60.37 10.03
CA TRP B 13 16.66 -59.42 11.09
C TRP B 13 18.11 -59.56 11.54
N LYS B 14 18.56 -60.77 11.79
CA LYS B 14 19.95 -60.97 12.16
C LYS B 14 20.89 -60.66 11.00
N ALA B 15 20.45 -60.90 9.76
CA ALA B 15 21.30 -60.58 8.61
C ALA B 15 21.61 -59.10 8.58
N LEU B 16 20.65 -58.25 8.97
CA LEU B 16 20.89 -56.81 9.03
C LEU B 16 21.80 -56.45 10.19
N GLN B 17 21.77 -57.22 11.27
CA GLN B 17 22.63 -56.93 12.41
C GLN B 17 24.09 -57.21 12.09
N ALA B 18 24.36 -58.27 11.31
CA ALA B 18 25.70 -58.46 10.80
C ALA B 18 26.10 -57.33 9.86
N HIS B 19 25.14 -56.84 9.08
CA HIS B 19 25.45 -55.79 8.12
C HIS B 19 25.92 -54.51 8.80
N VAL B 20 25.46 -54.26 10.03
CA VAL B 20 25.81 -53.04 10.74
C VAL B 20 27.31 -52.90 10.88
N GLY B 21 28.01 -54.00 11.19
CA GLY B 21 29.45 -53.93 11.34
C GLY B 21 30.15 -53.52 10.07
N ALA B 22 29.57 -53.86 8.92
CA ALA B 22 30.17 -53.47 7.65
C ALA B 22 29.98 -51.98 7.39
N ILE B 23 28.79 -51.46 7.66
CA ILE B 23 28.54 -50.04 7.48
C ILE B 23 29.40 -49.23 8.44
N HIS B 24 29.61 -49.74 9.66
CA HIS B 24 30.48 -49.08 10.62
C HIS B 24 31.87 -48.84 10.06
N LYS B 25 32.30 -49.65 9.09
CA LYS B 25 33.63 -49.45 8.52
C LYS B 25 33.66 -48.34 7.48
N THR B 26 32.50 -47.78 7.12
CA THR B 26 32.42 -46.79 6.06
C THR B 26 32.12 -45.40 6.64
N HIS B 27 32.42 -44.39 5.83
CA HIS B 27 32.22 -42.98 6.19
C HIS B 27 31.46 -42.28 5.07
N LEU B 28 30.52 -41.41 5.43
CA LEU B 28 29.78 -40.70 4.38
C LEU B 28 30.65 -39.74 3.55
N ARG B 29 31.77 -39.24 4.10
CA ARG B 29 32.64 -38.38 3.30
C ARG B 29 33.09 -39.07 2.03
N ASP B 30 33.29 -40.39 2.09
CA ASP B 30 33.71 -41.17 0.95
C ASP B 30 32.52 -41.64 0.13
N LEU B 31 31.45 -42.07 0.80
CA LEU B 31 30.29 -42.62 0.09
C LEU B 31 29.62 -41.58 -0.78
N MET B 32 29.70 -40.31 -0.41
CA MET B 32 29.01 -39.27 -1.13
C MET B 32 29.77 -38.79 -2.36
N THR B 33 30.83 -39.48 -2.76
CA THR B 33 31.43 -39.20 -4.06
C THR B 33 30.94 -40.16 -5.13
N ASP B 34 30.34 -41.28 -4.75
CA ASP B 34 29.89 -42.30 -5.69
C ASP B 34 28.63 -41.83 -6.39
N ALA B 35 28.76 -41.44 -7.67
CA ALA B 35 27.60 -41.02 -8.46
C ALA B 35 26.54 -42.12 -8.50
N ASP B 36 26.97 -43.37 -8.67
CA ASP B 36 25.99 -44.44 -8.86
C ASP B 36 25.27 -44.79 -7.58
N ARG B 37 26.00 -44.89 -6.45
CA ARG B 37 25.35 -45.11 -5.16
C ARG B 37 24.30 -44.02 -4.92
N CYS B 38 24.72 -42.76 -5.00
CA CYS B 38 23.85 -41.64 -4.63
C CYS B 38 22.68 -41.49 -5.60
N LYS B 39 22.86 -41.81 -6.88
CA LYS B 39 21.73 -41.81 -7.82
C LYS B 39 20.76 -42.95 -7.50
N ALA B 40 21.28 -44.08 -7.01
CA ALA B 40 20.42 -45.19 -6.68
C ALA B 40 19.53 -44.84 -5.49
N MET B 41 20.08 -44.15 -4.51
CA MET B 41 19.39 -43.87 -3.26
C MET B 41 18.58 -42.58 -3.34
N THR B 42 17.69 -42.57 -4.33
CA THR B 42 16.68 -41.52 -4.52
C THR B 42 15.39 -42.20 -4.96
N ALA B 43 14.31 -41.44 -4.93
CA ALA B 43 13.02 -41.87 -5.44
C ALA B 43 12.21 -40.61 -5.65
N GLU B 44 11.14 -40.73 -6.45
CA GLU B 44 10.50 -39.51 -6.93
C GLU B 44 9.10 -39.82 -7.40
N PHE B 45 8.11 -39.03 -6.95
CA PHE B 45 6.70 -39.18 -7.40
C PHE B 45 6.12 -37.78 -7.56
N GLU B 46 5.68 -37.44 -8.77
CA GLU B 46 5.17 -36.08 -9.08
C GLU B 46 6.09 -35.01 -8.51
N GLY B 47 5.52 -34.04 -7.80
CA GLY B 47 6.31 -32.93 -7.25
C GLY B 47 7.16 -33.30 -6.06
N VAL B 48 7.25 -34.57 -5.71
CA VAL B 48 8.00 -34.97 -4.52
C VAL B 48 9.25 -35.72 -4.95
N PHE B 49 10.42 -35.16 -4.62
CA PHE B 49 11.70 -35.81 -4.84
C PHE B 49 12.26 -36.19 -3.47
N LEU B 50 12.77 -37.41 -3.34
CA LEU B 50 13.35 -37.88 -2.08
C LEU B 50 14.76 -38.33 -2.36
N ASP B 51 15.72 -37.72 -1.68
CA ASP B 51 17.13 -38.08 -1.75
C ASP B 51 17.54 -38.58 -0.38
N TYR B 52 17.93 -39.85 -0.31
CA TYR B 52 18.39 -40.43 0.95
C TYR B 52 19.81 -40.94 0.86
N SER B 53 20.60 -40.41 -0.09
CA SER B 53 22.01 -40.77 -0.21
C SER B 53 22.82 -40.47 1.05
N ARG B 54 22.34 -39.63 1.93
CA ARG B 54 23.04 -39.34 3.18
C ARG B 54 22.60 -40.26 4.34
N GLN B 55 21.96 -41.39 4.06
CA GLN B 55 21.82 -42.40 5.11
C GLN B 55 23.14 -43.14 5.25
N GLN B 56 23.37 -43.74 6.42
CA GLN B 56 24.52 -44.62 6.61
C GLN B 56 24.14 -45.96 5.96
N ALA B 57 24.33 -46.03 4.64
CA ALA B 57 23.78 -47.18 3.93
C ALA B 57 24.38 -47.27 2.53
N THR B 58 24.53 -48.51 2.07
CA THR B 58 24.79 -48.84 0.67
C THR B 58 23.53 -49.44 0.07
N THR B 59 23.57 -49.61 -1.25
CA THR B 59 22.49 -50.32 -1.93
C THR B 59 22.29 -51.71 -1.35
N GLU B 60 23.36 -52.34 -0.87
CA GLU B 60 23.23 -53.64 -0.22
C GLU B 60 22.38 -53.54 1.04
N THR B 61 22.60 -52.49 1.85
CA THR B 61 21.75 -52.26 3.02
C THR B 61 20.29 -52.24 2.61
N VAL B 62 19.99 -51.50 1.55
CA VAL B 62 18.62 -51.38 1.09
C VAL B 62 18.12 -52.73 0.60
N ASP B 63 18.96 -53.46 -0.11
CA ASP B 63 18.58 -54.81 -0.55
C ASP B 63 18.29 -55.69 0.67
N LYS B 64 19.18 -55.66 1.66
CA LYS B 64 18.95 -56.46 2.87
C LYS B 64 17.68 -56.01 3.60
N LEU B 65 17.42 -54.70 3.61
CA LEU B 65 16.18 -54.18 4.20
C LEU B 65 14.94 -54.65 3.46
N PHE B 66 15.05 -54.96 2.17
CA PHE B 66 13.90 -55.38 1.41
C PHE B 66 13.50 -56.81 1.75
N LYS B 67 14.49 -57.69 1.97
CA LYS B 67 14.16 -59.06 2.33
C LYS B 67 13.59 -59.13 3.75
N LEU B 68 14.02 -58.22 4.63
CA LEU B 68 13.32 -58.07 5.90
C LEU B 68 11.86 -57.72 5.68
N ALA B 69 11.58 -56.76 4.79
CA ALA B 69 10.21 -56.37 4.48
C ALA B 69 9.39 -57.54 3.95
N GLU B 70 9.98 -58.37 3.07
CA GLU B 70 9.29 -59.58 2.64
C GLU B 70 9.08 -60.54 3.80
N ALA B 71 10.11 -60.76 4.62
CA ALA B 71 9.97 -61.70 5.73
C ALA B 71 8.91 -61.24 6.71
N ALA B 72 8.70 -59.93 6.82
CA ALA B 72 7.67 -59.38 7.69
C ALA B 72 6.33 -59.23 6.98
N LYS B 73 6.24 -59.63 5.72
CA LYS B 73 4.99 -59.59 4.96
C LYS B 73 4.45 -58.16 4.85
N LEU B 74 5.33 -57.22 4.51
CA LEU B 74 4.93 -55.81 4.47
C LEU B 74 3.91 -55.54 3.38
N LYS B 75 4.11 -56.10 2.18
CA LYS B 75 3.16 -55.86 1.09
C LYS B 75 1.76 -56.35 1.47
N GLU B 76 1.66 -57.57 2.01
CA GLU B 76 0.36 -58.10 2.39
C GLU B 76 -0.31 -57.24 3.45
N LYS B 77 0.45 -56.80 4.45
CA LYS B 77 -0.12 -55.96 5.49
C LYS B 77 -0.66 -54.65 4.93
N ILE B 78 -0.02 -54.14 3.87
CA ILE B 78 -0.47 -52.88 3.27
C ILE B 78 -1.78 -53.08 2.51
N ASP B 79 -1.85 -54.13 1.70
CA ASP B 79 -3.09 -54.43 0.99
C ASP B 79 -4.22 -54.70 1.98
N LYS B 80 -3.92 -55.44 3.06
CA LYS B 80 -4.97 -55.75 4.03
C LYS B 80 -5.56 -54.48 4.63
N MET B 81 -4.70 -53.50 4.95
CA MET B 81 -5.18 -52.19 5.36
C MET B 81 -6.11 -51.60 4.30
N PHE B 82 -5.62 -51.51 3.06
CA PHE B 82 -6.39 -50.90 1.99
C PHE B 82 -7.68 -51.66 1.71
N LYS B 83 -7.68 -52.97 1.95
CA LYS B 83 -8.88 -53.75 1.73
C LYS B 83 -9.89 -53.63 2.88
N GLY B 84 -9.61 -52.80 3.89
CA GLY B 84 -10.54 -52.61 4.98
C GLY B 84 -10.65 -53.76 5.94
N GLU B 85 -9.70 -54.68 5.93
CA GLU B 85 -9.66 -55.72 6.93
C GLU B 85 -9.37 -55.14 8.30
N LYS B 86 -9.85 -55.82 9.34
CA LYS B 86 -9.71 -55.30 10.70
C LYS B 86 -8.33 -55.66 11.25
N ILE B 87 -7.32 -54.92 10.74
CA ILE B 87 -5.94 -55.16 11.16
C ILE B 87 -5.63 -54.55 12.51
N ASN B 88 -6.40 -53.54 12.95
CA ASN B 88 -6.31 -53.06 14.32
C ASN B 88 -7.01 -54.11 15.18
N THR B 89 -6.25 -55.17 15.53
CA THR B 89 -6.85 -56.36 16.13
C THR B 89 -7.24 -56.15 17.59
N THR B 90 -6.51 -55.32 18.34
CA THR B 90 -6.84 -55.16 19.76
C THR B 90 -8.11 -54.35 19.98
N GLU B 91 -8.52 -53.53 19.01
CA GLU B 91 -9.82 -52.89 19.08
C GLU B 91 -10.82 -53.51 18.11
N ASN B 92 -10.38 -54.50 17.31
CA ASN B 92 -11.19 -55.13 16.27
C ASN B 92 -11.81 -54.08 15.34
N ARG B 93 -10.95 -53.30 14.69
CA ARG B 93 -11.40 -52.22 13.83
C ARG B 93 -10.69 -52.28 12.49
N SER B 94 -11.41 -51.88 11.44
CA SER B 94 -10.75 -51.56 10.18
C SER B 94 -9.85 -50.33 10.38
N VAL B 95 -8.90 -50.16 9.46
CA VAL B 95 -7.95 -49.03 9.48
C VAL B 95 -8.02 -48.38 8.09
N LEU B 96 -8.88 -47.37 7.94
CA LEU B 96 -9.18 -46.84 6.61
C LEU B 96 -9.20 -45.31 6.58
N HIS B 97 -8.09 -44.68 6.99
CA HIS B 97 -7.98 -43.27 6.67
C HIS B 97 -7.92 -43.05 5.16
N VAL B 98 -7.36 -43.99 4.41
CA VAL B 98 -7.26 -43.83 2.95
C VAL B 98 -8.64 -43.70 2.33
N ALA B 99 -9.66 -44.35 2.91
CA ALA B 99 -10.99 -44.25 2.35
C ALA B 99 -11.58 -42.86 2.49
N LEU B 100 -11.03 -42.02 3.36
CA LEU B 100 -11.52 -40.66 3.50
C LEU B 100 -11.21 -39.81 2.28
N ARG B 101 -10.16 -40.16 1.53
CA ARG B 101 -9.78 -39.40 0.35
C ARG B 101 -9.87 -40.24 -0.93
N ALA B 102 -10.56 -41.36 -0.86
CA ALA B 102 -10.69 -42.22 -2.03
C ALA B 102 -11.69 -41.62 -3.01
N PRO B 103 -11.60 -41.96 -4.29
CA PRO B 103 -12.47 -41.33 -5.29
C PRO B 103 -13.90 -41.84 -5.16
N ARG B 104 -14.83 -41.00 -5.63
CA ARG B 104 -16.25 -41.28 -5.42
C ARG B 104 -16.68 -42.66 -5.92
N ASP B 105 -15.92 -43.26 -6.84
CA ASP B 105 -16.30 -44.53 -7.46
C ASP B 105 -15.71 -45.75 -6.76
N ALA B 106 -14.85 -45.55 -5.77
CA ALA B 106 -14.10 -46.66 -5.20
C ALA B 106 -14.99 -47.53 -4.32
N VAL B 107 -14.57 -48.80 -4.16
CA VAL B 107 -15.28 -49.78 -3.35
C VAL B 107 -14.31 -50.29 -2.28
N ILE B 108 -14.56 -49.88 -1.03
CA ILE B 108 -13.72 -50.24 0.12
C ILE B 108 -14.66 -50.72 1.23
N ASN B 109 -14.66 -52.01 1.48
CA ASN B 109 -15.63 -52.58 2.39
C ASN B 109 -15.07 -52.66 3.81
N SER B 110 -15.88 -52.23 4.77
CA SER B 110 -15.68 -52.52 6.18
C SER B 110 -16.98 -53.12 6.73
N ASP B 111 -16.85 -54.19 7.51
CA ASP B 111 -18.03 -54.85 8.10
C ASP B 111 -19.07 -55.17 7.03
N GLY B 112 -18.60 -55.52 5.83
CA GLY B 112 -19.48 -55.97 4.78
C GLY B 112 -20.11 -54.87 3.94
N VAL B 113 -19.91 -53.61 4.27
CA VAL B 113 -20.51 -52.51 3.52
C VAL B 113 -19.40 -51.65 2.93
N ASN B 114 -19.67 -51.10 1.75
CA ASN B 114 -18.74 -50.16 1.15
C ASN B 114 -18.84 -48.82 1.86
N VAL B 115 -17.72 -48.32 2.40
CA VAL B 115 -17.76 -47.14 3.25
C VAL B 115 -17.59 -45.85 2.48
N VAL B 116 -17.19 -45.90 1.21
CA VAL B 116 -16.96 -44.68 0.45
C VAL B 116 -18.21 -43.84 0.28
N PRO B 117 -19.36 -44.39 -0.16
CA PRO B 117 -20.54 -43.54 -0.39
C PRO B 117 -20.91 -42.73 0.83
N GLU B 118 -20.71 -43.27 2.02
CA GLU B 118 -20.96 -42.50 3.23
C GLU B 118 -19.82 -41.52 3.51
N VAL B 119 -18.59 -41.84 3.14
CA VAL B 119 -17.50 -40.86 3.23
C VAL B 119 -17.85 -39.64 2.39
N TRP B 120 -18.28 -39.87 1.15
CA TRP B 120 -18.67 -38.75 0.29
C TRP B 120 -19.98 -38.11 0.76
N ALA B 121 -20.82 -38.86 1.49
CA ALA B 121 -22.01 -38.25 2.05
C ALA B 121 -21.66 -37.08 2.95
N VAL B 122 -20.61 -37.23 3.76
CA VAL B 122 -20.22 -36.15 4.64
C VAL B 122 -19.57 -35.01 3.85
N LYS B 123 -18.68 -35.35 2.92
CA LYS B 123 -17.98 -34.34 2.14
C LYS B 123 -18.95 -33.38 1.48
N ASP B 124 -19.96 -33.92 0.81
CA ASP B 124 -20.93 -33.06 0.14
C ASP B 124 -21.75 -32.26 1.15
N LYS B 125 -22.12 -32.88 2.28
CA LYS B 125 -22.82 -32.13 3.32
C LYS B 125 -21.96 -30.99 3.86
N ILE B 126 -20.66 -31.23 4.03
CA ILE B 126 -19.75 -30.16 4.42
C ILE B 126 -19.68 -29.09 3.34
N LYS B 127 -19.64 -29.51 2.08
CA LYS B 127 -19.55 -28.56 0.96
C LYS B 127 -20.76 -27.62 0.97
N GLN B 128 -21.97 -28.20 0.99
CA GLN B 128 -23.19 -27.40 1.06
C GLN B 128 -23.17 -26.44 2.25
N PHE B 129 -22.87 -26.97 3.45
CA PHE B 129 -22.78 -26.11 4.61
C PHE B 129 -21.70 -25.04 4.42
N SER B 130 -20.53 -25.43 3.89
CA SER B 130 -19.45 -24.46 3.70
C SER B 130 -19.88 -23.32 2.80
N GLU B 131 -20.62 -23.62 1.72
CA GLU B 131 -21.07 -22.55 0.84
C GLU B 131 -22.13 -21.70 1.51
N THR B 132 -23.07 -22.33 2.21
CA THR B 132 -24.06 -21.59 2.98
C THR B 132 -23.39 -20.75 4.07
N PHE B 133 -22.34 -21.28 4.67
CA PHE B 133 -21.62 -20.53 5.71
C PHE B 133 -20.87 -19.35 5.11
N ARG B 134 -19.96 -19.64 4.18
CA ARG B 134 -19.06 -18.58 3.65
C ARG B 134 -19.82 -17.47 2.92
N SER B 135 -21.01 -17.78 2.42
CA SER B 135 -21.77 -16.79 1.65
C SER B 135 -22.65 -15.90 2.52
N GLY B 136 -22.54 -16.00 3.84
CA GLY B 136 -23.28 -15.14 4.74
C GLY B 136 -24.73 -15.52 4.97
N SER B 137 -25.26 -16.53 4.26
CA SER B 137 -26.64 -16.92 4.52
C SER B 137 -26.80 -17.69 5.83
N TRP B 138 -25.72 -18.08 6.49
CA TRP B 138 -25.77 -18.68 7.82
C TRP B 138 -25.48 -17.55 8.82
N VAL B 139 -26.50 -17.15 9.55
CA VAL B 139 -26.44 -15.91 10.32
C VAL B 139 -26.47 -16.21 11.81
N GLY B 140 -26.09 -15.22 12.59
CA GLY B 140 -26.04 -15.33 14.03
C GLY B 140 -27.39 -15.06 14.67
N ALA B 141 -27.35 -14.80 15.98
CA ALA B 141 -28.56 -14.47 16.72
C ALA B 141 -28.89 -12.98 16.61
N THR B 142 -27.89 -12.12 16.67
CA THR B 142 -28.09 -10.72 16.30
C THR B 142 -28.07 -10.51 14.78
N GLY B 143 -28.23 -11.59 14.00
CA GLY B 143 -28.37 -11.52 12.56
C GLY B 143 -27.09 -11.38 11.77
N LYS B 144 -25.96 -11.11 12.42
CA LYS B 144 -24.73 -10.94 11.67
C LYS B 144 -24.26 -12.28 11.09
N PRO B 145 -23.52 -12.25 9.99
CA PRO B 145 -22.94 -13.49 9.46
C PRO B 145 -21.66 -13.84 10.21
N LEU B 146 -21.45 -15.13 10.42
CA LEU B 146 -20.29 -15.60 11.18
C LEU B 146 -19.04 -15.59 10.31
N THR B 147 -17.94 -15.08 10.85
CA THR B 147 -16.67 -15.05 10.15
C THR B 147 -15.53 -15.70 10.93
N ASN B 148 -15.77 -16.09 12.18
CA ASN B 148 -14.73 -16.61 13.05
C ASN B 148 -15.15 -17.98 13.56
N VAL B 149 -14.25 -18.95 13.43
CA VAL B 149 -14.53 -20.34 13.77
C VAL B 149 -13.56 -20.76 14.87
N VAL B 150 -14.09 -21.32 15.95
CA VAL B 150 -13.31 -21.98 16.99
C VAL B 150 -13.57 -23.48 16.87
N SER B 151 -12.53 -24.23 16.53
CA SER B 151 -12.59 -25.69 16.56
C SER B 151 -12.12 -26.17 17.93
N VAL B 152 -13.00 -26.89 18.64
CA VAL B 152 -12.67 -27.39 19.96
C VAL B 152 -12.38 -28.88 19.85
N GLY B 153 -11.19 -29.28 20.26
CA GLY B 153 -10.79 -30.66 20.15
C GLY B 153 -9.35 -30.79 20.59
N ILE B 154 -8.91 -32.03 20.77
CA ILE B 154 -7.58 -32.30 21.29
C ILE B 154 -7.00 -33.48 20.53
N GLY B 155 -5.69 -33.66 20.66
CA GLY B 155 -5.07 -34.84 20.06
C GLY B 155 -5.25 -34.81 18.56
N GLY B 156 -5.55 -35.98 18.00
CA GLY B 156 -5.83 -36.09 16.57
C GLY B 156 -7.03 -35.28 16.11
N SER B 157 -7.82 -34.73 17.02
CA SER B 157 -8.86 -33.77 16.70
C SER B 157 -8.34 -32.34 16.59
N PHE B 158 -7.03 -32.14 16.73
CA PHE B 158 -6.43 -30.81 16.86
C PHE B 158 -5.15 -30.69 16.01
N LEU B 159 -4.15 -31.51 16.30
CA LEU B 159 -2.81 -31.31 15.75
C LEU B 159 -2.79 -31.45 14.22
N GLY B 160 -3.58 -32.38 13.69
CA GLY B 160 -3.63 -32.57 12.26
C GLY B 160 -4.21 -31.36 11.55
N PRO B 161 -5.41 -30.94 11.96
CA PRO B 161 -5.97 -29.71 11.39
C PRO B 161 -5.11 -28.48 11.59
N LEU B 162 -4.52 -28.30 12.78
CA LEU B 162 -3.65 -27.15 12.99
C LEU B 162 -2.52 -27.14 11.97
N PHE B 163 -1.91 -28.30 11.75
CA PHE B 163 -0.82 -28.42 10.79
C PHE B 163 -1.23 -27.93 9.41
N VAL B 164 -2.37 -28.40 8.91
CA VAL B 164 -2.76 -28.04 7.55
C VAL B 164 -3.16 -26.56 7.48
N HIS B 165 -3.79 -26.04 8.52
CA HIS B 165 -4.17 -24.63 8.57
C HIS B 165 -2.94 -23.73 8.58
N THR B 166 -1.88 -24.15 9.27
CA THR B 166 -0.66 -23.34 9.31
C THR B 166 0.08 -23.43 8.01
N ALA B 167 -0.08 -24.54 7.28
CA ALA B 167 0.57 -24.67 5.98
C ALA B 167 -0.18 -23.93 4.89
N LEU B 168 -1.50 -23.83 4.98
CA LEU B 168 -2.28 -23.12 3.99
C LEU B 168 -2.33 -21.62 4.26
N GLN B 169 -2.01 -21.19 5.48
CA GLN B 169 -2.14 -19.79 5.85
C GLN B 169 -1.44 -18.85 4.88
N THR B 170 -0.26 -19.22 4.42
CA THR B 170 0.55 -18.31 3.61
C THR B 170 0.69 -18.76 2.16
N ASP B 171 -0.13 -19.71 1.71
CA ASP B 171 -0.19 -20.08 0.30
C ASP B 171 -1.12 -19.10 -0.41
N PRO B 172 -0.68 -18.47 -1.51
CA PRO B 172 -1.45 -17.35 -2.07
C PRO B 172 -2.90 -17.72 -2.40
N GLU B 173 -3.12 -18.84 -3.08
CA GLU B 173 -4.48 -19.20 -3.46
C GLU B 173 -5.37 -19.34 -2.22
N ALA B 174 -4.96 -20.17 -1.26
CA ALA B 174 -5.76 -20.42 -0.07
C ALA B 174 -5.94 -19.15 0.75
N ALA B 175 -4.83 -18.45 1.03
CA ALA B 175 -4.88 -17.17 1.74
C ALA B 175 -5.94 -16.24 1.18
N GLU B 176 -6.04 -16.16 -0.16
CA GLU B 176 -7.08 -15.36 -0.78
C GLU B 176 -8.46 -15.88 -0.38
N SER B 177 -8.69 -17.18 -0.51
CA SER B 177 -10.01 -17.72 -0.20
C SER B 177 -10.37 -17.54 1.27
N ALA B 178 -9.39 -17.28 2.14
CA ALA B 178 -9.65 -17.19 3.58
C ALA B 178 -9.56 -15.75 4.07
N LYS B 179 -9.81 -14.81 3.16
CA LYS B 179 -9.67 -13.39 3.44
C LYS B 179 -10.66 -12.96 4.51
N GLY B 180 -10.17 -12.27 5.53
CA GLY B 180 -11.00 -11.74 6.61
C GLY B 180 -11.58 -12.76 7.56
N ARG B 181 -11.22 -14.04 7.43
CA ARG B 181 -11.74 -15.12 8.26
C ARG B 181 -10.65 -15.62 9.21
N GLN B 182 -11.05 -16.01 10.42
CA GLN B 182 -10.13 -16.59 11.39
C GLN B 182 -10.49 -18.06 11.63
N LEU B 183 -9.46 -18.86 11.89
CA LEU B 183 -9.64 -20.23 12.38
C LEU B 183 -8.73 -20.46 13.56
N ARG B 184 -9.32 -20.52 14.76
CA ARG B 184 -8.63 -20.73 16.02
C ARG B 184 -8.92 -22.13 16.57
N PHE B 185 -8.00 -22.64 17.39
CA PHE B 185 -8.12 -23.98 17.95
C PHE B 185 -8.08 -23.89 19.48
N LEU B 186 -9.18 -24.27 20.10
CA LEU B 186 -9.24 -24.48 21.55
C LEU B 186 -8.94 -25.94 21.82
N ALA B 187 -7.77 -26.22 22.39
CA ALA B 187 -7.37 -27.59 22.69
C ALA B 187 -7.23 -27.82 24.19
N ASN B 188 -6.33 -27.09 24.84
CA ASN B 188 -6.03 -27.33 26.23
C ASN B 188 -7.27 -27.12 27.11
N VAL B 189 -7.31 -27.86 28.22
CA VAL B 189 -8.32 -27.59 29.24
C VAL B 189 -7.91 -26.44 30.14
N ASP B 190 -6.60 -26.16 30.22
CA ASP B 190 -6.10 -24.98 30.92
C ASP B 190 -6.98 -23.81 30.53
N PRO B 191 -7.67 -23.20 31.49
CA PRO B 191 -8.59 -22.11 31.13
C PRO B 191 -7.89 -20.94 30.45
N VAL B 192 -6.57 -20.83 30.55
CA VAL B 192 -5.84 -19.83 29.79
C VAL B 192 -6.09 -20.01 28.29
N ASP B 193 -5.99 -21.24 27.79
CA ASP B 193 -6.29 -21.51 26.38
C ASP B 193 -7.69 -21.04 26.01
N VAL B 194 -8.66 -21.21 26.92
CA VAL B 194 -10.03 -20.74 26.70
C VAL B 194 -10.05 -19.23 26.52
N ALA B 195 -9.40 -18.50 27.45
CA ALA B 195 -9.26 -17.06 27.27
C ALA B 195 -8.65 -16.71 25.91
N ARG B 196 -7.59 -17.41 25.52
CA ARG B 196 -6.92 -17.15 24.24
C ARG B 196 -7.90 -17.24 23.08
N SER B 197 -8.58 -18.38 22.97
CA SER B 197 -9.37 -18.62 21.78
C SER B 197 -10.56 -17.67 21.64
N ILE B 198 -11.01 -17.03 22.71
CA ILE B 198 -12.12 -16.09 22.61
C ILE B 198 -11.66 -14.63 22.61
N LYS B 199 -10.36 -14.37 22.72
CA LYS B 199 -9.90 -12.98 22.79
C LYS B 199 -10.19 -12.27 21.48
N ASP B 200 -10.59 -10.99 21.60
CA ASP B 200 -10.93 -10.16 20.44
C ASP B 200 -11.97 -10.85 19.57
N LEU B 201 -12.88 -11.59 20.17
CA LEU B 201 -13.90 -12.27 19.40
C LEU B 201 -15.28 -11.77 19.76
N ASP B 202 -16.22 -12.02 18.86
CA ASP B 202 -17.62 -11.65 19.05
C ASP B 202 -18.45 -12.91 19.06
N PRO B 203 -19.18 -13.20 20.13
CA PRO B 203 -20.10 -14.35 20.09
C PRO B 203 -21.08 -14.27 18.94
N ALA B 204 -21.51 -13.06 18.57
CA ALA B 204 -22.50 -12.92 17.51
C ALA B 204 -21.94 -13.31 16.14
N THR B 205 -20.62 -13.22 15.97
CA THR B 205 -19.98 -13.47 14.70
C THR B 205 -19.10 -14.72 14.70
N THR B 206 -19.17 -15.51 15.76
CA THR B 206 -18.28 -16.66 15.91
C THR B 206 -19.07 -17.95 15.80
N LEU B 207 -18.57 -18.87 14.98
CA LEU B 207 -19.08 -20.23 14.93
C LEU B 207 -18.18 -21.14 15.75
N VAL B 208 -18.77 -22.11 16.44
CA VAL B 208 -18.03 -23.07 17.25
C VAL B 208 -18.27 -24.46 16.68
N VAL B 209 -17.18 -25.19 16.47
CA VAL B 209 -17.24 -26.57 16.03
C VAL B 209 -16.57 -27.41 17.09
N VAL B 210 -17.26 -28.46 17.54
CA VAL B 210 -16.76 -29.34 18.59
C VAL B 210 -16.35 -30.65 17.93
N VAL B 211 -15.08 -31.00 18.05
CA VAL B 211 -14.52 -32.17 17.38
C VAL B 211 -14.06 -33.16 18.43
N SER B 212 -14.69 -34.32 18.49
CA SER B 212 -14.20 -35.40 19.33
C SER B 212 -14.74 -36.69 18.78
N LYS B 213 -13.84 -37.64 18.51
CA LYS B 213 -14.30 -38.92 18.01
C LYS B 213 -15.32 -39.56 18.96
N THR B 214 -15.30 -39.15 20.23
CA THR B 214 -16.11 -39.76 21.28
C THR B 214 -17.20 -38.87 21.85
N PHE B 215 -17.02 -37.56 21.80
CA PHE B 215 -17.89 -36.60 22.50
C PHE B 215 -17.95 -36.87 24.01
N THR B 216 -16.97 -37.58 24.57
CA THR B 216 -16.85 -37.79 26.01
C THR B 216 -15.51 -37.36 26.57
N THR B 217 -14.50 -37.19 25.73
CA THR B 217 -13.19 -36.70 26.14
C THR B 217 -13.31 -35.54 27.12
N ALA B 218 -12.62 -35.66 28.24
CA ALA B 218 -12.88 -34.76 29.37
C ALA B 218 -12.52 -33.32 29.04
N GLU B 219 -11.32 -33.08 28.47
CA GLU B 219 -10.91 -31.71 28.22
C GLU B 219 -11.77 -31.06 27.15
N THR B 220 -12.10 -31.79 26.08
CA THR B 220 -12.90 -31.21 24.99
C THR B 220 -14.31 -30.88 25.45
N MET B 221 -14.95 -31.79 26.20
CA MET B 221 -16.34 -31.55 26.59
C MET B 221 -16.45 -30.42 27.60
N LEU B 222 -15.45 -30.24 28.48
CA LEU B 222 -15.50 -29.08 29.37
C LEU B 222 -15.26 -27.79 28.60
N ASN B 223 -14.35 -27.82 27.62
CA ASN B 223 -14.21 -26.69 26.71
C ASN B 223 -15.51 -26.44 25.96
N ALA B 224 -16.13 -27.52 25.46
CA ALA B 224 -17.39 -27.43 24.76
C ALA B 224 -18.46 -26.78 25.62
N ARG B 225 -18.52 -27.16 26.89
CA ARG B 225 -19.51 -26.55 27.78
C ARG B 225 -19.11 -25.14 28.18
N THR B 226 -17.81 -24.86 28.29
CA THR B 226 -17.37 -23.52 28.64
C THR B 226 -17.68 -22.52 27.53
N ILE B 227 -17.30 -22.85 26.29
CA ILE B 227 -17.55 -21.90 25.20
C ILE B 227 -19.05 -21.78 24.93
N LYS B 228 -19.81 -22.85 25.16
CA LYS B 228 -21.25 -22.79 25.02
C LYS B 228 -21.88 -21.79 25.98
N GLU B 229 -21.31 -21.65 27.19
CA GLU B 229 -21.86 -20.68 28.13
C GLU B 229 -21.47 -19.26 27.75
N TRP B 230 -20.24 -19.08 27.26
CA TRP B 230 -19.84 -17.80 26.71
C TRP B 230 -20.84 -17.31 25.67
N ILE B 231 -21.40 -18.24 24.90
CA ILE B 231 -22.39 -17.87 23.90
C ILE B 231 -23.71 -17.51 24.55
N VAL B 232 -24.13 -18.25 25.57
CA VAL B 232 -25.41 -17.97 26.20
C VAL B 232 -25.33 -16.72 27.08
N SER B 233 -24.17 -16.48 27.70
CA SER B 233 -23.99 -15.25 28.47
C SER B 233 -24.25 -14.03 27.62
N SER B 234 -23.91 -14.08 26.33
CA SER B 234 -23.93 -12.92 25.45
C SER B 234 -25.05 -12.92 24.42
N LEU B 235 -25.66 -14.08 24.14
CA LEU B 235 -26.62 -14.20 23.05
C LEU B 235 -27.90 -14.93 23.43
N GLY B 236 -27.94 -15.67 24.53
CA GLY B 236 -29.17 -16.27 24.97
C GLY B 236 -29.23 -17.76 24.72
N PRO B 237 -30.10 -18.45 25.47
CA PRO B 237 -30.13 -19.92 25.45
C PRO B 237 -30.42 -20.52 24.09
N GLN B 238 -31.10 -19.79 23.21
CA GLN B 238 -31.43 -20.34 21.91
C GLN B 238 -30.33 -20.14 20.89
N ALA B 239 -29.42 -19.19 21.11
CA ALA B 239 -28.31 -18.98 20.20
C ALA B 239 -27.51 -20.25 19.94
N VAL B 240 -27.59 -21.22 20.86
CA VAL B 240 -26.74 -22.41 20.76
C VAL B 240 -26.87 -23.09 19.40
N SER B 241 -28.10 -23.22 18.91
CA SER B 241 -28.33 -23.95 17.65
C SER B 241 -27.66 -23.26 16.46
N LYS B 242 -27.68 -21.93 16.41
CA LYS B 242 -27.07 -21.27 15.27
C LYS B 242 -25.59 -20.97 15.47
N HIS B 243 -25.02 -21.22 16.65
CA HIS B 243 -23.63 -20.85 16.89
C HIS B 243 -22.71 -22.03 17.19
N MET B 244 -23.22 -23.27 17.25
CA MET B 244 -22.37 -24.42 17.52
C MET B 244 -22.75 -25.58 16.60
N ILE B 245 -21.74 -26.29 16.10
CA ILE B 245 -21.89 -27.54 15.37
C ILE B 245 -20.82 -28.53 15.85
N ALA B 246 -20.84 -29.75 15.32
CA ALA B 246 -20.00 -30.78 15.93
C ALA B 246 -19.59 -31.84 14.91
N VAL B 247 -18.44 -32.46 15.17
CA VAL B 247 -17.91 -33.57 14.39
C VAL B 247 -17.58 -34.68 15.38
N SER B 248 -18.14 -35.87 15.14
CA SER B 248 -17.96 -36.97 16.08
C SER B 248 -18.40 -38.26 15.42
N THR B 249 -18.01 -39.38 16.03
CA THR B 249 -18.50 -40.69 15.63
C THR B 249 -19.87 -40.98 16.23
N ASN B 250 -20.15 -40.39 17.38
CA ASN B 250 -21.34 -40.71 18.17
C ASN B 250 -22.28 -39.51 18.17
N LEU B 251 -23.29 -39.56 17.31
CA LEU B 251 -24.20 -38.40 17.16
C LEU B 251 -25.29 -38.43 18.22
N LYS B 252 -25.52 -39.58 18.85
CA LYS B 252 -26.50 -39.62 19.98
C LYS B 252 -25.99 -38.68 21.07
N LEU B 253 -24.67 -38.68 21.32
CA LEU B 253 -24.11 -37.80 22.34
C LEU B 253 -24.12 -36.33 21.89
N VAL B 254 -24.07 -36.08 20.58
CA VAL B 254 -24.13 -34.70 20.11
C VAL B 254 -25.52 -34.12 20.33
N LYS B 255 -26.56 -34.91 20.05
CA LYS B 255 -27.93 -34.46 20.29
C LYS B 255 -28.11 -34.02 21.73
N GLU B 256 -27.62 -34.84 22.68
CA GLU B 256 -27.78 -34.57 24.10
C GLU B 256 -26.95 -33.39 24.57
N PHE B 257 -25.92 -32.99 23.82
CA PHE B 257 -25.16 -31.80 24.19
C PHE B 257 -25.93 -30.52 23.85
N GLY B 258 -26.98 -30.62 23.04
CA GLY B 258 -27.75 -29.45 22.66
C GLY B 258 -27.46 -28.93 21.28
N ILE B 259 -26.89 -29.76 20.40
CA ILE B 259 -26.57 -29.39 19.04
C ILE B 259 -27.55 -30.09 18.11
N ASP B 260 -28.15 -29.34 17.21
CA ASP B 260 -29.12 -29.88 16.28
C ASP B 260 -28.51 -31.08 15.56
N PRO B 261 -29.25 -32.20 15.43
CA PRO B 261 -28.67 -33.40 14.81
C PRO B 261 -28.34 -33.24 13.33
N ASN B 262 -28.90 -32.25 12.64
CA ASN B 262 -28.49 -31.96 11.27
C ASN B 262 -27.29 -31.02 11.18
N ASN B 263 -26.82 -30.49 12.31
CA ASN B 263 -25.57 -29.76 12.37
C ASN B 263 -24.43 -30.63 12.93
N ALA B 264 -24.53 -31.95 12.73
CA ALA B 264 -23.53 -32.90 13.17
C ALA B 264 -22.94 -33.61 11.97
N PHE B 265 -21.60 -33.65 11.88
CA PHE B 265 -20.90 -34.19 10.73
C PHE B 265 -20.07 -35.38 11.17
N ALA B 266 -20.38 -36.55 10.62
CA ALA B 266 -19.93 -37.79 11.22
C ALA B 266 -18.62 -38.28 10.62
N PHE B 267 -17.81 -38.93 11.46
CA PHE B 267 -16.80 -39.84 10.95
C PHE B 267 -16.87 -41.16 11.70
N TRP B 268 -15.92 -42.06 11.45
CA TRP B 268 -16.10 -43.46 11.78
C TRP B 268 -14.98 -43.94 12.69
N ASP B 269 -15.23 -45.07 13.36
CA ASP B 269 -14.27 -45.61 14.29
C ASP B 269 -13.07 -46.24 13.60
N TRP B 270 -13.15 -46.51 12.29
CA TRP B 270 -12.01 -46.94 11.49
C TRP B 270 -11.16 -45.76 11.03
N VAL B 271 -11.45 -44.56 11.54
CA VAL B 271 -10.66 -43.35 11.34
C VAL B 271 -9.88 -43.13 12.63
N GLY B 272 -8.61 -43.51 12.65
CA GLY B 272 -7.77 -43.19 13.78
C GLY B 272 -7.75 -41.70 14.04
N GLY B 273 -7.71 -41.31 15.33
CA GLY B 273 -7.59 -39.91 15.70
C GLY B 273 -6.45 -39.19 14.99
N ARG B 274 -5.23 -39.68 15.19
CA ARG B 274 -4.06 -39.15 14.55
C ARG B 274 -4.05 -39.42 13.04
N TYR B 275 -5.11 -40.02 12.48
CA TYR B 275 -5.25 -40.14 11.03
C TYR B 275 -6.57 -39.54 10.53
N SER B 276 -7.10 -38.55 11.22
CA SER B 276 -8.48 -38.10 11.01
C SER B 276 -8.62 -36.76 10.29
N VAL B 277 -7.51 -36.08 9.95
CA VAL B 277 -7.61 -34.75 9.36
C VAL B 277 -8.31 -34.80 8.01
N CYS B 278 -8.15 -35.88 7.26
CA CYS B 278 -8.87 -35.99 5.99
C CYS B 278 -10.35 -36.27 6.16
N SER B 279 -10.81 -36.63 7.37
CA SER B 279 -12.23 -36.83 7.64
C SER B 279 -12.86 -35.49 7.97
N ALA B 280 -14.14 -35.50 8.37
CA ALA B 280 -14.80 -34.26 8.74
C ALA B 280 -14.05 -33.49 9.82
N VAL B 281 -13.17 -34.17 10.57
CA VAL B 281 -12.36 -33.53 11.60
C VAL B 281 -11.66 -32.28 11.04
N GLY B 282 -10.99 -32.42 9.89
CA GLY B 282 -10.27 -31.32 9.29
C GLY B 282 -10.98 -30.66 8.11
N VAL B 283 -11.70 -31.48 7.34
CA VAL B 283 -12.36 -30.98 6.13
C VAL B 283 -13.42 -29.93 6.48
N LEU B 284 -14.27 -30.23 7.47
CA LEU B 284 -15.25 -29.22 7.88
C LEU B 284 -14.59 -27.89 8.24
N PRO B 285 -13.72 -27.79 9.27
CA PRO B 285 -13.21 -26.45 9.63
C PRO B 285 -12.34 -25.83 8.54
N LEU B 286 -11.53 -26.62 7.85
CA LEU B 286 -10.72 -26.06 6.78
C LEU B 286 -11.60 -25.56 5.64
N SER B 287 -12.72 -26.24 5.39
CA SER B 287 -13.63 -25.80 4.34
C SER B 287 -14.30 -24.49 4.69
N LEU B 288 -14.57 -24.23 5.98
CA LEU B 288 -15.13 -22.94 6.33
C LEU B 288 -14.11 -21.82 6.15
N GLN B 289 -12.84 -22.10 6.39
CA GLN B 289 -11.81 -21.08 6.25
C GLN B 289 -11.42 -20.88 4.78
N TYR B 290 -11.11 -21.97 4.07
CA TYR B 290 -10.53 -21.92 2.73
C TYR B 290 -11.48 -22.39 1.64
N GLY B 291 -12.71 -22.77 1.96
CA GLY B 291 -13.62 -23.26 0.95
C GLY B 291 -13.33 -24.69 0.54
N PHE B 292 -14.38 -25.43 0.20
CA PHE B 292 -14.21 -26.84 -0.12
C PHE B 292 -13.36 -27.09 -1.37
N PRO B 293 -13.28 -26.19 -2.37
CA PRO B 293 -12.30 -26.37 -3.44
C PRO B 293 -10.86 -26.51 -2.96
N ILE B 294 -10.41 -25.63 -2.06
CA ILE B 294 -9.04 -25.75 -1.56
C ILE B 294 -8.85 -27.07 -0.81
N VAL B 295 -9.84 -27.46 0.00
CA VAL B 295 -9.68 -28.65 0.82
C VAL B 295 -9.73 -29.90 -0.06
N GLN B 296 -10.59 -29.91 -1.08
CA GLN B 296 -10.64 -31.06 -1.95
C GLN B 296 -9.31 -31.28 -2.65
N LYS B 297 -8.54 -30.21 -2.88
CA LYS B 297 -7.22 -30.35 -3.48
C LYS B 297 -6.27 -31.07 -2.53
N PHE B 298 -6.27 -30.64 -1.26
CA PHE B 298 -5.55 -31.36 -0.21
C PHE B 298 -5.88 -32.85 -0.19
N LEU B 299 -7.16 -33.19 -0.32
CA LEU B 299 -7.53 -34.60 -0.32
C LEU B 299 -6.92 -35.32 -1.51
N GLU B 300 -7.01 -34.72 -2.70
CA GLU B 300 -6.49 -35.37 -3.89
C GLU B 300 -4.98 -35.58 -3.82
N GLY B 301 -4.27 -34.65 -3.19
CA GLY B 301 -2.86 -34.87 -2.91
C GLY B 301 -2.67 -36.11 -2.07
N ALA B 302 -3.35 -36.15 -0.92
CA ALA B 302 -3.28 -37.34 -0.07
C ALA B 302 -3.66 -38.59 -0.84
N SER B 303 -4.76 -38.51 -1.63
CA SER B 303 -5.18 -39.64 -2.43
C SER B 303 -4.10 -40.08 -3.43
N SER B 304 -3.29 -39.12 -3.89
CA SER B 304 -2.28 -39.49 -4.88
C SER B 304 -1.17 -40.33 -4.27
N ILE B 305 -0.82 -40.10 -3.01
CA ILE B 305 0.21 -40.92 -2.35
C ILE B 305 -0.36 -42.28 -1.93
N ASP B 306 -1.63 -42.30 -1.50
CA ASP B 306 -2.33 -43.57 -1.20
C ASP B 306 -2.18 -44.58 -2.34
N ASN B 307 -2.39 -44.12 -3.58
CA ASN B 307 -2.24 -44.98 -4.75
C ASN B 307 -0.77 -45.36 -4.95
N HIS B 308 0.12 -44.36 -4.83
CA HIS B 308 1.56 -44.61 -4.93
C HIS B 308 2.03 -45.64 -3.90
N PHE B 309 1.62 -45.45 -2.65
CA PHE B 309 2.02 -46.35 -1.57
C PHE B 309 1.46 -47.76 -1.76
N HIS B 310 0.24 -47.86 -2.28
CA HIS B 310 -0.41 -49.15 -2.47
C HIS B 310 0.18 -49.96 -3.63
N THR B 311 0.62 -49.29 -4.70
CA THR B 311 0.90 -49.97 -5.96
C THR B 311 2.35 -49.90 -6.41
N SER B 312 3.11 -48.90 -5.98
CA SER B 312 4.47 -48.73 -6.48
C SER B 312 5.41 -49.76 -5.86
N SER B 313 6.35 -50.24 -6.67
CA SER B 313 7.37 -51.17 -6.20
C SER B 313 8.18 -50.53 -5.07
N PHE B 314 8.93 -51.37 -4.35
CA PHE B 314 9.57 -50.88 -3.13
C PHE B 314 10.79 -50.02 -3.43
N GLU B 315 11.46 -50.22 -4.57
CA GLU B 315 12.60 -49.36 -4.87
C GLU B 315 12.15 -47.93 -5.20
N LYS B 316 10.92 -47.78 -5.68
CA LYS B 316 10.33 -46.48 -6.04
C LYS B 316 9.35 -45.95 -5.00
N ASN B 317 9.09 -46.71 -3.93
CA ASN B 317 8.00 -46.41 -3.00
C ASN B 317 8.53 -45.53 -1.88
N ILE B 318 8.07 -44.28 -1.85
CA ILE B 318 8.62 -43.31 -0.91
C ILE B 318 8.20 -43.67 0.52
N PRO B 319 6.90 -43.89 0.82
CA PRO B 319 6.58 -44.31 2.20
C PRO B 319 7.33 -45.57 2.64
N VAL B 320 7.50 -46.54 1.74
CA VAL B 320 8.19 -47.76 2.14
C VAL B 320 9.65 -47.46 2.44
N LEU B 321 10.32 -46.76 1.52
CA LEU B 321 11.73 -46.43 1.73
C LEU B 321 11.92 -45.67 3.05
N LEU B 322 11.10 -44.66 3.28
CA LEU B 322 11.21 -43.88 4.51
C LEU B 322 11.11 -44.76 5.75
N GLY B 323 10.08 -45.61 5.81
CA GLY B 323 9.85 -46.43 7.00
C GLY B 323 10.94 -47.46 7.24
N LEU B 324 11.44 -48.07 6.16
CA LEU B 324 12.55 -49.04 6.28
C LEU B 324 13.84 -48.36 6.73
N LEU B 325 14.14 -47.18 6.19
CA LEU B 325 15.33 -46.46 6.63
C LEU B 325 15.19 -46.00 8.07
N SER B 326 13.96 -45.70 8.50
CA SER B 326 13.74 -45.36 9.90
C SER B 326 13.96 -46.57 10.81
N VAL B 327 13.46 -47.74 10.42
CA VAL B 327 13.76 -48.94 11.19
C VAL B 327 15.26 -49.19 11.22
N TRP B 328 15.93 -49.03 10.06
CA TRP B 328 17.39 -49.16 9.99
C TRP B 328 18.07 -48.27 11.03
N ASN B 329 17.75 -46.97 11.04
CA ASN B 329 18.35 -46.06 12.00
C ASN B 329 18.01 -46.45 13.44
N VAL B 330 16.75 -46.82 13.70
CA VAL B 330 16.30 -47.07 15.08
C VAL B 330 16.84 -48.41 15.59
N SER B 331 16.49 -49.49 14.91
CA SER B 331 16.65 -50.85 15.43
C SER B 331 17.99 -51.47 15.09
N PHE B 332 18.75 -50.91 14.15
CA PHE B 332 20.05 -51.50 13.83
C PHE B 332 21.22 -50.58 14.05
N LEU B 333 21.06 -49.28 13.87
CA LEU B 333 22.10 -48.34 14.27
C LEU B 333 21.86 -47.76 15.66
N GLY B 334 20.67 -47.96 16.23
CA GLY B 334 20.45 -47.64 17.63
C GLY B 334 20.14 -46.19 17.94
N TYR B 335 19.64 -45.42 16.97
CA TYR B 335 19.36 -44.01 17.19
C TYR B 335 17.98 -43.86 17.80
N PRO B 336 17.86 -43.39 19.05
CA PRO B 336 16.55 -43.38 19.71
C PRO B 336 15.65 -42.22 19.31
N ALA B 337 16.18 -41.14 18.73
CA ALA B 337 15.39 -39.97 18.35
C ALA B 337 15.55 -39.69 16.85
N ARG B 338 14.64 -38.85 16.38
CA ARG B 338 14.55 -38.46 14.98
C ARG B 338 14.05 -37.03 14.91
N ALA B 339 14.67 -36.21 14.06
CA ALA B 339 14.37 -34.79 13.96
C ALA B 339 13.65 -34.47 12.66
N ILE B 340 12.51 -33.80 12.78
CA ILE B 340 11.72 -33.35 11.62
C ILE B 340 12.09 -31.91 11.41
N LEU B 341 12.88 -31.61 10.37
CA LEU B 341 13.46 -30.28 10.19
C LEU B 341 13.00 -29.72 8.84
N PRO B 342 11.78 -29.12 8.72
CA PRO B 342 11.35 -28.55 7.44
C PRO B 342 11.77 -27.08 7.25
N TYR B 343 12.38 -26.78 6.09
CA TYR B 343 12.81 -25.39 5.82
C TYR B 343 11.61 -24.56 5.34
N SER B 344 10.58 -24.47 6.18
CA SER B 344 9.38 -23.66 5.85
C SER B 344 8.72 -23.24 7.15
N GLN B 345 8.45 -21.96 7.34
CA GLN B 345 7.72 -21.57 8.56
C GLN B 345 6.27 -21.97 8.34
N ALA B 346 5.90 -22.22 7.09
CA ALA B 346 4.54 -22.69 6.88
C ALA B 346 4.32 -24.07 7.48
N LEU B 347 5.36 -24.91 7.46
CA LEU B 347 5.37 -26.23 8.06
C LEU B 347 5.76 -26.19 9.54
N GLU B 348 5.58 -25.05 10.18
CA GLU B 348 5.92 -24.91 11.59
C GLU B 348 5.20 -25.96 12.45
N LYS B 349 3.91 -26.16 12.24
CA LYS B 349 3.12 -27.12 13.00
C LYS B 349 3.19 -28.52 12.42
N LEU B 350 4.24 -28.85 11.67
CA LEU B 350 4.34 -30.19 11.14
C LEU B 350 4.93 -31.15 12.17
N ALA B 351 6.01 -30.73 12.84
CA ALA B 351 6.62 -31.60 13.83
C ALA B 351 5.65 -31.95 14.95
N PRO B 352 4.89 -31.03 15.53
CA PRO B 352 3.94 -31.46 16.59
C PRO B 352 2.97 -32.52 16.12
N HIS B 353 2.51 -32.46 14.86
CA HIS B 353 1.58 -33.48 14.39
C HIS B 353 2.26 -34.82 14.17
N ILE B 354 3.47 -34.80 13.59
CA ILE B 354 4.26 -36.02 13.42
C ILE B 354 4.58 -36.65 14.77
N GLN B 355 4.75 -35.82 15.80
CA GLN B 355 4.96 -36.31 17.16
C GLN B 355 3.84 -37.25 17.58
N GLN B 356 2.59 -36.80 17.48
CA GLN B 356 1.48 -37.69 17.80
C GLN B 356 1.47 -38.88 16.86
N LEU B 357 1.42 -38.61 15.55
CA LEU B 357 1.26 -39.67 14.55
C LEU B 357 2.26 -40.79 14.76
N SER B 358 3.50 -40.44 15.07
CA SER B 358 4.63 -41.35 15.19
C SER B 358 4.71 -42.02 16.56
N MET B 359 4.63 -41.24 17.64
CA MET B 359 4.90 -41.79 18.96
C MET B 359 3.66 -42.45 19.57
N GLU B 360 2.46 -41.97 19.25
CA GLU B 360 1.26 -42.65 19.71
C GLU B 360 1.01 -43.92 18.91
N SER B 361 1.48 -43.99 17.67
CA SER B 361 1.34 -45.21 16.88
C SER B 361 2.35 -46.27 17.30
N ASN B 362 3.60 -45.90 17.50
CA ASN B 362 4.65 -46.87 17.67
C ASN B 362 5.32 -46.84 19.05
N GLY B 363 4.85 -46.00 19.96
CA GLY B 363 5.29 -46.10 21.33
C GLY B 363 4.62 -47.28 22.02
N LYS B 364 5.03 -48.49 21.65
CA LYS B 364 4.42 -49.75 22.06
C LYS B 364 5.50 -50.69 22.57
N GLY B 365 5.15 -51.50 23.59
CA GLY B 365 6.10 -52.42 24.20
C GLY B 365 5.91 -53.89 23.84
N VAL B 366 4.79 -54.23 23.19
CA VAL B 366 4.49 -55.61 22.85
C VAL B 366 4.17 -55.71 21.36
N SER B 367 4.34 -56.93 20.83
CA SER B 367 3.93 -57.20 19.47
C SER B 367 2.41 -57.10 19.34
N ILE B 368 1.91 -57.18 18.11
CA ILE B 368 0.47 -57.10 17.92
C ILE B 368 -0.22 -58.33 18.51
N ASP B 369 0.51 -59.42 18.70
CA ASP B 369 -0.02 -60.63 19.31
C ASP B 369 0.17 -60.66 20.83
N GLY B 370 0.75 -59.61 21.41
CA GLY B 370 0.90 -59.57 22.86
C GLY B 370 2.21 -60.08 23.41
N VAL B 371 3.16 -60.42 22.55
CA VAL B 371 4.51 -60.79 22.97
C VAL B 371 5.31 -59.54 23.34
N ARG B 372 5.89 -59.54 24.54
CA ARG B 372 6.68 -58.41 24.99
C ARG B 372 7.90 -58.25 24.08
N LEU B 373 8.06 -57.06 23.52
CA LEU B 373 9.15 -56.83 22.57
C LEU B 373 10.49 -56.86 23.28
N PRO B 374 11.49 -57.62 22.74
CA PRO B 374 12.82 -57.67 23.34
C PRO B 374 13.63 -56.47 22.87
N TYR B 375 13.09 -55.69 21.95
CA TYR B 375 13.75 -54.46 21.45
C TYR B 375 12.80 -53.28 21.66
N GLU B 376 13.36 -52.08 21.56
CA GLU B 376 12.51 -50.87 21.70
C GLU B 376 12.03 -50.44 20.32
N ALA B 377 10.76 -50.05 20.23
CA ALA B 377 10.17 -49.60 18.97
C ALA B 377 9.57 -48.23 19.21
N GLY B 378 9.60 -47.36 18.22
CA GLY B 378 8.95 -46.05 18.37
C GLY B 378 9.98 -45.03 18.74
N GLU B 379 10.41 -44.23 17.77
CA GLU B 379 11.47 -43.23 17.99
C GLU B 379 10.91 -42.00 18.70
N ILE B 380 11.80 -41.23 19.32
CA ILE B 380 11.37 -39.95 19.92
C ILE B 380 11.46 -38.89 18.82
N ASP B 381 10.33 -38.33 18.41
CA ASP B 381 10.30 -37.36 17.33
C ASP B 381 10.25 -35.94 17.87
N PHE B 382 11.10 -35.06 17.33
CA PHE B 382 10.99 -33.64 17.60
C PHE B 382 11.44 -32.85 16.37
N GLY B 383 11.28 -31.55 16.47
CA GLY B 383 11.85 -30.67 15.48
C GLY B 383 11.31 -29.27 15.61
N GLU B 384 11.94 -28.39 14.84
CA GLU B 384 11.52 -27.02 14.59
C GLU B 384 11.87 -26.72 13.14
N PRO B 385 11.21 -25.75 12.53
CA PRO B 385 11.53 -25.43 11.13
C PRO B 385 12.89 -24.74 10.94
N GLY B 386 13.58 -25.08 9.86
CA GLY B 386 14.76 -24.34 9.49
C GLY B 386 14.38 -22.97 8.91
N THR B 387 15.17 -21.95 9.22
CA THR B 387 16.45 -22.02 9.91
C THR B 387 16.41 -21.93 11.44
N ASN B 388 15.21 -21.72 12.03
CA ASN B 388 15.08 -21.58 13.49
C ASN B 388 15.85 -22.66 14.23
N GLY B 389 15.57 -23.93 13.91
CA GLY B 389 16.19 -25.02 14.64
C GLY B 389 17.70 -24.98 14.54
N GLN B 390 18.21 -24.52 13.39
CA GLN B 390 19.65 -24.38 13.19
C GLN B 390 20.31 -23.63 14.32
N HIS B 391 19.67 -22.57 14.80
CA HIS B 391 20.24 -21.79 15.89
C HIS B 391 19.73 -22.23 17.26
N SER B 392 18.95 -23.31 17.32
CA SER B 392 18.56 -23.86 18.61
C SER B 392 19.40 -25.08 19.00
N PHE B 393 19.21 -26.20 18.31
CA PHE B 393 19.79 -27.47 18.75
C PHE B 393 20.74 -28.15 17.77
N TYR B 394 20.92 -27.63 16.56
CA TYR B 394 21.85 -28.30 15.62
C TYR B 394 23.26 -28.45 16.21
N GLN B 395 23.63 -27.63 17.20
CA GLN B 395 24.92 -27.80 17.86
C GLN B 395 25.10 -29.24 18.35
N LEU B 396 24.05 -29.79 18.97
CA LEU B 396 24.14 -31.17 19.44
C LEU B 396 24.09 -32.14 18.27
N ILE B 397 23.30 -31.81 17.25
CA ILE B 397 23.18 -32.72 16.12
C ILE B 397 24.52 -32.88 15.42
N HIS B 398 25.37 -31.84 15.44
CA HIS B 398 26.65 -31.93 14.76
C HIS B 398 27.73 -32.52 15.66
N GLN B 399 27.72 -32.19 16.96
CA GLN B 399 28.83 -32.58 17.82
C GLN B 399 28.45 -33.38 19.07
N GLY B 400 27.15 -33.57 19.35
CA GLY B 400 26.72 -34.42 20.44
C GLY B 400 26.10 -35.71 19.95
N ARG B 401 24.99 -36.11 20.56
CA ARG B 401 24.31 -37.34 20.17
C ARG B 401 23.89 -37.29 18.70
N VAL B 402 24.07 -38.42 18.01
CA VAL B 402 23.70 -38.51 16.61
C VAL B 402 22.19 -38.65 16.48
N ILE B 403 21.57 -37.76 15.70
CA ILE B 403 20.13 -37.78 15.49
C ILE B 403 19.83 -37.72 13.99
N PRO B 404 19.39 -38.82 13.38
CA PRO B 404 19.01 -38.78 11.96
C PRO B 404 17.93 -37.75 11.74
N CYS B 405 18.02 -37.02 10.61
CA CYS B 405 17.18 -35.88 10.30
C CYS B 405 16.34 -36.08 9.04
N ASP B 406 15.13 -35.54 9.06
CA ASP B 406 14.34 -35.30 7.85
C ASP B 406 14.49 -33.82 7.48
N PHE B 407 15.17 -33.52 6.37
CA PHE B 407 15.14 -32.18 5.79
C PHE B 407 14.06 -32.12 4.72
N ILE B 408 13.19 -31.11 4.81
CA ILE B 408 12.15 -30.84 3.83
C ILE B 408 12.38 -29.43 3.26
N GLY B 409 12.55 -29.34 1.94
CA GLY B 409 12.67 -28.06 1.28
C GLY B 409 11.69 -27.98 0.13
N VAL B 410 11.25 -26.74 -0.16
CA VAL B 410 10.29 -26.47 -1.22
C VAL B 410 10.96 -25.55 -2.23
N ILE B 411 10.77 -25.84 -3.52
CA ILE B 411 11.43 -25.04 -4.55
C ILE B 411 10.73 -23.69 -4.70
N LYS B 412 9.46 -23.71 -5.08
CA LYS B 412 8.69 -22.49 -5.26
C LYS B 412 8.28 -21.92 -3.90
N SER B 413 8.65 -20.67 -3.63
CA SER B 413 8.25 -20.04 -2.37
C SER B 413 6.78 -19.65 -2.40
N GLN B 414 6.15 -19.69 -1.23
CA GLN B 414 4.76 -19.24 -1.09
C GLN B 414 4.67 -17.72 -1.14
N GLN B 415 5.70 -17.04 -0.67
CA GLN B 415 5.66 -15.59 -0.44
C GLN B 415 7.05 -15.07 -0.78
N PRO B 416 7.39 -15.02 -2.07
CA PRO B 416 8.77 -14.71 -2.46
C PRO B 416 9.13 -13.25 -2.19
N VAL B 417 10.37 -13.05 -1.77
CA VAL B 417 10.85 -11.71 -1.45
C VAL B 417 12.25 -11.55 -2.05
N TYR B 418 12.48 -10.40 -2.69
CA TYR B 418 13.81 -10.03 -3.14
C TYR B 418 13.97 -8.53 -2.97
N LEU B 419 15.15 -8.12 -2.51
CA LEU B 419 15.51 -6.72 -2.41
C LEU B 419 16.55 -6.40 -3.48
N LYS B 420 16.36 -5.28 -4.18
CA LYS B 420 17.28 -4.90 -5.25
C LYS B 420 18.70 -4.77 -4.71
N GLY B 421 19.64 -5.48 -5.33
CA GLY B 421 21.02 -5.45 -4.92
C GLY B 421 21.45 -6.62 -4.05
N GLU B 422 20.50 -7.35 -3.46
CA GLU B 422 20.84 -8.49 -2.63
C GLU B 422 21.48 -9.59 -3.46
N THR B 423 22.47 -10.26 -2.87
CA THR B 423 23.16 -11.37 -3.52
C THR B 423 22.18 -12.47 -3.93
N VAL B 424 21.25 -12.83 -3.02
CA VAL B 424 20.24 -13.86 -3.27
C VAL B 424 18.92 -13.43 -2.69
N SER B 425 17.85 -13.98 -3.24
CA SER B 425 16.52 -13.71 -2.74
C SER B 425 16.37 -14.29 -1.33
N ASN B 426 15.33 -13.87 -0.64
CA ASN B 426 15.13 -14.36 0.72
C ASN B 426 14.95 -15.88 0.73
N HIS B 427 14.06 -16.39 -0.11
CA HIS B 427 13.85 -17.83 -0.21
C HIS B 427 15.12 -18.58 -0.60
N ASP B 428 15.98 -17.95 -1.42
CA ASP B 428 17.26 -18.57 -1.76
C ASP B 428 18.20 -18.58 -0.57
N GLU B 429 18.18 -17.54 0.27
CA GLU B 429 18.97 -17.57 1.49
C GLU B 429 18.55 -18.73 2.38
N LEU B 430 17.24 -18.92 2.54
CA LEU B 430 16.71 -20.03 3.34
C LEU B 430 17.19 -21.36 2.79
N MET B 431 17.14 -21.53 1.46
CA MET B 431 17.45 -22.82 0.87
C MET B 431 18.94 -23.12 0.85
N SER B 432 19.77 -22.12 1.06
CA SER B 432 21.20 -22.40 1.01
C SER B 432 21.64 -23.22 2.22
N ASN B 433 20.94 -23.04 3.35
CA ASN B 433 21.14 -23.88 4.52
C ASN B 433 20.55 -25.26 4.30
N PHE B 434 19.36 -25.31 3.68
CA PHE B 434 18.75 -26.58 3.31
C PHE B 434 19.67 -27.46 2.49
N PHE B 435 20.46 -26.87 1.56
CA PHE B 435 21.39 -27.70 0.80
C PHE B 435 22.70 -27.93 1.53
N ALA B 436 23.12 -27.01 2.40
CA ALA B 436 24.41 -27.17 3.08
C ALA B 436 24.33 -28.14 4.26
N GLN B 437 23.37 -27.93 5.18
CA GLN B 437 23.33 -28.70 6.42
C GLN B 437 23.47 -30.20 6.23
N PRO B 438 22.72 -30.86 5.33
CA PRO B 438 22.91 -32.31 5.15
C PRO B 438 24.30 -32.70 4.72
N ASP B 439 24.99 -31.87 3.94
CA ASP B 439 26.37 -32.17 3.57
C ASP B 439 27.32 -31.92 4.74
N ALA B 440 27.11 -30.82 5.47
CA ALA B 440 27.84 -30.62 6.71
C ALA B 440 27.74 -31.84 7.62
N LEU B 441 26.54 -32.41 7.72
CA LEU B 441 26.35 -33.57 8.60
C LEU B 441 27.03 -34.81 8.05
N ALA B 442 27.11 -34.93 6.74
CA ALA B 442 27.70 -36.13 6.15
C ALA B 442 29.22 -36.11 6.24
N TYR B 443 29.86 -34.99 5.89
CA TYR B 443 31.30 -34.99 5.72
C TYR B 443 32.08 -34.70 7.00
N GLY B 444 31.52 -33.94 7.94
CA GLY B 444 32.29 -33.43 9.07
C GLY B 444 33.51 -32.62 8.67
N LYS B 445 34.39 -32.30 9.64
CA LYS B 445 35.65 -31.63 9.32
C LYS B 445 36.73 -32.20 10.21
N THR B 446 37.75 -32.76 9.59
CA THR B 446 38.76 -33.51 10.32
C THR B 446 39.68 -32.57 11.09
N PRO B 447 40.47 -33.10 12.03
CA PRO B 447 41.48 -32.25 12.69
C PRO B 447 42.63 -31.88 11.78
N GLU B 448 43.04 -32.78 10.89
CA GLU B 448 43.99 -32.42 9.85
C GLU B 448 43.46 -31.25 9.04
N GLN B 449 42.20 -31.33 8.59
CA GLN B 449 41.61 -30.23 7.86
C GLN B 449 41.68 -28.94 8.65
N LEU B 450 41.53 -29.03 9.98
CA LEU B 450 41.62 -27.86 10.85
C LEU B 450 43.06 -27.38 11.02
N HIS B 451 44.00 -28.31 11.24
CA HIS B 451 45.39 -27.93 11.39
C HIS B 451 45.96 -27.43 10.06
N SER B 452 45.46 -27.97 8.95
CA SER B 452 45.75 -27.41 7.65
C SER B 452 45.40 -25.93 7.61
N GLU B 453 44.34 -25.52 8.31
CA GLU B 453 43.93 -24.13 8.34
C GLU B 453 44.51 -23.38 9.53
N LYS B 454 45.62 -23.87 10.10
CA LYS B 454 46.35 -23.20 11.18
C LYS B 454 45.45 -22.90 12.38
N VAL B 455 44.45 -23.73 12.62
CA VAL B 455 43.64 -23.62 13.84
C VAL B 455 44.50 -24.00 15.04
N PRO B 456 44.52 -23.20 16.12
CA PRO B 456 45.38 -23.50 17.26
C PRO B 456 45.12 -24.89 17.82
N GLU B 457 46.20 -25.63 18.05
CA GLU B 457 46.06 -27.03 18.46
C GLU B 457 45.07 -27.20 19.60
N ASN B 458 45.11 -26.31 20.58
CA ASN B 458 44.22 -26.41 21.73
C ASN B 458 42.75 -26.29 21.34
N LEU B 459 42.44 -25.78 20.15
CA LEU B 459 41.06 -25.63 19.73
C LEU B 459 40.59 -26.70 18.76
N ILE B 460 41.50 -27.40 18.08
CA ILE B 460 41.11 -28.35 17.05
C ILE B 460 40.15 -29.40 17.62
N SER B 461 40.42 -29.88 18.83
CA SER B 461 39.47 -30.80 19.48
C SER B 461 38.06 -30.22 19.50
N HIS B 462 37.94 -28.94 19.84
CA HIS B 462 36.64 -28.31 19.98
C HIS B 462 36.00 -27.99 18.65
N LYS B 463 36.78 -27.96 17.57
CA LYS B 463 36.26 -27.58 16.25
C LYS B 463 36.07 -28.78 15.33
N THR B 464 36.57 -29.95 15.70
CA THR B 464 36.33 -31.15 14.92
C THR B 464 34.83 -31.40 14.72
N PHE B 465 34.46 -31.83 13.52
CA PHE B 465 33.17 -32.44 13.25
C PHE B 465 33.44 -33.85 12.77
N GLN B 466 32.82 -34.84 13.43
CA GLN B 466 33.06 -36.21 13.02
C GLN B 466 32.39 -36.53 11.69
N GLY B 467 31.26 -35.91 11.41
CA GLY B 467 30.54 -36.24 10.19
C GLY B 467 29.97 -37.65 10.23
N ASN B 468 29.62 -38.15 9.05
CA ASN B 468 29.05 -39.49 8.90
C ASN B 468 27.74 -39.61 9.70
N ARG B 469 27.10 -38.49 9.94
CA ARG B 469 25.81 -38.42 10.59
C ARG B 469 24.73 -38.38 9.53
N PRO B 470 23.65 -39.16 9.67
CA PRO B 470 22.77 -39.40 8.52
C PRO B 470 21.63 -38.40 8.43
N SER B 471 21.15 -38.25 7.20
CA SER B 471 20.07 -37.32 6.88
C SER B 471 19.40 -37.77 5.59
N LEU B 472 18.20 -37.26 5.36
CA LEU B 472 17.53 -37.45 4.09
C LEU B 472 16.82 -36.14 3.76
N SER B 473 16.61 -35.91 2.45
CA SER B 473 16.10 -34.64 1.98
C SER B 473 14.90 -34.88 1.06
N PHE B 474 13.75 -34.34 1.46
CA PHE B 474 12.61 -34.12 0.58
C PHE B 474 12.82 -32.79 -0.16
N LEU B 475 12.56 -32.80 -1.48
CA LEU B 475 12.51 -31.56 -2.27
C LEU B 475 11.16 -31.52 -2.97
N LEU B 476 10.31 -30.58 -2.59
CA LEU B 476 8.94 -30.49 -3.09
C LEU B 476 8.81 -29.40 -4.16
N SER B 477 7.92 -29.64 -5.12
CA SER B 477 7.71 -28.69 -6.22
C SER B 477 7.21 -27.37 -5.68
N SER B 478 6.20 -27.44 -4.81
CA SER B 478 5.57 -26.27 -4.22
C SER B 478 4.87 -26.74 -2.96
N LEU B 479 4.29 -25.79 -2.26
CA LEU B 479 3.63 -26.07 -1.00
C LEU B 479 2.23 -25.49 -1.07
N SER B 480 1.38 -26.09 -1.87
CA SER B 480 -0.02 -25.73 -1.87
C SER B 480 -0.82 -26.89 -1.30
N ALA B 481 -2.15 -26.72 -1.27
CA ALA B 481 -3.05 -27.71 -0.69
C ALA B 481 -2.75 -29.12 -1.20
N TYR B 482 -2.59 -29.27 -2.51
CA TYR B 482 -2.32 -30.59 -3.06
C TYR B 482 -1.07 -31.21 -2.43
N GLU B 483 0.00 -30.43 -2.34
CA GLU B 483 1.27 -30.95 -1.87
C GLU B 483 1.29 -31.13 -0.36
N ILE B 484 0.65 -30.22 0.36
CA ILE B 484 0.46 -30.43 1.78
C ILE B 484 -0.14 -31.81 2.03
N GLY B 485 -1.22 -32.14 1.28
CA GLY B 485 -1.87 -33.44 1.42
C GLY B 485 -0.96 -34.61 1.10
N GLN B 486 -0.08 -34.43 0.10
CA GLN B 486 0.91 -35.47 -0.21
C GLN B 486 1.91 -35.66 0.93
N LEU B 487 2.36 -34.55 1.52
CA LEU B 487 3.28 -34.66 2.65
C LEU B 487 2.63 -35.43 3.79
N LEU B 488 1.38 -35.06 4.12
CA LEU B 488 0.66 -35.73 5.19
C LEU B 488 0.55 -37.22 4.92
N SER B 489 0.18 -37.59 3.69
CA SER B 489 -0.03 -39.00 3.40
C SER B 489 1.28 -39.77 3.52
N ILE B 490 2.39 -39.11 3.20
CA ILE B 490 3.68 -39.79 3.20
C ILE B 490 4.10 -40.15 4.62
N TYR B 491 3.79 -39.30 5.59
CA TYR B 491 4.12 -39.64 6.97
C TYR B 491 3.13 -40.62 7.59
N GLU B 492 1.82 -40.48 7.33
CA GLU B 492 0.86 -41.49 7.78
C GLU B 492 1.28 -42.87 7.32
N HIS B 493 1.71 -42.99 6.06
CA HIS B 493 2.08 -44.31 5.56
C HIS B 493 3.47 -44.74 6.04
N ARG B 494 4.39 -43.79 6.26
CA ARG B 494 5.70 -44.17 6.78
C ARG B 494 5.59 -44.76 8.18
N ILE B 495 4.74 -44.17 9.02
CA ILE B 495 4.61 -44.65 10.38
C ILE B 495 4.03 -46.05 10.38
N ALA B 496 2.99 -46.29 9.58
CA ALA B 496 2.43 -47.63 9.47
C ALA B 496 3.48 -48.64 9.00
N VAL B 497 4.39 -48.23 8.11
CA VAL B 497 5.40 -49.18 7.63
C VAL B 497 6.37 -49.55 8.75
N GLN B 498 6.81 -48.56 9.53
CA GLN B 498 7.62 -48.89 10.69
C GLN B 498 6.86 -49.83 11.64
N GLY B 499 5.56 -49.58 11.84
CA GLY B 499 4.78 -50.46 12.70
C GLY B 499 4.65 -51.86 12.13
N PHE B 500 4.44 -51.95 10.81
CA PHE B 500 4.36 -53.25 10.17
C PHE B 500 5.66 -54.01 10.30
N ILE B 501 6.78 -53.36 9.96
CA ILE B 501 8.07 -54.03 10.10
C ILE B 501 8.27 -54.48 11.54
N TRP B 502 8.01 -53.58 12.48
CA TRP B 502 8.14 -53.93 13.89
C TRP B 502 7.12 -54.96 14.33
N GLY B 503 6.04 -55.14 13.59
CA GLY B 503 5.04 -56.17 13.94
C GLY B 503 4.23 -55.76 15.15
N ILE B 504 3.95 -54.47 15.28
CA ILE B 504 3.18 -53.95 16.43
C ILE B 504 1.85 -53.41 15.91
N ASN B 505 0.97 -52.98 16.81
CA ASN B 505 -0.31 -52.37 16.39
C ASN B 505 -0.11 -50.86 16.36
N SER B 506 0.19 -50.30 15.19
CA SER B 506 0.32 -48.86 15.07
C SER B 506 -0.98 -48.12 15.37
N PHE B 507 -2.10 -48.81 15.40
CA PHE B 507 -3.39 -48.13 15.30
C PHE B 507 -4.22 -48.16 16.58
N ASP B 508 -3.60 -48.55 17.69
CA ASP B 508 -4.28 -48.55 19.01
C ASP B 508 -3.59 -47.54 19.94
N GLN B 509 -4.14 -47.33 21.13
CA GLN B 509 -3.58 -46.37 22.11
C GLN B 509 -4.07 -46.73 23.53
N TRP B 510 -3.54 -47.80 24.11
CA TRP B 510 -3.99 -48.24 25.46
C TRP B 510 -3.15 -47.52 26.51
N GLY B 511 -1.99 -47.02 26.11
CA GLY B 511 -1.09 -46.32 27.00
C GLY B 511 -1.66 -45.04 27.57
N VAL B 512 -2.82 -44.59 27.09
CA VAL B 512 -3.42 -43.39 27.64
C VAL B 512 -4.46 -43.68 28.73
N GLU B 513 -4.83 -44.95 28.94
CA GLU B 513 -5.95 -45.23 29.81
C GLU B 513 -5.62 -44.99 31.28
N LEU B 514 -4.39 -45.30 31.71
CA LEU B 514 -4.09 -45.20 33.13
C LEU B 514 -4.09 -43.75 33.62
N GLY B 515 -3.57 -42.82 32.81
CA GLY B 515 -3.58 -41.41 33.20
C GLY B 515 -4.98 -40.85 33.31
N LYS B 516 -5.89 -41.31 32.44
CA LYS B 516 -7.29 -40.89 32.57
C LYS B 516 -7.91 -41.40 33.86
N SER B 517 -7.63 -42.65 34.25
CA SER B 517 -8.21 -43.22 35.47
C SER B 517 -7.81 -42.43 36.70
N LEU B 518 -6.50 -42.24 36.90
CA LEU B 518 -6.01 -41.57 38.09
C LEU B 518 -6.43 -40.11 38.13
N ALA B 519 -6.57 -39.47 36.95
CA ALA B 519 -7.05 -38.10 36.90
C ALA B 519 -8.50 -37.98 37.36
N SER B 520 -9.33 -38.98 37.09
CA SER B 520 -10.69 -38.95 37.61
C SER B 520 -10.72 -39.22 39.11
N THR B 521 -9.83 -40.09 39.59
CA THR B 521 -9.64 -40.23 41.02
C THR B 521 -9.17 -38.92 41.64
N VAL B 522 -8.25 -38.21 41.00
CA VAL B 522 -7.88 -36.91 41.57
C VAL B 522 -9.04 -35.93 41.45
N ARG B 523 -9.72 -35.90 40.31
CA ARG B 523 -10.84 -34.99 40.17
C ARG B 523 -11.86 -35.18 41.29
N LYS B 524 -12.12 -36.44 41.68
CA LYS B 524 -13.09 -36.67 42.74
C LYS B 524 -12.57 -36.13 44.07
N GLN B 525 -11.28 -36.31 44.35
CA GLN B 525 -10.66 -35.69 45.51
C GLN B 525 -10.77 -34.16 45.47
N LEU B 526 -10.72 -33.57 44.29
CA LEU B 526 -10.71 -32.10 44.24
C LEU B 526 -12.10 -31.55 44.48
N HIS B 527 -13.11 -32.20 43.93
CA HIS B 527 -14.49 -31.84 44.23
C HIS B 527 -14.78 -31.96 45.73
N ALA B 528 -14.50 -33.12 46.32
CA ALA B 528 -14.81 -33.34 47.72
C ALA B 528 -14.15 -32.30 48.62
N SER B 529 -12.96 -31.83 48.26
CA SER B 529 -12.27 -30.84 49.08
C SER B 529 -12.77 -29.43 48.82
N ARG B 530 -12.94 -29.06 47.55
CA ARG B 530 -13.38 -27.71 47.24
C ARG B 530 -14.82 -27.50 47.68
N MET B 531 -15.69 -28.44 47.34
CA MET B 531 -17.11 -28.30 47.57
C MET B 531 -17.56 -28.80 48.94
N GLU B 532 -16.92 -29.86 49.45
CA GLU B 532 -17.36 -30.47 50.69
C GLU B 532 -16.37 -30.35 51.84
N GLY B 533 -15.17 -29.80 51.63
CA GLY B 533 -14.25 -29.60 52.73
C GLY B 533 -13.64 -30.86 53.30
N LYS B 534 -13.72 -31.97 52.55
CA LYS B 534 -13.24 -33.30 52.92
C LYS B 534 -11.72 -33.36 52.81
N PRO B 535 -11.04 -34.06 53.73
CA PRO B 535 -9.57 -34.10 53.70
C PRO B 535 -9.02 -34.78 52.45
N VAL B 536 -7.69 -34.69 52.29
CA VAL B 536 -7.03 -35.47 51.25
C VAL B 536 -6.79 -36.87 51.80
N GLU B 537 -7.31 -37.88 51.10
CA GLU B 537 -7.25 -39.26 51.58
C GLU B 537 -7.06 -40.20 50.40
N GLY B 538 -6.27 -41.25 50.61
CA GLY B 538 -6.07 -42.29 49.62
C GLY B 538 -4.91 -42.10 48.65
N PHE B 539 -4.01 -41.15 48.91
CA PHE B 539 -2.89 -40.91 48.02
C PHE B 539 -1.60 -41.18 48.77
N ASN B 540 -0.53 -41.42 48.02
CA ASN B 540 0.76 -41.60 48.64
C ASN B 540 1.24 -40.29 49.27
N PRO B 541 2.28 -40.34 50.11
CA PRO B 541 2.64 -39.13 50.88
C PRO B 541 3.09 -37.97 50.01
N SER B 542 3.66 -38.23 48.83
CA SER B 542 4.03 -37.13 47.94
C SER B 542 2.78 -36.48 47.35
N SER B 543 1.92 -37.30 46.72
CA SER B 543 0.69 -36.79 46.15
C SER B 543 -0.16 -36.09 47.19
N ALA B 544 -0.21 -36.63 48.40
CA ALA B 544 -1.04 -36.02 49.43
C ALA B 544 -0.51 -34.64 49.79
N SER B 545 0.81 -34.50 49.91
CA SER B 545 1.41 -33.19 50.18
C SER B 545 1.16 -32.19 49.03
N LEU B 546 1.36 -32.63 47.79
CA LEU B 546 1.14 -31.73 46.64
C LEU B 546 -0.30 -31.26 46.58
N LEU B 547 -1.26 -32.21 46.69
CA LEU B 547 -2.67 -31.84 46.73
C LEU B 547 -2.96 -30.92 47.90
N THR B 548 -2.32 -31.17 49.04
CA THR B 548 -2.53 -30.30 50.20
C THR B 548 -2.01 -28.90 49.93
N ARG B 549 -0.89 -28.79 49.21
CA ARG B 549 -0.39 -27.47 48.80
C ARG B 549 -1.36 -26.77 47.86
N PHE B 550 -1.83 -27.48 46.83
CA PHE B 550 -2.75 -26.91 45.85
C PHE B 550 -4.02 -26.39 46.52
N LEU B 551 -4.71 -27.27 47.28
CA LEU B 551 -5.98 -26.95 47.91
C LEU B 551 -5.86 -25.96 49.05
N ALA B 552 -4.64 -25.78 49.59
CA ALA B 552 -4.43 -24.77 50.62
C ALA B 552 -4.77 -23.38 50.15
N VAL B 553 -4.81 -23.16 48.83
CA VAL B 553 -5.19 -21.87 48.25
C VAL B 553 -6.67 -21.99 47.89
N LYS B 554 -7.50 -21.35 48.69
CA LYS B 554 -8.95 -21.41 48.55
C LYS B 554 -9.41 -20.42 47.48
N PRO B 555 -10.43 -20.78 46.70
CA PRO B 555 -10.78 -19.95 45.54
C PRO B 555 -11.27 -18.60 45.99
N SER B 556 -11.26 -17.65 45.06
CA SER B 556 -11.73 -16.32 45.38
C SER B 556 -13.21 -16.13 45.07
N THR B 557 -13.79 -16.98 44.28
CA THR B 557 -15.13 -16.86 43.72
C THR B 557 -16.17 -17.31 44.72
N PRO B 558 -17.29 -16.61 44.84
CA PRO B 558 -18.37 -17.09 45.71
C PRO B 558 -18.79 -18.49 45.31
N TYR B 559 -19.22 -19.26 46.30
CA TYR B 559 -19.40 -20.69 46.12
C TYR B 559 -20.32 -21.02 44.96
N ASP B 560 -19.88 -21.95 44.12
CA ASP B 560 -20.66 -22.48 43.00
C ASP B 560 -21.15 -21.37 42.05
N THR B 561 -20.31 -20.38 41.79
CA THR B 561 -20.68 -19.20 41.00
C THR B 561 -19.87 -19.16 39.69
N THR B 562 -20.56 -18.90 38.57
CA THR B 562 -19.92 -18.96 37.26
C THR B 562 -19.04 -17.75 37.02
N VAL B 563 -17.83 -18.00 36.52
CA VAL B 563 -16.92 -16.93 36.16
C VAL B 563 -16.25 -17.27 34.83
N LEU B 564 -16.26 -16.32 33.91
CA LEU B 564 -15.59 -16.42 32.62
C LEU B 564 -14.53 -15.33 32.53
N PRO B 565 -13.57 -15.44 31.60
CA PRO B 565 -12.49 -14.43 31.52
C PRO B 565 -12.98 -13.05 31.12
N ALA C 5 -8.38 58.91 -41.01
CA ALA C 5 -9.24 59.19 -39.86
C ALA C 5 -9.53 57.91 -39.09
N LEU C 6 -10.63 57.27 -39.45
CA LEU C 6 -11.01 55.96 -38.93
C LEU C 6 -11.21 55.04 -40.12
N ILE C 7 -10.67 53.82 -40.03
CA ILE C 7 -10.81 52.86 -41.11
C ILE C 7 -12.28 52.54 -41.37
N SER C 8 -13.13 52.64 -40.36
CA SER C 8 -14.53 52.35 -40.52
C SER C 8 -15.26 53.38 -41.35
N ASP C 9 -14.61 54.49 -41.68
CA ASP C 9 -15.19 55.49 -42.54
C ASP C 9 -14.87 55.29 -44.01
N THR C 10 -13.92 54.43 -44.34
CA THR C 10 -13.54 54.33 -45.74
C THR C 10 -14.53 53.48 -46.53
N ASP C 11 -14.36 53.52 -47.85
CA ASP C 11 -15.28 52.83 -48.74
C ASP C 11 -15.03 51.34 -48.78
N GLN C 12 -13.78 50.93 -48.62
CA GLN C 12 -13.48 49.51 -48.50
C GLN C 12 -14.22 48.90 -47.32
N TRP C 13 -14.24 49.61 -46.18
CA TRP C 13 -14.98 49.15 -45.02
C TRP C 13 -16.48 49.07 -45.31
N LYS C 14 -17.01 50.07 -46.01
CA LYS C 14 -18.42 50.03 -46.36
C LYS C 14 -18.69 48.96 -47.39
N ALA C 15 -17.74 48.75 -48.31
CA ALA C 15 -17.90 47.74 -49.36
C ALA C 15 -18.03 46.34 -48.77
N LEU C 16 -17.40 46.10 -47.63
CA LEU C 16 -17.43 44.84 -46.90
C LEU C 16 -18.69 44.68 -46.06
N GLN C 17 -19.10 45.72 -45.32
CA GLN C 17 -20.36 45.65 -44.60
C GLN C 17 -21.50 45.29 -45.54
N ALA C 18 -21.49 45.87 -46.75
CA ALA C 18 -22.48 45.50 -47.76
C ALA C 18 -22.35 44.04 -48.15
N HIS C 19 -21.12 43.57 -48.29
CA HIS C 19 -20.89 42.19 -48.69
C HIS C 19 -21.50 41.21 -47.70
N VAL C 20 -21.77 41.64 -46.47
CA VAL C 20 -22.24 40.72 -45.44
C VAL C 20 -23.64 40.20 -45.78
N GLY C 21 -24.50 41.06 -46.34
CA GLY C 21 -25.81 40.59 -46.77
C GLY C 21 -25.72 39.52 -47.83
N ALA C 22 -24.68 39.55 -48.66
CA ALA C 22 -24.47 38.52 -49.65
C ALA C 22 -24.12 37.19 -48.99
N ILE C 23 -23.13 37.21 -48.08
CA ILE C 23 -22.72 35.99 -47.39
C ILE C 23 -23.86 35.40 -46.56
N HIS C 24 -24.73 36.25 -45.99
CA HIS C 24 -25.84 35.71 -45.20
C HIS C 24 -26.78 34.89 -46.06
N LYS C 25 -26.88 35.19 -47.35
CA LYS C 25 -27.70 34.40 -48.25
C LYS C 25 -27.14 33.01 -48.53
N THR C 26 -25.94 32.71 -48.05
CA THR C 26 -25.27 31.45 -48.34
C THR C 26 -25.23 30.56 -47.10
N HIS C 27 -24.90 29.30 -47.33
CA HIS C 27 -24.69 28.36 -46.26
C HIS C 27 -23.50 27.50 -46.61
N LEU C 28 -22.67 27.23 -45.59
CA LEU C 28 -21.45 26.48 -45.79
C LEU C 28 -21.69 25.09 -46.37
N ARG C 29 -22.86 24.48 -46.15
CA ARG C 29 -23.07 23.14 -46.70
C ARG C 29 -23.03 23.17 -48.23
N ASP C 30 -23.46 24.27 -48.83
CA ASP C 30 -23.39 24.41 -50.27
C ASP C 30 -22.01 24.89 -50.70
N LEU C 31 -21.45 25.87 -49.99
CA LEU C 31 -20.14 26.39 -50.33
C LEU C 31 -19.06 25.32 -50.21
N MET C 32 -19.21 24.37 -49.29
CA MET C 32 -18.16 23.37 -49.13
C MET C 32 -18.22 22.26 -50.17
N THR C 33 -19.17 22.33 -51.10
CA THR C 33 -19.15 21.41 -52.23
C THR C 33 -18.38 21.97 -53.43
N ASP C 34 -17.86 23.19 -53.33
CA ASP C 34 -17.14 23.83 -54.44
C ASP C 34 -15.65 23.53 -54.32
N ALA C 35 -15.15 22.62 -55.17
CA ALA C 35 -13.73 22.29 -55.15
C ALA C 35 -12.88 23.52 -55.46
N ASP C 36 -13.30 24.33 -56.44
CA ASP C 36 -12.52 25.51 -56.81
C ASP C 36 -12.40 26.48 -55.63
N ARG C 37 -13.51 26.73 -54.94
CA ARG C 37 -13.47 27.56 -53.74
C ARG C 37 -12.56 26.95 -52.69
N CYS C 38 -12.75 25.65 -52.40
CA CYS C 38 -11.93 24.96 -51.41
C CYS C 38 -10.45 25.08 -51.75
N LYS C 39 -10.08 24.88 -53.01
CA LYS C 39 -8.67 24.98 -53.38
C LYS C 39 -8.15 26.41 -53.24
N ALA C 40 -8.95 27.39 -53.67
CA ALA C 40 -8.53 28.78 -53.58
C ALA C 40 -8.32 29.22 -52.13
N MET C 41 -9.19 28.80 -51.24
CA MET C 41 -9.14 29.28 -49.86
C MET C 41 -8.19 28.44 -48.99
N THR C 42 -6.94 28.33 -49.48
CA THR C 42 -5.85 27.66 -48.77
C THR C 42 -4.58 28.46 -48.95
N ALA C 43 -3.61 28.21 -48.06
CA ALA C 43 -2.26 28.73 -48.18
C ALA C 43 -1.33 27.75 -47.49
N GLU C 44 -0.08 27.73 -47.95
CA GLU C 44 0.87 26.77 -47.43
C GLU C 44 2.26 27.38 -47.41
N PHE C 45 3.02 27.05 -46.36
CA PHE C 45 4.42 27.51 -46.24
C PHE C 45 5.19 26.39 -45.54
N GLU C 46 6.09 25.71 -46.27
CA GLU C 46 6.84 24.56 -45.69
C GLU C 46 5.87 23.53 -45.11
N GLY C 47 5.97 23.26 -43.80
CA GLY C 47 5.12 22.23 -43.17
C GLY C 47 3.75 22.75 -42.77
N VAL C 48 3.60 24.06 -42.62
CA VAL C 48 2.33 24.62 -42.14
C VAL C 48 1.32 24.65 -43.30
N PHE C 49 0.14 24.06 -43.10
CA PHE C 49 -0.94 24.12 -44.08
C PHE C 49 -2.16 24.79 -43.48
N LEU C 50 -2.67 25.81 -44.14
CA LEU C 50 -3.85 26.56 -43.70
C LEU C 50 -4.98 26.35 -44.69
N ASP C 51 -6.04 25.71 -44.21
CA ASP C 51 -7.29 25.59 -44.94
C ASP C 51 -8.31 26.45 -44.22
N TYR C 52 -8.74 27.53 -44.87
CA TYR C 52 -9.76 28.40 -44.33
C TYR C 52 -11.06 28.37 -45.14
N SER C 53 -11.39 27.22 -45.74
CA SER C 53 -12.58 27.16 -46.57
C SER C 53 -13.86 27.09 -45.76
N ARG C 54 -13.78 26.82 -44.46
CA ARG C 54 -14.95 26.84 -43.60
C ARG C 54 -15.22 28.21 -43.01
N GLN C 55 -14.57 29.23 -43.55
CA GLN C 55 -14.94 30.62 -43.30
C GLN C 55 -16.25 30.94 -43.98
N GLN C 56 -17.03 31.81 -43.35
CA GLN C 56 -18.22 32.39 -43.97
C GLN C 56 -17.74 33.43 -44.99
N ALA C 57 -17.27 32.94 -46.14
CA ALA C 57 -16.60 33.82 -47.08
C ALA C 57 -16.45 33.13 -48.42
N THR C 58 -16.23 33.94 -49.45
CA THR C 58 -15.90 33.48 -50.78
C THR C 58 -14.55 34.06 -51.17
N THR C 59 -14.12 33.71 -52.40
CA THR C 59 -12.94 34.35 -52.96
C THR C 59 -13.19 35.82 -53.24
N GLU C 60 -14.45 36.21 -53.47
CA GLU C 60 -14.77 37.62 -53.54
C GLU C 60 -14.56 38.29 -52.19
N THR C 61 -14.90 37.59 -51.10
CA THR C 61 -14.71 38.16 -49.77
C THR C 61 -13.22 38.41 -49.51
N VAL C 62 -12.38 37.45 -49.88
CA VAL C 62 -10.94 37.64 -49.76
C VAL C 62 -10.50 38.85 -50.57
N ASP C 63 -10.95 38.95 -51.84
CA ASP C 63 -10.59 40.09 -52.68
C ASP C 63 -10.98 41.41 -52.02
N LYS C 64 -12.15 41.44 -51.41
CA LYS C 64 -12.62 42.70 -50.81
C LYS C 64 -11.76 43.07 -49.60
N LEU C 65 -11.40 42.10 -48.75
CA LEU C 65 -10.60 42.42 -47.57
C LEU C 65 -9.18 42.87 -47.95
N PHE C 66 -8.63 42.26 -49.01
CA PHE C 66 -7.36 42.73 -49.56
C PHE C 66 -7.40 44.22 -49.87
N LYS C 67 -8.53 44.72 -50.36
CA LYS C 67 -8.63 46.15 -50.65
C LYS C 67 -8.84 46.97 -49.38
N LEU C 68 -9.45 46.38 -48.35
CA LEU C 68 -9.44 47.05 -47.06
C LEU C 68 -8.01 47.17 -46.55
N ALA C 69 -7.22 46.12 -46.74
CA ALA C 69 -5.83 46.14 -46.27
C ALA C 69 -5.03 47.22 -46.97
N GLU C 70 -5.25 47.40 -48.28
CA GLU C 70 -4.58 48.47 -49.02
C GLU C 70 -4.98 49.83 -48.45
N ALA C 71 -6.29 50.10 -48.33
CA ALA C 71 -6.72 51.36 -47.75
C ALA C 71 -6.09 51.57 -46.37
N ALA C 72 -5.95 50.49 -45.59
CA ALA C 72 -5.33 50.54 -44.27
C ALA C 72 -3.80 50.51 -44.30
N LYS C 73 -3.18 50.46 -45.48
CA LYS C 73 -1.72 50.52 -45.62
C LYS C 73 -1.04 49.39 -44.84
N LEU C 74 -1.50 48.16 -45.07
CA LEU C 74 -1.02 47.03 -44.29
C LEU C 74 0.44 46.71 -44.61
N LYS C 75 0.76 46.53 -45.90
CA LYS C 75 2.15 46.33 -46.30
C LYS C 75 3.06 47.36 -45.65
N GLU C 76 2.61 48.61 -45.58
CA GLU C 76 3.51 49.67 -45.15
C GLU C 76 3.74 49.61 -43.65
N LYS C 77 2.69 49.35 -42.87
CA LYS C 77 2.84 49.19 -41.43
C LYS C 77 3.72 47.99 -41.09
N ILE C 78 3.55 46.89 -41.84
CA ILE C 78 4.41 45.71 -41.68
C ILE C 78 5.85 46.06 -41.97
N ASP C 79 6.09 46.77 -43.09
CA ASP C 79 7.42 47.19 -43.46
C ASP C 79 8.05 48.06 -42.37
N LYS C 80 7.28 49.00 -41.82
CA LYS C 80 7.82 49.89 -40.80
C LYS C 80 8.24 49.12 -39.56
N MET C 81 7.46 48.10 -39.17
CA MET C 81 7.82 47.30 -38.02
C MET C 81 9.14 46.60 -38.23
N PHE C 82 9.26 45.85 -39.33
CA PHE C 82 10.51 45.16 -39.66
C PHE C 82 11.65 46.15 -39.86
N LYS C 83 11.35 47.34 -40.37
CA LYS C 83 12.40 48.34 -40.53
C LYS C 83 12.84 48.89 -39.19
N GLY C 84 11.99 48.82 -38.17
CA GLY C 84 12.34 49.36 -36.88
C GLY C 84 11.83 50.77 -36.62
N GLU C 85 10.94 51.30 -37.45
CA GLU C 85 10.36 52.60 -37.13
C GLU C 85 9.62 52.52 -35.80
N LYS C 86 9.57 53.67 -35.12
CA LYS C 86 8.95 53.78 -33.80
C LYS C 86 7.43 53.76 -33.91
N ILE C 87 6.91 52.60 -34.35
CA ILE C 87 5.49 52.49 -34.65
C ILE C 87 4.64 52.37 -33.38
N ASN C 88 5.22 51.99 -32.25
CA ASN C 88 4.54 52.13 -30.97
C ASN C 88 4.57 53.62 -30.60
N THR C 89 3.69 54.40 -31.24
CA THR C 89 3.81 55.86 -31.12
C THR C 89 3.50 56.36 -29.73
N THR C 90 2.59 55.69 -29.00
CA THR C 90 2.20 56.19 -27.68
C THR C 90 3.34 56.10 -26.68
N GLU C 91 4.21 55.12 -26.83
CA GLU C 91 5.39 55.04 -25.98
C GLU C 91 6.64 55.47 -26.74
N ASN C 92 6.49 55.75 -28.04
CA ASN C 92 7.58 56.15 -28.91
C ASN C 92 8.75 55.15 -28.85
N ARG C 93 8.42 53.91 -29.21
CA ARG C 93 9.39 52.81 -29.20
C ARG C 93 9.34 52.09 -30.53
N SER C 94 10.46 51.46 -30.90
CA SER C 94 10.40 50.48 -31.97
C SER C 94 9.54 49.31 -31.51
N VAL C 95 9.26 48.40 -32.44
CA VAL C 95 8.58 47.15 -32.16
C VAL C 95 9.30 46.05 -32.91
N LEU C 96 10.18 45.32 -32.22
CA LEU C 96 11.25 44.61 -32.91
C LEU C 96 11.45 43.22 -32.32
N HIS C 97 10.34 42.51 -32.05
CA HIS C 97 10.51 41.15 -31.60
C HIS C 97 11.04 40.27 -32.73
N VAL C 98 10.84 40.66 -33.98
CA VAL C 98 11.41 39.91 -35.10
C VAL C 98 12.94 39.86 -34.99
N ALA C 99 13.58 40.96 -34.56
CA ALA C 99 15.03 40.98 -34.43
C ALA C 99 15.59 39.93 -33.47
N LEU C 100 14.76 39.43 -32.53
CA LEU C 100 15.19 38.41 -31.58
C LEU C 100 15.57 37.10 -32.25
N ARG C 101 15.06 36.85 -33.46
CA ARG C 101 15.30 35.60 -34.17
C ARG C 101 15.96 35.82 -35.53
N ALA C 102 16.47 37.01 -35.79
CA ALA C 102 17.22 37.32 -37.00
C ALA C 102 18.57 36.61 -36.99
N PRO C 103 19.07 36.21 -38.15
CA PRO C 103 20.42 35.66 -38.22
C PRO C 103 21.46 36.74 -37.96
N ARG C 104 22.69 36.30 -37.65
CA ARG C 104 23.75 37.19 -37.20
C ARG C 104 24.00 38.35 -38.16
N ASP C 105 23.93 38.10 -39.46
CA ASP C 105 24.34 39.09 -40.46
C ASP C 105 23.25 40.11 -40.75
N ALA C 106 22.16 40.08 -39.98
CA ALA C 106 21.02 40.94 -40.29
C ALA C 106 21.30 42.37 -39.86
N VAL C 107 20.65 43.32 -40.53
CA VAL C 107 20.79 44.71 -40.16
C VAL C 107 19.40 45.27 -39.88
N ILE C 108 19.11 45.45 -38.59
CA ILE C 108 17.87 46.05 -38.11
C ILE C 108 18.27 47.18 -37.18
N ASN C 109 17.77 48.38 -37.47
CA ASN C 109 18.22 49.57 -36.76
C ASN C 109 17.06 50.15 -35.98
N SER C 110 17.38 50.60 -34.76
CA SER C 110 16.45 51.34 -33.92
C SER C 110 17.20 52.57 -33.42
N ASP C 111 16.68 53.75 -33.74
CA ASP C 111 17.37 55.02 -33.48
C ASP C 111 18.78 55.00 -34.05
N GLY C 112 18.90 54.52 -35.28
CA GLY C 112 20.20 54.46 -35.92
C GLY C 112 21.20 53.52 -35.30
N VAL C 113 20.75 52.44 -34.65
CA VAL C 113 21.66 51.47 -34.04
C VAL C 113 21.21 50.08 -34.45
N ASN C 114 22.09 49.35 -35.15
CA ASN C 114 21.85 47.96 -35.50
C ASN C 114 21.73 47.13 -34.23
N VAL C 115 20.51 46.63 -33.94
CA VAL C 115 20.28 45.93 -32.68
C VAL C 115 20.64 44.47 -32.75
N VAL C 116 20.91 43.94 -33.94
CA VAL C 116 21.11 42.49 -34.08
C VAL C 116 22.37 42.02 -33.36
N PRO C 117 23.52 42.70 -33.43
CA PRO C 117 24.68 42.21 -32.68
C PRO C 117 24.45 42.23 -31.17
N GLU C 118 23.64 43.16 -30.67
CA GLU C 118 23.26 43.11 -29.26
C GLU C 118 22.40 41.87 -28.96
N VAL C 119 21.49 41.52 -29.87
CA VAL C 119 20.63 40.35 -29.68
C VAL C 119 21.48 39.08 -29.58
N TRP C 120 22.42 38.91 -30.51
CA TRP C 120 23.25 37.73 -30.55
C TRP C 120 24.36 37.75 -29.51
N ALA C 121 24.64 38.89 -28.88
CA ALA C 121 25.58 38.83 -27.77
C ALA C 121 24.91 38.24 -26.55
N VAL C 122 23.65 38.59 -26.33
CA VAL C 122 22.85 37.94 -25.29
C VAL C 122 22.68 36.45 -25.60
N LYS C 123 22.38 36.12 -26.87
CA LYS C 123 22.22 34.71 -27.22
C LYS C 123 23.53 33.95 -27.07
N ASP C 124 24.66 34.60 -27.29
CA ASP C 124 25.94 33.93 -27.11
C ASP C 124 26.30 33.77 -25.64
N LYS C 125 25.91 34.72 -24.81
CA LYS C 125 26.14 34.56 -23.38
C LYS C 125 25.24 33.48 -22.80
N ILE C 126 24.00 33.38 -23.30
CA ILE C 126 23.11 32.32 -22.84
C ILE C 126 23.68 30.97 -23.20
N LYS C 127 24.07 30.81 -24.46
CA LYS C 127 24.61 29.53 -24.92
C LYS C 127 25.76 29.05 -24.03
N GLN C 128 26.72 29.94 -23.76
CA GLN C 128 27.83 29.62 -22.86
C GLN C 128 27.35 29.26 -21.46
N PHE C 129 26.48 30.08 -20.87
CA PHE C 129 26.02 29.81 -19.51
C PHE C 129 25.30 28.47 -19.44
N SER C 130 24.38 28.23 -20.38
CA SER C 130 23.65 26.97 -20.40
C SER C 130 24.57 25.77 -20.57
N GLU C 131 25.68 25.93 -21.30
CA GLU C 131 26.61 24.81 -21.44
C GLU C 131 27.31 24.48 -20.13
N THR C 132 27.72 25.51 -19.39
CA THR C 132 28.37 25.32 -18.10
C THR C 132 27.36 24.91 -17.04
N PHE C 133 26.10 25.25 -17.26
CA PHE C 133 25.06 24.84 -16.32
C PHE C 133 24.67 23.38 -16.51
N ARG C 134 24.37 23.00 -17.75
CA ARG C 134 23.87 21.65 -18.03
C ARG C 134 24.95 20.56 -17.89
N SER C 135 26.22 20.88 -18.17
CA SER C 135 27.26 19.93 -17.81
C SER C 135 27.47 19.90 -16.30
N GLY C 136 27.25 20.99 -15.59
CA GLY C 136 27.35 20.87 -14.12
C GLY C 136 28.57 21.56 -13.53
N SER C 137 29.33 22.29 -14.33
CA SER C 137 30.46 23.08 -13.79
C SER C 137 29.86 24.14 -12.85
N TRP C 138 28.63 24.55 -13.13
CA TRP C 138 27.94 25.51 -12.24
C TRP C 138 27.34 24.73 -11.07
N VAL C 139 28.16 24.44 -10.07
CA VAL C 139 27.68 23.74 -8.86
C VAL C 139 27.05 24.74 -7.90
N GLY C 140 26.27 24.25 -6.93
CA GLY C 140 25.60 25.13 -5.96
C GLY C 140 26.41 25.37 -4.71
N ALA C 141 25.77 25.87 -3.66
CA ALA C 141 26.50 26.23 -2.45
C ALA C 141 27.04 25.01 -1.72
N THR C 142 26.40 23.85 -1.89
CA THR C 142 26.93 22.61 -1.36
C THR C 142 27.67 21.82 -2.43
N GLY C 143 28.11 22.48 -3.49
CA GLY C 143 28.94 21.84 -4.48
C GLY C 143 28.23 20.87 -5.39
N LYS C 144 26.89 20.82 -5.32
CA LYS C 144 26.17 19.92 -6.20
C LYS C 144 25.73 20.65 -7.47
N PRO C 145 25.77 19.97 -8.62
CA PRO C 145 25.20 20.56 -9.83
C PRO C 145 23.72 20.85 -9.62
N LEU C 146 23.21 21.81 -10.39
CA LEU C 146 21.81 22.22 -10.28
C LEU C 146 21.00 21.57 -11.39
N THR C 147 19.83 21.04 -11.02
CA THR C 147 19.00 20.17 -11.84
C THR C 147 17.61 20.71 -12.08
N ASN C 148 17.12 21.58 -11.23
CA ASN C 148 15.77 22.12 -11.31
C ASN C 148 15.87 23.63 -11.37
N VAL C 149 15.12 24.24 -12.29
CA VAL C 149 15.14 25.68 -12.52
C VAL C 149 13.75 26.24 -12.25
N VAL C 150 13.67 27.32 -11.47
CA VAL C 150 12.44 28.04 -11.22
C VAL C 150 12.57 29.43 -11.83
N SER C 151 11.69 29.74 -12.78
CA SER C 151 11.65 31.04 -13.45
C SER C 151 10.61 31.92 -12.77
N VAL C 152 11.04 33.05 -12.23
CA VAL C 152 10.15 33.94 -11.49
C VAL C 152 9.79 35.12 -12.37
N GLY C 153 8.52 35.25 -12.71
CA GLY C 153 8.06 36.32 -13.57
C GLY C 153 6.58 36.32 -13.84
N ILE C 154 6.04 37.49 -14.11
CA ILE C 154 4.61 37.65 -14.36
C ILE C 154 4.40 37.96 -15.84
N GLY C 155 3.19 37.66 -16.32
CA GLY C 155 2.74 38.05 -17.63
C GLY C 155 3.54 37.55 -18.82
N GLY C 156 4.09 38.48 -19.61
CA GLY C 156 4.87 38.13 -20.78
C GLY C 156 6.04 37.25 -20.43
N SER C 157 6.55 37.35 -19.21
CA SER C 157 7.66 36.53 -18.74
C SER C 157 7.23 35.13 -18.34
N PHE C 158 5.93 34.84 -18.37
CA PHE C 158 5.39 33.59 -17.86
C PHE C 158 4.66 32.84 -18.97
N LEU C 159 3.60 33.40 -19.55
CA LEU C 159 2.74 32.63 -20.43
C LEU C 159 3.48 32.12 -21.65
N GLY C 160 4.29 33.00 -22.28
CA GLY C 160 4.99 32.65 -23.49
C GLY C 160 6.00 31.54 -23.27
N PRO C 161 6.90 31.72 -22.30
CA PRO C 161 7.83 30.62 -21.98
C PRO C 161 7.12 29.35 -21.55
N LEU C 162 5.96 29.47 -20.89
CA LEU C 162 5.22 28.28 -20.48
C LEU C 162 4.63 27.55 -21.68
N PHE C 163 4.05 28.29 -22.62
CA PHE C 163 3.51 27.67 -23.83
C PHE C 163 4.58 26.85 -24.55
N VAL C 164 5.77 27.44 -24.74
CA VAL C 164 6.85 26.77 -25.47
C VAL C 164 7.39 25.58 -24.68
N HIS C 165 7.55 25.75 -23.36
CA HIS C 165 8.01 24.65 -22.53
C HIS C 165 7.04 23.47 -22.59
N THR C 166 5.74 23.75 -22.52
CA THR C 166 4.77 22.66 -22.56
C THR C 166 4.82 21.93 -23.90
N ALA C 167 4.98 22.66 -24.99
CA ALA C 167 4.99 22.03 -26.29
C ALA C 167 6.25 21.20 -26.52
N LEU C 168 7.36 21.61 -25.92
CA LEU C 168 8.64 20.93 -26.11
C LEU C 168 8.76 19.71 -25.22
N GLN C 169 8.07 19.72 -24.07
CA GLN C 169 8.17 18.68 -23.05
C GLN C 169 8.06 17.27 -23.63
N THR C 170 7.12 17.07 -24.55
CA THR C 170 6.88 15.74 -25.10
C THR C 170 7.42 15.59 -26.51
N ASP C 171 8.16 16.56 -27.00
CA ASP C 171 8.91 16.34 -28.23
C ASP C 171 10.07 15.41 -27.91
N PRO C 172 10.25 14.31 -28.66
CA PRO C 172 11.26 13.32 -28.25
C PRO C 172 12.70 13.80 -28.37
N GLU C 173 13.01 14.73 -29.29
CA GLU C 173 14.36 15.30 -29.31
C GLU C 173 14.61 16.13 -28.06
N ALA C 174 13.77 17.13 -27.82
CA ALA C 174 13.95 18.00 -26.67
C ALA C 174 13.74 17.27 -25.36
N ALA C 175 12.86 16.27 -25.32
CA ALA C 175 12.65 15.53 -24.07
C ALA C 175 13.91 14.78 -23.67
N GLU C 176 14.65 14.26 -24.65
CA GLU C 176 15.90 13.58 -24.33
C GLU C 176 16.90 14.55 -23.71
N SER C 177 17.04 15.72 -24.33
CA SER C 177 17.90 16.76 -23.75
C SER C 177 17.42 17.20 -22.36
N ALA C 178 16.14 17.03 -22.04
CA ALA C 178 15.59 17.52 -20.79
C ALA C 178 15.64 16.48 -19.66
N LYS C 179 16.27 15.36 -19.90
CA LYS C 179 16.12 14.20 -19.03
C LYS C 179 16.62 14.50 -17.63
N GLY C 180 15.75 14.32 -16.64
CA GLY C 180 16.13 14.50 -15.25
C GLY C 180 16.16 15.93 -14.78
N ARG C 181 15.68 16.87 -15.58
CA ARG C 181 15.67 18.26 -15.20
C ARG C 181 14.25 18.76 -15.09
N GLN C 182 14.04 19.71 -14.20
CA GLN C 182 12.75 20.36 -14.08
C GLN C 182 12.86 21.84 -14.40
N LEU C 183 11.80 22.37 -15.00
CA LEU C 183 11.65 23.79 -15.26
C LEU C 183 10.27 24.22 -14.78
N ARG C 184 10.23 25.06 -13.74
CA ARG C 184 8.98 25.52 -13.13
C ARG C 184 8.87 27.04 -13.22
N PHE C 185 7.63 27.50 -13.18
CA PHE C 185 7.28 28.91 -13.23
C PHE C 185 6.60 29.36 -11.94
N LEU C 186 7.06 30.47 -11.40
CA LEU C 186 6.46 31.10 -10.23
C LEU C 186 5.95 32.46 -10.68
N ALA C 187 4.64 32.55 -10.87
CA ALA C 187 4.02 33.69 -11.52
C ALA C 187 3.07 34.46 -10.63
N ASN C 188 2.31 33.77 -9.78
CA ASN C 188 1.31 34.40 -8.93
C ASN C 188 1.93 34.90 -7.64
N VAL C 189 1.51 36.07 -7.19
CA VAL C 189 2.07 36.59 -5.95
C VAL C 189 1.49 35.87 -4.75
N ASP C 190 0.32 35.25 -4.91
CA ASP C 190 -0.28 34.31 -3.97
C ASP C 190 0.80 33.36 -3.45
N PRO C 191 1.03 33.32 -2.14
CA PRO C 191 2.05 32.41 -1.59
C PRO C 191 1.79 30.93 -1.86
N VAL C 192 0.58 30.57 -2.27
CA VAL C 192 0.30 29.19 -2.69
C VAL C 192 1.15 28.81 -3.89
N ASP C 193 1.33 29.75 -4.84
CA ASP C 193 2.18 29.44 -6.00
C ASP C 193 3.63 29.23 -5.57
N VAL C 194 4.10 29.98 -4.59
CA VAL C 194 5.44 29.71 -4.05
C VAL C 194 5.48 28.32 -3.43
N ALA C 195 4.47 27.99 -2.62
CA ALA C 195 4.39 26.63 -2.08
C ALA C 195 4.52 25.61 -3.19
N ARG C 196 3.74 25.79 -4.26
CA ARG C 196 3.77 24.85 -5.37
C ARG C 196 5.13 24.82 -6.04
N SER C 197 5.74 25.98 -6.25
CA SER C 197 6.96 26.01 -7.06
C SER C 197 8.12 25.30 -6.35
N ILE C 198 8.18 25.37 -5.02
CA ILE C 198 9.28 24.75 -4.27
C ILE C 198 9.00 23.31 -3.86
N LYS C 199 7.77 22.82 -4.06
CA LYS C 199 7.36 21.51 -3.56
C LYS C 199 8.31 20.43 -4.05
N ASP C 200 8.92 19.72 -3.10
CA ASP C 200 9.85 18.61 -3.39
C ASP C 200 11.07 19.09 -4.20
N LEU C 201 11.53 20.29 -3.94
CA LEU C 201 12.78 20.78 -4.51
C LEU C 201 13.81 20.93 -3.40
N ASP C 202 15.07 20.64 -3.74
CA ASP C 202 16.17 20.85 -2.83
C ASP C 202 16.85 22.16 -3.20
N PRO C 203 16.99 23.13 -2.29
CA PRO C 203 17.76 24.34 -2.63
C PRO C 203 19.14 24.03 -3.16
N ALA C 204 19.81 23.02 -2.61
CA ALA C 204 21.15 22.65 -3.05
C ALA C 204 21.21 22.22 -4.52
N THR C 205 20.08 21.91 -5.16
CA THR C 205 20.08 21.54 -6.57
C THR C 205 19.15 22.42 -7.40
N THR C 206 18.73 23.58 -6.87
CA THR C 206 17.79 24.47 -7.56
C THR C 206 18.50 25.76 -7.98
N LEU C 207 18.39 26.10 -9.28
CA LEU C 207 18.73 27.42 -9.78
C LEU C 207 17.45 28.24 -9.97
N VAL C 208 17.47 29.47 -9.48
CA VAL C 208 16.37 30.42 -9.66
C VAL C 208 16.78 31.44 -10.72
N VAL C 209 15.82 31.80 -11.57
CA VAL C 209 16.00 32.81 -12.62
C VAL C 209 14.94 33.88 -12.41
N VAL C 210 15.36 35.10 -12.05
CA VAL C 210 14.43 36.20 -11.79
C VAL C 210 14.23 37.02 -13.06
N VAL C 211 13.00 37.07 -13.54
CA VAL C 211 12.70 37.71 -14.82
C VAL C 211 11.98 39.03 -14.53
N SER C 212 12.72 40.14 -14.66
CA SER C 212 12.16 41.47 -14.54
C SER C 212 13.13 42.47 -15.16
N LYS C 213 12.67 43.21 -16.18
CA LYS C 213 13.55 44.16 -16.86
C LYS C 213 14.07 45.22 -15.89
N THR C 214 13.17 45.87 -15.18
CA THR C 214 13.52 46.90 -14.21
C THR C 214 13.95 46.33 -12.89
N PHE C 215 13.61 45.08 -12.59
CA PHE C 215 13.88 44.43 -11.30
C PHE C 215 13.17 45.15 -10.15
N THR C 216 12.09 45.86 -10.47
CA THR C 216 11.20 46.44 -9.47
C THR C 216 9.78 45.91 -9.55
N THR C 217 9.47 45.07 -10.54
CA THR C 217 8.14 44.49 -10.71
C THR C 217 7.63 43.89 -9.41
N ALA C 218 6.53 44.45 -8.91
CA ALA C 218 6.12 44.23 -7.53
C ALA C 218 5.89 42.75 -7.22
N GLU C 219 5.02 42.08 -7.98
CA GLU C 219 4.78 40.66 -7.72
C GLU C 219 6.05 39.85 -7.90
N THR C 220 6.82 40.14 -8.96
CA THR C 220 7.95 39.29 -9.29
C THR C 220 9.03 39.37 -8.23
N MET C 221 9.28 40.58 -7.70
CA MET C 221 10.35 40.71 -6.72
C MET C 221 9.93 40.12 -5.37
N LEU C 222 8.66 40.29 -4.99
CA LEU C 222 8.19 39.67 -3.75
C LEU C 222 8.41 38.16 -3.79
N ASN C 223 8.02 37.52 -4.90
CA ASN C 223 8.32 36.11 -5.08
C ASN C 223 9.83 35.86 -5.01
N ALA C 224 10.61 36.65 -5.76
CA ALA C 224 12.06 36.48 -5.75
C ALA C 224 12.64 36.58 -4.35
N ARG C 225 12.23 37.60 -3.59
CA ARG C 225 12.73 37.73 -2.22
C ARG C 225 12.28 36.57 -1.33
N THR C 226 11.05 36.08 -1.53
CA THR C 226 10.58 34.93 -0.77
C THR C 226 11.43 33.70 -1.08
N ILE C 227 11.64 33.41 -2.36
CA ILE C 227 12.38 32.20 -2.71
C ILE C 227 13.88 32.38 -2.49
N LYS C 228 14.36 33.63 -2.41
CA LYS C 228 15.72 33.86 -1.94
C LYS C 228 15.85 33.46 -0.47
N GLU C 229 14.90 33.91 0.35
CA GLU C 229 14.83 33.49 1.75
C GLU C 229 14.78 31.98 1.87
N TRP C 230 14.07 31.32 0.95
CA TRP C 230 14.06 29.86 0.93
C TRP C 230 15.47 29.31 0.80
N ILE C 231 16.29 29.90 -0.08
CA ILE C 231 17.60 29.33 -0.36
C ILE C 231 18.60 29.69 0.74
N VAL C 232 18.51 30.89 1.29
CA VAL C 232 19.47 31.25 2.33
C VAL C 232 19.12 30.52 3.63
N SER C 233 17.83 30.37 3.90
CA SER C 233 17.38 29.63 5.08
C SER C 233 18.10 28.29 5.17
N SER C 234 18.27 27.60 4.05
CA SER C 234 18.90 26.29 4.03
C SER C 234 20.40 26.33 3.77
N LEU C 235 20.91 27.40 3.12
CA LEU C 235 22.28 27.37 2.63
C LEU C 235 23.15 28.54 3.08
N GLY C 236 22.57 29.61 3.61
CA GLY C 236 23.36 30.73 4.10
C GLY C 236 23.43 31.88 3.13
N PRO C 237 23.82 33.06 3.61
CA PRO C 237 23.73 34.26 2.76
C PRO C 237 24.65 34.20 1.56
N GLN C 238 25.68 33.36 1.61
CA GLN C 238 26.62 33.28 0.51
C GLN C 238 26.13 32.39 -0.62
N ALA C 239 24.95 31.78 -0.48
CA ALA C 239 24.44 30.91 -1.53
C ALA C 239 23.71 31.65 -2.63
N VAL C 240 23.27 32.89 -2.38
CA VAL C 240 22.44 33.60 -3.35
C VAL C 240 23.11 33.65 -4.72
N SER C 241 24.38 34.10 -4.77
CA SER C 241 25.01 34.31 -6.07
C SER C 241 25.28 33.01 -6.83
N LYS C 242 25.30 31.86 -6.15
CA LYS C 242 25.46 30.60 -6.87
C LYS C 242 24.13 29.98 -7.30
N HIS C 243 23.01 30.44 -6.74
CA HIS C 243 21.71 29.83 -7.01
C HIS C 243 20.73 30.76 -7.72
N MET C 244 21.02 32.05 -7.84
CA MET C 244 20.08 33.01 -8.41
C MET C 244 20.75 33.83 -9.51
N ILE C 245 20.23 33.74 -10.74
CA ILE C 245 20.64 34.61 -11.84
C ILE C 245 19.41 35.38 -12.29
N ALA C 246 19.61 36.37 -13.18
CA ALA C 246 18.53 37.29 -13.49
C ALA C 246 18.41 37.55 -14.99
N VAL C 247 17.20 37.90 -15.40
CA VAL C 247 16.91 38.42 -16.72
C VAL C 247 16.44 39.84 -16.49
N SER C 248 17.40 40.76 -16.41
CA SER C 248 17.16 42.17 -16.15
C SER C 248 18.21 42.99 -16.86
N THR C 249 17.93 44.29 -17.01
CA THR C 249 18.94 45.27 -17.37
C THR C 249 19.26 46.21 -16.21
N ASN C 250 18.69 45.98 -15.02
CA ASN C 250 18.93 46.87 -13.89
C ASN C 250 20.09 46.33 -13.07
N LEU C 251 21.31 46.64 -13.53
CA LEU C 251 22.49 46.05 -12.92
C LEU C 251 22.61 46.42 -11.44
N LYS C 252 22.22 47.66 -11.10
CA LYS C 252 22.31 48.10 -9.72
C LYS C 252 21.49 47.21 -8.80
N LEU C 253 20.19 47.05 -9.11
CA LEU C 253 19.32 46.23 -8.26
C LEU C 253 19.68 44.75 -8.27
N VAL C 254 20.18 44.24 -9.41
CA VAL C 254 20.60 42.84 -9.46
C VAL C 254 21.71 42.58 -8.46
N LYS C 255 22.75 43.44 -8.45
CA LYS C 255 23.82 43.30 -7.47
C LYS C 255 23.28 43.46 -6.05
N GLU C 256 22.38 44.42 -5.85
CA GLU C 256 21.85 44.72 -4.53
C GLU C 256 21.02 43.57 -3.97
N PHE C 257 20.25 42.92 -4.85
CA PHE C 257 19.57 41.68 -4.53
C PHE C 257 20.53 40.59 -4.09
N GLY C 258 21.77 40.62 -4.59
CA GLY C 258 22.75 39.60 -4.29
C GLY C 258 23.12 38.68 -5.45
N ILE C 259 22.70 38.98 -6.65
CA ILE C 259 23.07 38.19 -7.81
C ILE C 259 24.30 38.82 -8.45
N ASP C 260 25.23 37.99 -8.92
CA ASP C 260 26.38 38.55 -9.61
C ASP C 260 25.91 39.37 -10.82
N PRO C 261 26.38 40.61 -10.97
CA PRO C 261 25.92 41.43 -12.10
C PRO C 261 26.32 40.88 -13.46
N ASN C 262 27.37 40.05 -13.52
CA ASN C 262 27.67 39.36 -14.76
C ASN C 262 26.64 38.29 -15.10
N ASN C 263 25.76 37.93 -14.18
CA ASN C 263 24.73 36.93 -14.41
C ASN C 263 23.37 37.55 -14.68
N ALA C 264 23.38 38.79 -15.17
CA ALA C 264 22.17 39.45 -15.66
C ALA C 264 22.15 39.37 -17.18
N PHE C 265 21.00 38.96 -17.72
CA PHE C 265 20.86 38.76 -19.16
C PHE C 265 19.84 39.73 -19.72
N ALA C 266 20.29 40.60 -20.63
CA ALA C 266 19.54 41.77 -21.03
C ALA C 266 18.48 41.46 -22.08
N PHE C 267 17.45 42.29 -22.11
CA PHE C 267 16.56 42.43 -23.26
C PHE C 267 16.13 43.89 -23.27
N TRP C 268 15.35 44.28 -24.29
CA TRP C 268 15.25 45.68 -24.69
C TRP C 268 13.82 46.16 -24.71
N ASP C 269 13.67 47.49 -24.64
CA ASP C 269 12.35 48.12 -24.58
C ASP C 269 11.56 47.96 -25.85
N TRP C 270 12.19 47.61 -26.97
CA TRP C 270 11.43 47.32 -28.16
C TRP C 270 10.84 45.91 -28.15
N VAL C 271 11.02 45.17 -27.06
CA VAL C 271 10.49 43.83 -26.88
C VAL C 271 9.26 43.95 -25.99
N GLY C 272 8.08 43.95 -26.57
CA GLY C 272 6.87 43.84 -25.78
C GLY C 272 6.87 42.57 -24.95
N GLY C 273 6.42 42.69 -23.70
CA GLY C 273 6.44 41.53 -22.82
C GLY C 273 5.72 40.31 -23.39
N ARG C 274 4.56 40.54 -24.00
CA ARG C 274 3.86 39.43 -24.66
C ARG C 274 4.52 38.99 -25.95
N TYR C 275 5.61 39.64 -26.37
CA TYR C 275 6.39 39.23 -27.53
C TYR C 275 7.78 38.76 -27.12
N SER C 276 8.01 38.54 -25.83
CA SER C 276 9.34 38.50 -25.24
C SER C 276 9.94 37.11 -25.17
N VAL C 277 9.26 36.08 -25.68
CA VAL C 277 9.70 34.74 -25.38
C VAL C 277 10.95 34.38 -26.17
N CYS C 278 11.10 34.96 -27.36
CA CYS C 278 12.32 34.72 -28.16
C CYS C 278 13.49 35.53 -27.59
N SER C 279 13.20 36.38 -26.60
CA SER C 279 14.29 37.11 -25.92
C SER C 279 14.86 36.22 -24.82
N ALA C 280 15.82 36.73 -24.07
CA ALA C 280 16.37 35.94 -22.96
C ALA C 280 15.22 35.52 -22.03
N VAL C 281 14.12 36.28 -21.99
CA VAL C 281 13.03 35.94 -21.07
C VAL C 281 12.70 34.45 -21.14
N GLY C 282 12.56 33.93 -22.35
CA GLY C 282 12.41 32.49 -22.49
C GLY C 282 13.71 31.77 -22.82
N VAL C 283 14.58 32.39 -23.61
CA VAL C 283 15.71 31.66 -24.17
C VAL C 283 16.68 31.22 -23.08
N LEU C 284 16.81 32.00 -22.02
CA LEU C 284 17.66 31.54 -20.91
C LEU C 284 17.03 30.31 -20.25
N PRO C 285 15.84 30.39 -19.65
CA PRO C 285 15.33 29.18 -18.94
C PRO C 285 15.14 27.97 -19.85
N LEU C 286 14.73 28.18 -21.10
CA LEU C 286 14.55 27.09 -22.03
C LEU C 286 15.88 26.41 -22.39
N SER C 287 16.95 27.19 -22.56
CA SER C 287 18.25 26.58 -22.85
C SER C 287 18.74 25.73 -21.69
N LEU C 288 18.52 26.19 -20.45
CA LEU C 288 18.87 25.36 -19.31
C LEU C 288 18.12 24.03 -19.35
N GLN C 289 16.83 24.06 -19.63
CA GLN C 289 16.06 22.83 -19.59
C GLN C 289 16.37 21.96 -20.80
N TYR C 290 16.47 22.56 -21.98
CA TYR C 290 16.53 21.80 -23.22
C TYR C 290 17.84 21.89 -23.98
N GLY C 291 18.76 22.76 -23.57
CA GLY C 291 19.98 22.95 -24.33
C GLY C 291 19.76 24.03 -25.35
N PHE C 292 20.74 24.92 -25.51
CA PHE C 292 20.62 26.02 -26.45
C PHE C 292 20.30 25.57 -27.87
N PRO C 293 20.83 24.46 -28.40
CA PRO C 293 20.50 24.13 -29.80
C PRO C 293 19.04 23.79 -30.02
N ILE C 294 18.38 23.14 -29.05
CA ILE C 294 16.93 22.97 -29.15
C ILE C 294 16.25 24.33 -29.30
N VAL C 295 16.60 25.27 -28.43
CA VAL C 295 16.03 26.63 -28.50
C VAL C 295 16.38 27.33 -29.82
N GLN C 296 17.51 26.98 -30.44
CA GLN C 296 17.88 27.64 -31.69
C GLN C 296 16.99 27.20 -32.85
N LYS C 297 16.70 25.90 -32.95
CA LYS C 297 15.68 25.42 -33.88
C LYS C 297 14.41 26.24 -33.78
N PHE C 298 13.96 26.46 -32.55
CA PHE C 298 12.75 27.22 -32.28
C PHE C 298 12.88 28.67 -32.76
N LEU C 299 14.00 29.33 -32.42
CA LEU C 299 14.24 30.68 -32.95
C LEU C 299 14.25 30.68 -34.49
N GLU C 300 14.89 29.67 -35.11
CA GLU C 300 14.87 29.56 -36.57
C GLU C 300 13.46 29.37 -37.11
N GLY C 301 12.60 28.67 -36.37
CA GLY C 301 11.26 28.45 -36.89
C GLY C 301 10.44 29.72 -36.92
N ALA C 302 10.51 30.51 -35.85
CA ALA C 302 9.84 31.82 -35.89
C ALA C 302 10.48 32.72 -36.94
N SER C 303 11.79 32.57 -37.15
CA SER C 303 12.46 33.40 -38.16
C SER C 303 11.97 33.07 -39.57
N SER C 304 11.65 31.80 -39.85
CA SER C 304 11.14 31.41 -41.15
C SER C 304 9.77 32.01 -41.43
N ILE C 305 8.93 32.15 -40.40
CA ILE C 305 7.65 32.83 -40.58
C ILE C 305 7.86 34.31 -40.71
N ASP C 306 8.82 34.86 -39.97
CA ASP C 306 9.16 36.29 -40.09
C ASP C 306 9.39 36.65 -41.54
N ASN C 307 10.20 35.86 -42.23
CA ASN C 307 10.55 36.13 -43.62
C ASN C 307 9.35 35.97 -44.54
N HIS C 308 8.59 34.89 -44.32
CA HIS C 308 7.36 34.65 -45.06
C HIS C 308 6.38 35.79 -44.89
N PHE C 309 6.13 36.19 -43.63
CA PHE C 309 5.19 37.27 -43.37
C PHE C 309 5.62 38.55 -44.07
N HIS C 310 6.93 38.78 -44.17
CA HIS C 310 7.48 40.04 -44.62
C HIS C 310 7.42 40.18 -46.15
N THR C 311 7.66 39.08 -46.85
CA THR C 311 7.88 39.09 -48.30
C THR C 311 6.74 38.47 -49.09
N SER C 312 5.90 37.65 -48.48
CA SER C 312 4.91 36.90 -49.24
C SER C 312 3.76 37.79 -49.72
N SER C 313 3.30 37.54 -50.94
CA SER C 313 2.08 38.17 -51.41
C SER C 313 0.90 37.78 -50.54
N PHE C 314 -0.14 38.63 -50.53
CA PHE C 314 -1.21 38.53 -49.54
C PHE C 314 -2.05 37.27 -49.71
N GLU C 315 -2.21 36.77 -50.93
CA GLU C 315 -2.96 35.54 -51.14
C GLU C 315 -2.16 34.29 -50.78
N LYS C 316 -0.88 34.43 -50.49
CA LYS C 316 -0.07 33.32 -50.00
C LYS C 316 0.40 33.53 -48.58
N ASN C 317 -0.05 34.60 -47.93
CA ASN C 317 0.56 35.08 -46.69
C ASN C 317 -0.27 34.62 -45.49
N ILE C 318 0.15 33.54 -44.85
CA ILE C 318 -0.66 32.94 -43.78
C ILE C 318 -0.97 33.93 -42.66
N PRO C 319 0.00 34.69 -42.11
CA PRO C 319 -0.37 35.63 -41.05
C PRO C 319 -1.27 36.76 -41.53
N VAL C 320 -1.19 37.13 -42.80
CA VAL C 320 -2.05 38.18 -43.34
C VAL C 320 -3.48 37.67 -43.49
N LEU C 321 -3.63 36.47 -44.06
CA LEU C 321 -4.96 35.89 -44.24
C LEU C 321 -5.64 35.68 -42.88
N LEU C 322 -4.86 35.26 -41.88
CA LEU C 322 -5.44 35.02 -40.56
C LEU C 322 -5.92 36.33 -39.92
N GLY C 323 -5.11 37.37 -39.99
CA GLY C 323 -5.53 38.65 -39.43
C GLY C 323 -6.79 39.16 -40.10
N LEU C 324 -6.83 39.09 -41.44
CA LEU C 324 -7.95 39.63 -42.19
C LEU C 324 -9.21 38.78 -42.00
N LEU C 325 -9.05 37.46 -41.92
CA LEU C 325 -10.19 36.59 -41.68
C LEU C 325 -10.78 36.83 -40.30
N SER C 326 -9.91 37.01 -39.30
CA SER C 326 -10.42 37.32 -37.97
C SER C 326 -11.10 38.68 -37.96
N VAL C 327 -10.51 39.69 -38.62
CA VAL C 327 -11.18 40.98 -38.72
C VAL C 327 -12.53 40.82 -39.41
N TRP C 328 -12.61 39.93 -40.39
CA TRP C 328 -13.87 39.68 -41.07
C TRP C 328 -14.94 39.11 -40.13
N ASN C 329 -14.54 38.25 -39.18
CA ASN C 329 -15.50 37.69 -38.25
C ASN C 329 -15.86 38.69 -37.15
N VAL C 330 -14.87 39.40 -36.60
CA VAL C 330 -15.12 40.29 -35.47
C VAL C 330 -15.91 41.52 -35.90
N SER C 331 -15.46 42.21 -36.97
CA SER C 331 -16.00 43.53 -37.30
C SER C 331 -17.08 43.50 -38.36
N PHE C 332 -17.24 42.40 -39.07
CA PHE C 332 -18.23 42.37 -40.14
C PHE C 332 -19.27 41.28 -39.93
N LEU C 333 -18.88 40.13 -39.41
CA LEU C 333 -19.86 39.14 -38.97
C LEU C 333 -20.35 39.44 -37.56
N GLY C 334 -19.50 40.02 -36.71
CA GLY C 334 -19.92 40.47 -35.40
C GLY C 334 -19.65 39.50 -34.27
N TYR C 335 -18.82 38.49 -34.48
CA TYR C 335 -18.51 37.50 -33.45
C TYR C 335 -17.51 38.05 -32.45
N PRO C 336 -17.93 38.26 -31.20
CA PRO C 336 -17.05 38.92 -30.22
C PRO C 336 -15.95 38.02 -29.66
N ALA C 337 -16.07 36.70 -29.77
CA ALA C 337 -15.08 35.81 -29.22
C ALA C 337 -14.53 34.89 -30.30
N ARG C 338 -13.37 34.33 -30.00
CA ARG C 338 -12.74 33.35 -30.86
C ARG C 338 -12.21 32.25 -29.97
N ALA C 339 -12.27 31.02 -30.45
CA ALA C 339 -11.85 29.88 -29.63
C ALA C 339 -10.61 29.24 -30.23
N ILE C 340 -9.58 29.05 -29.40
CA ILE C 340 -8.31 28.51 -29.85
C ILE C 340 -8.26 27.04 -29.45
N LEU C 341 -8.37 26.15 -30.43
CA LEU C 341 -8.71 24.74 -30.20
C LEU C 341 -7.69 23.81 -30.86
N PRO C 342 -6.46 23.78 -30.35
CA PRO C 342 -5.47 22.86 -30.92
C PRO C 342 -5.71 21.43 -30.46
N TYR C 343 -5.64 20.50 -31.41
CA TYR C 343 -5.84 19.08 -31.11
C TYR C 343 -4.48 18.45 -30.82
N SER C 344 -3.90 18.89 -29.70
CA SER C 344 -2.68 18.30 -29.17
C SER C 344 -2.48 18.75 -27.73
N GLN C 345 -2.21 17.79 -26.86
CA GLN C 345 -1.90 18.11 -25.46
C GLN C 345 -0.59 18.86 -25.32
N ALA C 346 0.34 18.69 -26.29
CA ALA C 346 1.56 19.49 -26.23
C ALA C 346 1.26 20.99 -26.36
N LEU C 347 0.23 21.36 -27.12
CA LEU C 347 -0.21 22.75 -27.21
C LEU C 347 -1.18 23.14 -26.09
N GLU C 348 -1.07 22.48 -24.94
CA GLU C 348 -2.00 22.74 -23.83
C GLU C 348 -2.02 24.20 -23.42
N LYS C 349 -0.85 24.84 -23.34
CA LYS C 349 -0.75 26.22 -22.86
C LYS C 349 -0.63 27.25 -24.02
N LEU C 350 -1.07 26.87 -25.22
CA LEU C 350 -1.11 27.80 -26.34
C LEU C 350 -2.18 28.86 -26.13
N ALA C 351 -3.41 28.42 -25.90
CA ALA C 351 -4.51 29.35 -25.66
C ALA C 351 -4.23 30.37 -24.57
N PRO C 352 -3.67 30.03 -23.40
CA PRO C 352 -3.47 31.07 -22.38
C PRO C 352 -2.46 32.10 -22.82
N HIS C 353 -1.50 31.71 -23.65
CA HIS C 353 -0.58 32.70 -24.20
C HIS C 353 -1.26 33.55 -25.27
N ILE C 354 -2.02 32.91 -26.17
CA ILE C 354 -2.68 33.66 -27.24
C ILE C 354 -3.63 34.67 -26.63
N GLN C 355 -4.15 34.37 -25.43
CA GLN C 355 -5.07 35.25 -24.73
C GLN C 355 -4.41 36.55 -24.34
N GLN C 356 -3.18 36.48 -23.85
CA GLN C 356 -2.46 37.72 -23.59
C GLN C 356 -2.09 38.40 -24.88
N LEU C 357 -1.41 37.66 -25.77
CA LEU C 357 -0.92 38.21 -27.02
C LEU C 357 -2.03 38.92 -27.78
N SER C 358 -3.23 38.31 -27.85
CA SER C 358 -4.34 38.95 -28.55
C SER C 358 -4.99 40.04 -27.70
N MET C 359 -5.32 39.75 -26.44
CA MET C 359 -6.20 40.67 -25.71
C MET C 359 -5.47 41.87 -25.14
N GLU C 360 -4.19 41.72 -24.80
CA GLU C 360 -3.46 42.89 -24.32
C GLU C 360 -3.08 43.82 -25.46
N SER C 361 -2.89 43.28 -26.67
CA SER C 361 -2.49 44.09 -27.81
C SER C 361 -3.68 44.85 -28.39
N ASN C 362 -4.76 44.14 -28.74
CA ASN C 362 -5.87 44.70 -29.49
C ASN C 362 -7.09 45.05 -28.65
N GLY C 363 -7.02 44.92 -27.34
CA GLY C 363 -8.13 45.34 -26.52
C GLY C 363 -8.06 46.81 -26.19
N LYS C 364 -8.36 47.65 -27.18
CA LYS C 364 -8.12 49.09 -27.07
C LYS C 364 -9.37 49.84 -27.51
N GLY C 365 -9.47 51.08 -27.04
CA GLY C 365 -10.71 51.83 -27.23
C GLY C 365 -10.58 53.02 -28.15
N VAL C 366 -9.35 53.34 -28.55
CA VAL C 366 -9.02 54.49 -29.38
C VAL C 366 -8.09 54.05 -30.50
N SER C 367 -8.14 54.77 -31.63
CA SER C 367 -7.16 54.56 -32.68
C SER C 367 -5.75 54.88 -32.14
N ILE C 368 -4.73 54.50 -32.91
CA ILE C 368 -3.35 54.82 -32.50
C ILE C 368 -3.16 56.33 -32.36
N ASP C 369 -4.04 57.13 -32.97
CA ASP C 369 -3.91 58.58 -32.88
C ASP C 369 -4.63 59.19 -31.68
N GLY C 370 -5.53 58.43 -31.05
CA GLY C 370 -6.34 58.93 -29.96
C GLY C 370 -7.80 59.12 -30.28
N VAL C 371 -8.30 58.64 -31.41
CA VAL C 371 -9.70 58.79 -31.77
C VAL C 371 -10.49 57.62 -31.21
N ARG C 372 -11.49 57.90 -30.37
CA ARG C 372 -12.29 56.81 -29.82
C ARG C 372 -13.07 56.11 -30.94
N LEU C 373 -12.97 54.75 -30.98
CA LEU C 373 -13.49 53.98 -32.10
C LEU C 373 -15.02 53.84 -32.02
N PRO C 374 -15.75 53.93 -33.16
CA PRO C 374 -17.19 53.69 -33.13
C PRO C 374 -17.45 52.19 -33.05
N TYR C 375 -16.41 51.38 -33.14
CA TYR C 375 -16.59 49.91 -33.17
C TYR C 375 -15.67 49.29 -32.13
N GLU C 376 -16.04 48.10 -31.66
CA GLU C 376 -15.15 47.38 -30.71
C GLU C 376 -14.10 46.63 -31.53
N ALA C 377 -12.94 46.37 -30.95
CA ALA C 377 -11.85 45.76 -31.73
C ALA C 377 -11.47 44.36 -31.25
N GLY C 378 -10.54 44.27 -30.30
CA GLY C 378 -10.00 42.97 -29.90
C GLY C 378 -11.04 41.98 -29.48
N GLU C 379 -10.91 40.76 -29.97
CA GLU C 379 -11.91 39.72 -29.68
C GLU C 379 -11.57 39.03 -28.37
N ILE C 380 -12.56 38.40 -27.75
CA ILE C 380 -12.37 37.65 -26.51
C ILE C 380 -11.85 36.28 -26.89
N ASP C 381 -10.61 36.00 -26.51
CA ASP C 381 -9.93 34.77 -26.86
C ASP C 381 -9.99 33.81 -25.68
N PHE C 382 -10.42 32.57 -25.96
CA PHE C 382 -10.34 31.49 -24.98
C PHE C 382 -10.03 30.21 -25.71
N GLY C 383 -9.67 29.18 -24.96
CA GLY C 383 -9.38 27.90 -25.58
C GLY C 383 -9.04 26.84 -24.57
N GLU C 384 -9.15 25.59 -25.04
CA GLU C 384 -8.66 24.38 -24.39
C GLU C 384 -8.28 23.43 -25.51
N PRO C 385 -7.25 22.61 -25.33
CA PRO C 385 -6.87 21.67 -26.41
C PRO C 385 -7.94 20.61 -26.60
N GLY C 386 -8.21 20.27 -27.85
CA GLY C 386 -8.97 19.06 -28.14
C GLY C 386 -8.14 17.83 -27.80
N THR C 387 -8.82 16.75 -27.33
CA THR C 387 -10.27 16.65 -27.17
C THR C 387 -10.84 17.18 -25.84
N ASN C 388 -9.98 17.69 -24.97
CA ASN C 388 -10.44 18.21 -23.68
C ASN C 388 -11.54 19.24 -23.91
N GLY C 389 -11.22 20.29 -24.66
CA GLY C 389 -12.20 21.31 -24.94
C GLY C 389 -13.43 20.75 -25.63
N GLN C 390 -13.25 19.73 -26.45
CA GLN C 390 -14.38 19.15 -27.15
C GLN C 390 -15.41 18.57 -26.17
N HIS C 391 -14.98 17.96 -25.07
CA HIS C 391 -15.93 17.39 -24.12
C HIS C 391 -16.29 18.34 -23.00
N SER C 392 -16.11 19.65 -23.21
CA SER C 392 -16.36 20.66 -22.20
C SER C 392 -17.33 21.73 -22.68
N PHE C 393 -17.00 22.50 -23.71
CA PHE C 393 -17.85 23.62 -24.13
C PHE C 393 -18.29 23.55 -25.59
N TYR C 394 -18.03 22.45 -26.29
CA TYR C 394 -18.44 22.45 -27.70
C TYR C 394 -19.95 22.46 -27.86
N GLN C 395 -20.70 22.09 -26.82
CA GLN C 395 -22.15 22.18 -26.85
C GLN C 395 -22.59 23.58 -27.26
N LEU C 396 -21.96 24.60 -26.67
CA LEU C 396 -22.36 25.96 -26.95
C LEU C 396 -21.93 26.38 -28.36
N ILE C 397 -20.73 26.00 -28.78
CA ILE C 397 -20.25 26.35 -30.11
C ILE C 397 -21.05 25.64 -31.20
N HIS C 398 -21.76 24.59 -30.86
CA HIS C 398 -22.61 23.95 -31.84
C HIS C 398 -24.05 24.43 -31.82
N GLN C 399 -24.57 24.82 -30.65
CA GLN C 399 -25.98 25.16 -30.53
C GLN C 399 -26.25 26.46 -29.79
N GLY C 400 -25.26 27.07 -29.15
CA GLY C 400 -25.41 28.38 -28.54
C GLY C 400 -24.90 29.49 -29.44
N ARG C 401 -24.31 30.51 -28.81
CA ARG C 401 -23.71 31.59 -29.59
C ARG C 401 -22.60 31.04 -30.47
N VAL C 402 -22.48 31.60 -31.66
CA VAL C 402 -21.47 31.18 -32.61
C VAL C 402 -20.12 31.75 -32.22
N ILE C 403 -19.08 30.93 -32.34
CA ILE C 403 -17.71 31.34 -32.08
C ILE C 403 -16.84 30.81 -33.20
N PRO C 404 -16.13 31.67 -33.95
CA PRO C 404 -15.16 31.16 -34.93
C PRO C 404 -14.03 30.45 -34.21
N CYS C 405 -13.62 29.31 -34.77
CA CYS C 405 -12.69 28.39 -34.13
C CYS C 405 -11.41 28.29 -34.94
N ASP C 406 -10.28 28.26 -34.24
CA ASP C 406 -9.02 27.84 -34.82
C ASP C 406 -8.78 26.38 -34.43
N PHE C 407 -8.81 25.49 -35.41
CA PHE C 407 -8.40 24.10 -35.24
C PHE C 407 -6.95 23.94 -35.70
N ILE C 408 -6.15 23.30 -34.87
CA ILE C 408 -4.75 23.05 -35.18
C ILE C 408 -4.50 21.56 -35.04
N GLY C 409 -3.93 20.96 -36.07
CA GLY C 409 -3.62 19.54 -36.06
C GLY C 409 -2.20 19.29 -36.50
N VAL C 410 -1.66 18.17 -36.03
CA VAL C 410 -0.29 17.76 -36.29
C VAL C 410 -0.31 16.37 -36.90
N ILE C 411 0.41 16.20 -38.01
CA ILE C 411 0.35 14.94 -38.74
C ILE C 411 1.12 13.84 -38.01
N LYS C 412 2.32 14.14 -37.58
CA LYS C 412 3.17 13.20 -36.87
C LYS C 412 2.95 13.38 -35.38
N SER C 413 2.72 12.28 -34.65
CA SER C 413 2.53 12.42 -33.22
C SER C 413 3.88 12.58 -32.57
N GLN C 414 3.93 13.38 -31.51
CA GLN C 414 5.10 13.38 -30.65
C GLN C 414 5.28 12.06 -29.92
N GLN C 415 4.18 11.46 -29.45
CA GLN C 415 4.23 10.25 -28.63
C GLN C 415 3.29 9.21 -29.24
N PRO C 416 3.69 8.59 -30.35
CA PRO C 416 2.76 7.68 -31.03
C PRO C 416 2.52 6.40 -30.23
N VAL C 417 1.24 6.02 -30.14
CA VAL C 417 0.82 4.79 -29.50
C VAL C 417 -0.04 4.00 -30.48
N TYR C 418 0.16 2.69 -30.50
CA TYR C 418 -0.76 1.78 -31.17
C TYR C 418 -0.84 0.49 -30.35
N LEU C 419 -2.06 0.03 -30.10
CA LEU C 419 -2.27 -1.21 -29.37
C LEU C 419 -2.77 -2.27 -30.33
N LYS C 420 -2.23 -3.48 -30.20
CA LYS C 420 -2.57 -4.56 -31.10
C LYS C 420 -4.07 -4.82 -31.05
N GLY C 421 -4.67 -4.98 -32.21
CA GLY C 421 -6.09 -5.20 -32.32
C GLY C 421 -6.91 -3.94 -32.43
N GLU C 422 -6.35 -2.78 -32.14
CA GLU C 422 -7.14 -1.55 -32.18
C GLU C 422 -7.49 -1.21 -33.62
N THR C 423 -8.65 -0.56 -33.78
CA THR C 423 -9.07 -0.14 -35.10
C THR C 423 -8.21 1.01 -35.62
N VAL C 424 -7.74 1.87 -34.72
CA VAL C 424 -6.89 2.99 -35.08
C VAL C 424 -5.89 3.23 -33.96
N SER C 425 -4.70 3.71 -34.32
CA SER C 425 -3.75 4.22 -33.35
C SER C 425 -4.37 5.36 -32.56
N ASN C 426 -3.77 5.67 -31.41
CA ASN C 426 -4.34 6.71 -30.57
C ASN C 426 -4.35 8.06 -31.28
N HIS C 427 -3.28 8.34 -32.05
CA HIS C 427 -3.18 9.64 -32.74
C HIS C 427 -4.19 9.75 -33.88
N ASP C 428 -4.45 8.63 -34.57
CA ASP C 428 -5.55 8.63 -35.53
C ASP C 428 -6.89 8.84 -34.85
N GLU C 429 -7.06 8.35 -33.62
CA GLU C 429 -8.30 8.60 -32.89
C GLU C 429 -8.46 10.08 -32.57
N LEU C 430 -7.42 10.68 -31.97
CA LEU C 430 -7.43 12.12 -31.75
C LEU C 430 -7.74 12.87 -33.05
N MET C 431 -7.07 12.50 -34.14
CA MET C 431 -7.19 13.28 -35.38
C MET C 431 -8.55 13.10 -36.05
N SER C 432 -9.21 11.96 -35.88
CA SER C 432 -10.54 11.82 -36.47
C SER C 432 -11.48 12.94 -36.03
N ASN C 433 -11.33 13.40 -34.78
CA ASN C 433 -12.12 14.54 -34.32
C ASN C 433 -11.69 15.83 -35.00
N PHE C 434 -10.40 15.94 -35.29
CA PHE C 434 -9.88 17.13 -35.95
C PHE C 434 -10.50 17.31 -37.33
N PHE C 435 -10.64 16.21 -38.07
CA PHE C 435 -11.25 16.31 -39.39
C PHE C 435 -12.78 16.32 -39.34
N ALA C 436 -13.39 15.97 -38.21
CA ALA C 436 -14.84 15.89 -38.20
C ALA C 436 -15.51 17.16 -37.66
N GLN C 437 -15.04 17.67 -36.53
CA GLN C 437 -15.66 18.84 -35.90
C GLN C 437 -15.85 20.03 -36.83
N PRO C 438 -14.84 20.49 -37.60
CA PRO C 438 -15.10 21.66 -38.47
C PRO C 438 -16.17 21.39 -39.51
N ASP C 439 -16.27 20.16 -40.00
CA ASP C 439 -17.38 19.81 -40.89
C ASP C 439 -18.71 19.85 -40.14
N ALA C 440 -18.74 19.39 -38.89
CA ALA C 440 -19.98 19.43 -38.13
C ALA C 440 -20.46 20.85 -37.91
N LEU C 441 -19.54 21.77 -37.65
CA LEU C 441 -19.92 23.16 -37.48
C LEU C 441 -20.37 23.76 -38.81
N ALA C 442 -19.69 23.38 -39.89
CA ALA C 442 -20.04 23.87 -41.22
C ALA C 442 -21.43 23.41 -41.64
N TYR C 443 -21.68 22.10 -41.59
CA TYR C 443 -22.90 21.51 -42.15
C TYR C 443 -24.09 21.57 -41.19
N GLY C 444 -23.92 21.14 -39.95
CA GLY C 444 -25.12 21.11 -39.14
C GLY C 444 -25.99 19.93 -39.54
N LYS C 445 -27.23 19.97 -39.10
CA LYS C 445 -28.18 18.89 -39.39
C LYS C 445 -29.58 19.47 -39.34
N THR C 446 -30.26 19.43 -40.47
CA THR C 446 -31.58 20.04 -40.60
C THR C 446 -32.64 19.17 -39.93
N PRO C 447 -33.74 19.78 -39.47
CA PRO C 447 -34.88 18.98 -39.04
C PRO C 447 -35.28 17.93 -40.05
N GLU C 448 -35.06 18.17 -41.34
CA GLU C 448 -35.46 17.20 -42.35
C GLU C 448 -34.65 15.92 -42.22
N GLN C 449 -33.32 16.01 -42.26
CA GLN C 449 -32.50 14.84 -42.00
C GLN C 449 -32.96 14.16 -40.71
N LEU C 450 -33.35 14.95 -39.71
CA LEU C 450 -33.75 14.39 -38.42
C LEU C 450 -35.09 13.66 -38.53
N HIS C 451 -36.10 14.30 -39.13
CA HIS C 451 -37.34 13.60 -39.41
C HIS C 451 -37.09 12.41 -40.31
N SER C 452 -36.24 12.58 -41.32
CA SER C 452 -35.86 11.47 -42.17
C SER C 452 -35.16 10.35 -41.40
N GLU C 453 -34.72 10.62 -40.18
CA GLU C 453 -34.13 9.59 -39.33
C GLU C 453 -35.09 9.09 -38.26
N LYS C 454 -36.39 9.40 -38.40
CA LYS C 454 -37.44 8.99 -37.45
C LYS C 454 -37.20 9.55 -36.05
N VAL C 455 -36.53 10.70 -35.95
CA VAL C 455 -36.36 11.35 -34.64
C VAL C 455 -37.73 11.81 -34.16
N PRO C 456 -38.16 11.43 -32.96
CA PRO C 456 -39.46 11.89 -32.45
C PRO C 456 -39.60 13.40 -32.54
N GLU C 457 -40.81 13.84 -32.89
CA GLU C 457 -41.05 15.24 -33.25
C GLU C 457 -40.76 16.19 -32.09
N ASN C 458 -41.10 15.79 -30.85
CA ASN C 458 -40.86 16.64 -29.68
C ASN C 458 -39.38 16.89 -29.46
N LEU C 459 -38.51 16.07 -30.04
CA LEU C 459 -37.08 16.12 -29.79
C LEU C 459 -36.31 16.82 -30.89
N ILE C 460 -36.90 17.01 -32.06
CA ILE C 460 -36.15 17.37 -33.26
C ILE C 460 -35.52 18.75 -33.10
N SER C 461 -36.28 19.70 -32.56
CA SER C 461 -35.74 21.02 -32.30
C SER C 461 -34.51 20.94 -31.41
N HIS C 462 -34.55 20.05 -30.42
CA HIS C 462 -33.44 19.95 -29.48
C HIS C 462 -32.20 19.40 -30.16
N LYS C 463 -32.36 18.51 -31.13
CA LYS C 463 -31.28 17.87 -31.85
C LYS C 463 -30.89 18.59 -33.14
N THR C 464 -31.37 19.81 -33.35
CA THR C 464 -31.13 20.51 -34.60
C THR C 464 -29.85 21.35 -34.53
N PHE C 465 -28.99 21.19 -35.53
CA PHE C 465 -27.76 21.96 -35.68
C PHE C 465 -27.92 22.88 -36.88
N GLN C 466 -27.87 24.19 -36.62
CA GLN C 466 -28.06 25.18 -37.67
C GLN C 466 -26.99 25.08 -38.76
N GLY C 467 -25.85 24.47 -38.47
CA GLY C 467 -24.73 24.59 -39.39
C GLY C 467 -24.29 26.05 -39.58
N ASN C 468 -23.50 26.24 -40.64
CA ASN C 468 -23.05 27.55 -41.09
C ASN C 468 -22.15 28.25 -40.06
N ARG C 469 -21.34 27.48 -39.32
CA ARG C 469 -20.54 28.11 -38.27
C ARG C 469 -19.07 28.04 -38.61
N PRO C 470 -18.36 29.16 -38.60
CA PRO C 470 -17.08 29.24 -39.30
C PRO C 470 -15.94 28.62 -38.52
N SER C 471 -14.95 28.11 -39.26
CA SER C 471 -13.73 27.65 -38.64
C SER C 471 -12.64 27.64 -39.69
N LEU C 472 -11.41 27.49 -39.23
CA LEU C 472 -10.28 27.27 -40.11
C LEU C 472 -9.42 26.19 -39.48
N SER C 473 -8.48 25.68 -40.25
CA SER C 473 -7.70 24.52 -39.82
C SER C 473 -6.25 24.68 -40.22
N PHE C 474 -5.34 24.68 -39.24
CA PHE C 474 -3.91 24.51 -39.47
C PHE C 474 -3.60 23.03 -39.43
N LEU C 475 -2.89 22.53 -40.43
CA LEU C 475 -2.35 21.18 -40.40
C LEU C 475 -0.84 21.29 -40.43
N LEU C 476 -0.17 20.74 -39.44
CA LEU C 476 1.28 20.88 -39.33
C LEU C 476 1.94 19.54 -39.59
N SER C 477 3.12 19.58 -40.23
CA SER C 477 3.81 18.33 -40.54
C SER C 477 4.23 17.60 -39.28
N SER C 478 4.74 18.34 -38.29
CA SER C 478 5.05 17.80 -36.97
C SER C 478 5.05 18.96 -35.99
N LEU C 479 5.44 18.68 -34.75
CA LEU C 479 5.43 19.66 -33.68
C LEU C 479 6.73 19.52 -32.86
N SER C 480 7.86 19.78 -33.52
CA SER C 480 9.15 19.89 -32.86
C SER C 480 9.44 21.37 -32.60
N ALA C 481 10.65 21.67 -32.14
CA ALA C 481 10.99 23.05 -31.77
C ALA C 481 10.82 24.01 -32.94
N TYR C 482 11.31 23.62 -34.13
CA TYR C 482 11.16 24.47 -35.32
C TYR C 482 9.70 24.84 -35.56
N GLU C 483 8.81 23.83 -35.53
CA GLU C 483 7.40 24.09 -35.81
C GLU C 483 6.73 24.88 -34.67
N ILE C 484 7.10 24.58 -33.43
CA ILE C 484 6.62 25.39 -32.30
C ILE C 484 6.94 26.87 -32.54
N GLY C 485 8.17 27.17 -32.98
CA GLY C 485 8.53 28.55 -33.28
C GLY C 485 7.72 29.16 -34.44
N GLN C 486 7.41 28.35 -35.45
CA GLN C 486 6.58 28.82 -36.55
C GLN C 486 5.20 29.24 -36.05
N LEU C 487 4.54 28.37 -35.27
CA LEU C 487 3.19 28.64 -34.76
C LEU C 487 3.16 29.95 -33.99
N LEU C 488 4.08 30.12 -33.04
CA LEU C 488 4.15 31.35 -32.27
C LEU C 488 4.27 32.57 -33.17
N SER C 489 5.24 32.54 -34.10
CA SER C 489 5.42 33.68 -35.00
C SER C 489 4.16 33.94 -35.80
N ILE C 490 3.49 32.87 -36.28
CA ILE C 490 2.24 33.04 -37.02
C ILE C 490 1.27 33.88 -36.21
N TYR C 491 1.09 33.55 -34.92
CA TYR C 491 0.09 34.23 -34.10
C TYR C 491 0.53 35.64 -33.71
N GLU C 492 1.83 35.84 -33.47
CA GLU C 492 2.34 37.19 -33.18
C GLU C 492 2.03 38.16 -34.31
N HIS C 493 2.18 37.72 -35.55
CA HIS C 493 2.00 38.62 -36.69
C HIS C 493 0.54 38.80 -37.06
N ARG C 494 -0.27 37.74 -36.89
CA ARG C 494 -1.71 37.84 -37.14
C ARG C 494 -2.32 38.89 -36.23
N ILE C 495 -1.97 38.84 -34.94
CA ILE C 495 -2.41 39.86 -34.00
C ILE C 495 -2.00 41.24 -34.49
N ALA C 496 -0.74 41.37 -34.94
CA ALA C 496 -0.28 42.67 -35.47
C ALA C 496 -1.12 43.12 -36.66
N VAL C 497 -1.53 42.18 -37.53
CA VAL C 497 -2.28 42.55 -38.73
C VAL C 497 -3.66 43.06 -38.36
N GLN C 498 -4.30 42.47 -37.34
CA GLN C 498 -5.59 42.97 -36.90
C GLN C 498 -5.49 44.38 -36.32
N GLY C 499 -4.48 44.63 -35.49
CA GLY C 499 -4.26 45.99 -35.00
C GLY C 499 -3.97 46.98 -36.12
N PHE C 500 -3.19 46.54 -37.12
CA PHE C 500 -2.91 47.40 -38.27
C PHE C 500 -4.18 47.71 -39.05
N ILE C 501 -4.99 46.69 -39.35
CA ILE C 501 -6.24 46.95 -40.04
C ILE C 501 -7.13 47.85 -39.19
N TRP C 502 -7.24 47.56 -37.90
CA TRP C 502 -8.17 48.32 -37.07
C TRP C 502 -7.72 49.76 -36.87
N GLY C 503 -6.42 50.03 -36.99
CA GLY C 503 -5.91 51.38 -36.80
C GLY C 503 -5.46 51.68 -35.39
N ILE C 504 -5.27 50.64 -34.56
CA ILE C 504 -4.96 50.84 -33.14
C ILE C 504 -3.50 50.57 -32.88
N ASN C 505 -3.07 50.69 -31.62
CA ASN C 505 -1.69 50.45 -31.24
C ASN C 505 -1.59 49.08 -30.54
N SER C 506 -1.19 48.06 -31.29
CA SER C 506 -1.16 46.69 -30.78
C SER C 506 -0.09 46.53 -29.73
N PHE C 507 0.68 47.59 -29.45
CA PHE C 507 1.92 47.42 -28.71
C PHE C 507 2.03 48.23 -27.43
N ASP C 508 1.04 49.04 -27.07
CA ASP C 508 1.03 49.62 -25.74
C ASP C 508 0.05 48.88 -24.84
N GLN C 509 0.01 49.29 -23.57
CA GLN C 509 -0.89 48.66 -22.61
C GLN C 509 -1.15 49.62 -21.46
N TRP C 510 -1.75 50.76 -21.78
CA TRP C 510 -2.06 51.73 -20.74
C TRP C 510 -3.11 51.20 -19.78
N GLY C 511 -3.97 50.31 -20.26
CA GLY C 511 -5.08 49.83 -19.47
C GLY C 511 -4.69 49.17 -18.16
N VAL C 512 -3.41 48.79 -18.00
CA VAL C 512 -2.99 48.10 -16.80
C VAL C 512 -2.68 49.05 -15.65
N GLU C 513 -2.78 50.36 -15.85
CA GLU C 513 -2.26 51.31 -14.87
C GLU C 513 -3.25 51.67 -13.75
N LEU C 514 -4.55 51.77 -14.05
CA LEU C 514 -5.52 52.18 -13.03
C LEU C 514 -5.64 51.14 -11.92
N GLY C 515 -5.61 49.86 -12.27
CA GLY C 515 -5.58 48.83 -11.26
C GLY C 515 -4.34 48.90 -10.40
N LYS C 516 -3.19 49.23 -11.02
CA LYS C 516 -1.95 49.22 -10.25
C LYS C 516 -1.90 50.39 -9.26
N SER C 517 -2.45 51.55 -9.65
CA SER C 517 -2.56 52.68 -8.72
C SER C 517 -3.35 52.29 -7.49
N LEU C 518 -4.57 51.82 -7.68
CA LEU C 518 -5.47 51.58 -6.56
C LEU C 518 -4.98 50.42 -5.71
N ALA C 519 -4.32 49.44 -6.33
CA ALA C 519 -3.64 48.40 -5.56
C ALA C 519 -2.61 49.02 -4.62
N SER C 520 -1.76 49.91 -5.14
CA SER C 520 -0.83 50.64 -4.29
C SER C 520 -1.56 51.34 -3.16
N THR C 521 -2.71 51.94 -3.46
CA THR C 521 -3.46 52.63 -2.43
C THR C 521 -3.89 51.66 -1.34
N VAL C 522 -4.38 50.49 -1.73
CA VAL C 522 -4.84 49.51 -0.75
C VAL C 522 -3.66 48.95 0.07
N ARG C 523 -2.53 48.66 -0.58
CA ARG C 523 -1.37 48.16 0.14
C ARG C 523 -0.99 49.11 1.28
N LYS C 524 -1.06 50.42 1.03
CA LYS C 524 -0.82 51.39 2.09
C LYS C 524 -1.80 51.17 3.24
N GLN C 525 -3.09 51.05 2.92
CA GLN C 525 -4.10 50.88 3.94
C GLN C 525 -3.90 49.59 4.72
N LEU C 526 -3.48 48.52 4.03
CA LEU C 526 -3.18 47.27 4.71
C LEU C 526 -1.97 47.42 5.64
N HIS C 527 -0.87 48.00 5.13
CA HIS C 527 0.29 48.29 5.98
C HIS C 527 -0.12 49.07 7.22
N ALA C 528 -0.83 50.19 7.04
CA ALA C 528 -1.24 51.02 8.17
C ALA C 528 -2.07 50.22 9.17
N SER C 529 -3.02 49.41 8.70
CA SER C 529 -3.88 48.68 9.61
C SER C 529 -3.13 47.62 10.38
N ARG C 530 -2.31 46.83 9.69
CA ARG C 530 -1.56 45.77 10.36
C ARG C 530 -0.53 46.32 11.33
N MET C 531 0.03 47.50 11.06
CA MET C 531 1.14 48.00 11.87
C MET C 531 0.65 49.01 12.90
N GLU C 532 0.15 50.16 12.43
CA GLU C 532 -0.33 51.22 13.32
C GLU C 532 -1.73 50.96 13.85
N GLY C 533 -2.39 49.88 13.44
CA GLY C 533 -3.76 49.67 13.83
C GLY C 533 -4.72 50.70 13.27
N LYS C 534 -4.29 51.48 12.29
CA LYS C 534 -5.12 52.55 11.73
C LYS C 534 -6.45 51.97 11.25
N PRO C 535 -7.56 52.68 11.47
CA PRO C 535 -8.84 52.23 10.90
C PRO C 535 -8.83 52.36 9.39
N VAL C 536 -9.87 51.90 8.73
CA VAL C 536 -9.98 52.02 7.29
C VAL C 536 -10.52 53.40 6.93
N GLU C 537 -9.84 54.08 6.02
CA GLU C 537 -10.19 55.45 5.66
C GLU C 537 -9.93 55.64 4.16
N GLY C 538 -10.84 56.36 3.50
CA GLY C 538 -10.65 56.78 2.12
C GLY C 538 -11.40 56.00 1.06
N PHE C 539 -12.11 54.93 1.43
CA PHE C 539 -12.77 54.06 0.46
C PHE C 539 -14.28 54.20 0.51
N ASN C 540 -14.93 53.90 -0.61
CA ASN C 540 -16.37 53.85 -0.67
C ASN C 540 -16.91 52.83 0.33
N PRO C 541 -18.18 52.95 0.73
CA PRO C 541 -18.72 52.07 1.78
C PRO C 541 -18.50 50.58 1.53
N SER C 542 -18.70 50.13 0.29
CA SER C 542 -18.57 48.70 0.01
C SER C 542 -17.14 48.21 0.24
N SER C 543 -16.16 48.91 -0.34
CA SER C 543 -14.77 48.49 -0.19
C SER C 543 -14.29 48.63 1.24
N ALA C 544 -14.77 49.66 1.93
CA ALA C 544 -14.52 49.81 3.36
C ALA C 544 -14.90 48.54 4.10
N SER C 545 -16.13 48.07 3.88
CA SER C 545 -16.62 46.88 4.56
C SER C 545 -15.83 45.63 4.19
N LEU C 546 -15.48 45.50 2.91
CA LEU C 546 -14.67 44.36 2.47
C LEU C 546 -13.29 44.37 3.12
N LEU C 547 -12.66 45.55 3.20
CA LEU C 547 -11.36 45.65 3.84
C LEU C 547 -11.48 45.41 5.35
N THR C 548 -12.49 46.00 5.98
CA THR C 548 -12.74 45.75 7.39
C THR C 548 -12.88 44.26 7.69
N ARG C 549 -13.74 43.58 6.93
CA ARG C 549 -13.84 42.13 7.02
C ARG C 549 -12.47 41.47 6.90
N PHE C 550 -11.71 41.80 5.85
CA PHE C 550 -10.42 41.17 5.63
C PHE C 550 -9.49 41.38 6.82
N LEU C 551 -9.49 42.58 7.38
CA LEU C 551 -8.53 42.91 8.42
C LEU C 551 -8.94 42.44 9.80
N ALA C 552 -10.20 42.00 9.98
CA ALA C 552 -10.64 41.54 11.29
C ALA C 552 -9.90 40.30 11.75
N VAL C 553 -9.67 39.34 10.86
CA VAL C 553 -8.96 38.12 11.21
C VAL C 553 -7.47 38.41 11.13
N LYS C 554 -6.84 38.61 12.28
CA LYS C 554 -5.38 38.70 12.28
C LYS C 554 -4.80 37.34 11.90
N PRO C 555 -3.90 37.27 10.91
CA PRO C 555 -3.24 35.99 10.58
C PRO C 555 -2.35 35.54 11.72
N SER C 556 -2.21 34.21 11.86
CA SER C 556 -1.47 33.62 12.97
C SER C 556 0.03 33.75 12.70
N THR C 557 0.65 34.80 13.28
CA THR C 557 2.09 35.08 13.13
C THR C 557 2.59 36.00 14.23
N PRO C 558 3.74 35.71 14.86
CA PRO C 558 4.38 36.71 15.72
C PRO C 558 4.72 37.94 14.89
N TYR C 559 4.84 39.08 15.57
CA TYR C 559 5.01 40.33 14.84
C TYR C 559 6.35 40.34 14.08
N ASP C 560 6.26 40.60 12.77
CA ASP C 560 7.44 40.80 11.93
C ASP C 560 8.33 39.55 11.85
N THR C 561 7.76 38.36 12.03
CA THR C 561 8.51 37.11 12.09
C THR C 561 8.33 36.31 10.79
N THR C 562 9.43 35.75 10.28
CA THR C 562 9.41 35.09 8.98
C THR C 562 8.70 33.74 9.05
N VAL C 563 7.85 33.47 8.05
CA VAL C 563 7.16 32.19 7.90
C VAL C 563 7.14 31.81 6.41
N LEU C 564 7.57 30.58 6.10
CA LEU C 564 7.66 30.03 4.75
C LEU C 564 6.68 28.86 4.61
N PRO C 565 6.33 28.45 3.37
CA PRO C 565 5.27 27.45 3.19
C PRO C 565 5.69 26.05 3.60
N LYS C 566 4.68 25.17 3.64
CA LYS C 566 4.85 23.75 3.96
C LYS C 566 5.41 23.53 5.36
N ALA D 5 -45.31 30.03 -22.41
CA ALA D 5 -44.74 30.82 -23.50
C ALA D 5 -43.27 31.12 -23.25
N LEU D 6 -42.65 31.80 -24.22
CA LEU D 6 -41.28 32.25 -24.10
C LEU D 6 -41.16 33.37 -23.07
N ILE D 7 -40.11 33.31 -22.25
CA ILE D 7 -39.97 34.30 -21.17
C ILE D 7 -39.79 35.70 -21.74
N SER D 8 -39.20 35.81 -22.93
CA SER D 8 -39.04 37.12 -23.56
C SER D 8 -40.35 37.69 -24.07
N ASP D 9 -41.47 36.99 -23.87
CA ASP D 9 -42.79 37.53 -24.18
C ASP D 9 -43.51 38.08 -22.95
N THR D 10 -43.05 37.73 -21.76
CA THR D 10 -43.69 38.25 -20.56
C THR D 10 -43.52 39.75 -20.45
N ASP D 11 -44.37 40.36 -19.64
CA ASP D 11 -44.25 41.78 -19.37
C ASP D 11 -43.14 42.06 -18.38
N GLN D 12 -42.81 41.09 -17.53
CA GLN D 12 -41.69 41.26 -16.62
C GLN D 12 -40.37 41.29 -17.39
N TRP D 13 -40.29 40.57 -18.50
CA TRP D 13 -39.11 40.63 -19.36
C TRP D 13 -39.04 41.96 -20.09
N LYS D 14 -40.20 42.50 -20.46
CA LYS D 14 -40.24 43.77 -21.16
C LYS D 14 -40.01 44.94 -20.21
N ALA D 15 -40.61 44.89 -19.01
CA ALA D 15 -40.35 45.94 -18.02
C ALA D 15 -38.86 46.10 -17.76
N LEU D 16 -38.12 44.99 -17.77
CA LEU D 16 -36.69 45.06 -17.56
C LEU D 16 -35.96 45.65 -18.77
N GLN D 17 -36.48 45.45 -19.98
CA GLN D 17 -35.83 46.05 -21.14
C GLN D 17 -35.96 47.57 -21.12
N ALA D 18 -37.05 48.08 -20.55
CA ALA D 18 -37.18 49.52 -20.37
C ALA D 18 -36.22 50.03 -19.31
N HIS D 19 -36.14 49.32 -18.17
CA HIS D 19 -35.26 49.71 -17.09
C HIS D 19 -33.81 49.87 -17.54
N VAL D 20 -33.43 49.21 -18.63
CA VAL D 20 -32.05 49.32 -19.15
C VAL D 20 -31.72 50.77 -19.46
N GLY D 21 -32.65 51.50 -20.07
CA GLY D 21 -32.38 52.88 -20.45
C GLY D 21 -32.02 53.76 -19.25
N ALA D 22 -32.79 53.65 -18.17
CA ALA D 22 -32.53 54.46 -16.97
C ALA D 22 -31.21 54.07 -16.31
N ILE D 23 -30.88 52.78 -16.30
CA ILE D 23 -29.57 52.36 -15.82
C ILE D 23 -28.47 52.93 -16.70
N HIS D 24 -28.73 53.04 -18.01
CA HIS D 24 -27.74 53.56 -18.94
C HIS D 24 -27.37 55.00 -18.63
N LYS D 25 -28.23 55.72 -17.90
CA LYS D 25 -27.98 57.07 -17.46
C LYS D 25 -27.17 57.15 -16.17
N THR D 26 -26.86 56.01 -15.56
CA THR D 26 -26.08 55.99 -14.33
C THR D 26 -24.65 55.58 -14.62
N HIS D 27 -23.77 55.95 -13.69
CA HIS D 27 -22.36 55.56 -13.71
C HIS D 27 -22.00 55.06 -12.33
N LEU D 28 -21.33 53.91 -12.26
CA LEU D 28 -20.97 53.34 -10.97
C LEU D 28 -20.23 54.32 -10.09
N ARG D 29 -19.47 55.26 -10.69
CA ARG D 29 -18.70 56.23 -9.90
C ARG D 29 -19.60 57.07 -9.02
N ASP D 30 -20.84 57.30 -9.44
CA ASP D 30 -21.84 57.92 -8.59
C ASP D 30 -22.64 56.89 -7.79
N LEU D 31 -22.88 55.70 -8.34
CA LEU D 31 -23.62 54.70 -7.58
C LEU D 31 -22.84 54.23 -6.37
N MET D 32 -21.52 54.07 -6.51
CA MET D 32 -20.73 53.46 -5.45
C MET D 32 -20.57 54.36 -4.23
N THR D 33 -21.16 55.54 -4.23
CA THR D 33 -21.11 56.44 -3.10
C THR D 33 -22.33 56.36 -2.20
N ASP D 34 -23.43 55.76 -2.68
CA ASP D 34 -24.63 55.53 -1.88
C ASP D 34 -24.39 54.37 -0.93
N ALA D 35 -24.41 54.66 0.37
CA ALA D 35 -24.14 53.62 1.36
C ALA D 35 -25.31 52.64 1.45
N ASP D 36 -26.55 53.13 1.36
CA ASP D 36 -27.70 52.23 1.44
C ASP D 36 -27.77 51.33 0.22
N ARG D 37 -27.43 51.85 -0.96
CA ARG D 37 -27.36 50.98 -2.13
C ARG D 37 -26.34 49.86 -1.92
N CYS D 38 -25.10 50.23 -1.54
CA CYS D 38 -24.04 49.23 -1.41
C CYS D 38 -24.39 48.17 -0.36
N LYS D 39 -24.97 48.58 0.77
CA LYS D 39 -25.32 47.63 1.82
C LYS D 39 -26.48 46.73 1.40
N ALA D 40 -27.49 47.31 0.75
CA ALA D 40 -28.62 46.52 0.29
C ALA D 40 -28.19 45.42 -0.67
N MET D 41 -27.17 45.66 -1.47
CA MET D 41 -26.77 44.75 -2.55
C MET D 41 -25.64 43.83 -2.11
N THR D 42 -25.85 43.13 -1.00
CA THR D 42 -24.97 42.09 -0.54
C THR D 42 -25.80 40.86 -0.22
N ALA D 43 -25.13 39.82 0.28
CA ALA D 43 -25.72 38.62 0.87
C ALA D 43 -24.62 37.82 1.54
N GLU D 44 -24.97 37.15 2.64
CA GLU D 44 -24.00 36.41 3.44
C GLU D 44 -24.59 35.05 3.78
N PHE D 45 -23.73 34.03 3.83
CA PHE D 45 -24.13 32.74 4.41
C PHE D 45 -22.88 32.03 4.89
N GLU D 46 -22.83 31.73 6.19
CA GLU D 46 -21.66 31.09 6.82
C GLU D 46 -20.42 31.89 6.38
N GLY D 47 -19.36 31.25 5.91
CA GLY D 47 -18.16 31.97 5.53
C GLY D 47 -18.15 32.58 4.14
N VAL D 48 -19.34 32.74 3.54
CA VAL D 48 -19.47 33.21 2.16
C VAL D 48 -20.13 34.58 2.18
N PHE D 49 -19.36 35.61 1.85
CA PHE D 49 -19.88 36.97 1.70
C PHE D 49 -19.90 37.34 0.22
N LEU D 50 -21.07 37.77 -0.26
CA LEU D 50 -21.26 38.20 -1.64
C LEU D 50 -21.53 39.70 -1.64
N ASP D 51 -20.70 40.45 -2.36
CA ASP D 51 -20.88 41.89 -2.57
C ASP D 51 -21.02 42.12 -4.06
N TYR D 52 -22.21 42.48 -4.50
CA TYR D 52 -22.47 42.74 -5.90
C TYR D 52 -22.90 44.19 -6.10
N SER D 53 -22.42 45.08 -5.23
CA SER D 53 -22.75 46.48 -5.37
C SER D 53 -22.16 47.09 -6.64
N ARG D 54 -21.14 46.46 -7.23
CA ARG D 54 -20.54 46.97 -8.46
C ARG D 54 -21.21 46.43 -9.71
N GLN D 55 -22.48 46.04 -9.61
CA GLN D 55 -23.28 45.70 -10.78
C GLN D 55 -23.95 46.94 -11.33
N GLN D 56 -24.15 46.97 -12.64
CA GLN D 56 -24.87 48.07 -13.29
C GLN D 56 -26.36 47.88 -12.99
N ALA D 57 -26.73 48.27 -11.79
CA ALA D 57 -28.06 48.01 -11.29
C ALA D 57 -28.25 48.76 -9.99
N THR D 58 -29.51 48.91 -9.61
CA THR D 58 -29.94 49.43 -8.32
C THR D 58 -30.80 48.36 -7.64
N THR D 59 -31.31 48.70 -6.47
CA THR D 59 -32.30 47.85 -5.82
C THR D 59 -33.56 47.74 -6.67
N GLU D 60 -33.91 48.79 -7.41
CA GLU D 60 -35.06 48.68 -8.30
C GLU D 60 -34.82 47.62 -9.37
N THR D 61 -33.60 47.56 -9.92
CA THR D 61 -33.25 46.51 -10.86
C THR D 61 -33.47 45.14 -10.24
N VAL D 62 -33.13 45.01 -8.97
CA VAL D 62 -33.29 43.73 -8.27
C VAL D 62 -34.76 43.34 -8.19
N ASP D 63 -35.61 44.27 -7.74
CA ASP D 63 -37.03 43.97 -7.62
C ASP D 63 -37.64 43.59 -8.97
N LYS D 64 -37.17 44.20 -10.05
CA LYS D 64 -37.69 43.83 -11.35
C LYS D 64 -37.19 42.45 -11.78
N LEU D 65 -35.98 42.08 -11.36
CA LEU D 65 -35.54 40.71 -11.61
C LEU D 65 -36.33 39.72 -10.77
N PHE D 66 -36.67 40.08 -9.52
CA PHE D 66 -37.46 39.18 -8.68
C PHE D 66 -38.80 38.85 -9.33
N LYS D 67 -39.50 39.87 -9.80
CA LYS D 67 -40.76 39.63 -10.49
C LYS D 67 -40.56 38.81 -11.76
N LEU D 68 -39.46 39.01 -12.48
CA LEU D 68 -39.19 38.14 -13.62
C LEU D 68 -38.98 36.70 -13.17
N ALA D 69 -38.31 36.51 -12.02
CA ALA D 69 -38.20 35.17 -11.46
C ALA D 69 -39.56 34.64 -11.05
N GLU D 70 -40.40 35.51 -10.48
CA GLU D 70 -41.75 35.10 -10.11
C GLU D 70 -42.53 34.63 -11.32
N ALA D 71 -42.51 35.42 -12.41
CA ALA D 71 -43.23 35.02 -13.60
C ALA D 71 -42.68 33.71 -14.16
N ALA D 72 -41.36 33.56 -14.14
CA ALA D 72 -40.75 32.36 -14.72
C ALA D 72 -40.87 31.14 -13.83
N LYS D 73 -41.55 31.25 -12.69
CA LYS D 73 -41.80 30.11 -11.80
C LYS D 73 -40.49 29.53 -11.29
N LEU D 74 -39.55 30.40 -10.93
CA LEU D 74 -38.23 29.95 -10.54
C LEU D 74 -38.27 29.12 -9.27
N LYS D 75 -39.05 29.56 -8.28
CA LYS D 75 -39.11 28.82 -7.01
C LYS D 75 -39.70 27.44 -7.20
N GLU D 76 -40.66 27.29 -8.12
CA GLU D 76 -41.28 25.99 -8.34
C GLU D 76 -40.35 25.06 -9.13
N LYS D 77 -39.50 25.64 -9.99
CA LYS D 77 -38.55 24.83 -10.73
C LYS D 77 -37.45 24.31 -9.82
N ILE D 78 -36.98 25.14 -8.88
CA ILE D 78 -35.94 24.68 -7.96
C ILE D 78 -36.46 23.54 -7.11
N ASP D 79 -37.69 23.69 -6.62
CA ASP D 79 -38.31 22.65 -5.78
C ASP D 79 -38.45 21.35 -6.55
N LYS D 80 -38.95 21.42 -7.78
CA LYS D 80 -39.07 20.24 -8.62
C LYS D 80 -37.71 19.57 -8.84
N MET D 81 -36.62 20.35 -8.83
CA MET D 81 -35.31 19.73 -8.94
C MET D 81 -34.98 18.94 -7.69
N PHE D 82 -35.13 19.57 -6.51
CA PHE D 82 -34.85 18.92 -5.23
C PHE D 82 -35.83 17.78 -4.95
N LYS D 83 -37.06 17.86 -5.45
CA LYS D 83 -38.03 16.81 -5.20
C LYS D 83 -37.77 15.57 -6.04
N GLY D 84 -36.84 15.61 -6.98
CA GLY D 84 -36.59 14.47 -7.82
C GLY D 84 -37.54 14.32 -8.99
N GLU D 85 -38.29 15.36 -9.33
CA GLU D 85 -39.10 15.31 -10.53
C GLU D 85 -38.23 15.30 -11.78
N LYS D 86 -38.77 14.74 -12.87
CA LYS D 86 -37.99 14.54 -14.10
C LYS D 86 -37.95 15.84 -14.89
N ILE D 87 -37.08 16.75 -14.47
CA ILE D 87 -37.07 18.08 -15.08
C ILE D 87 -36.17 18.15 -16.32
N ASN D 88 -35.17 17.28 -16.45
CA ASN D 88 -34.54 17.08 -17.75
C ASN D 88 -35.55 16.33 -18.65
N THR D 89 -36.43 17.07 -19.34
CA THR D 89 -37.55 16.42 -20.03
C THR D 89 -37.15 15.83 -21.37
N THR D 90 -36.14 16.39 -22.03
CA THR D 90 -35.71 15.86 -23.32
C THR D 90 -35.03 14.51 -23.16
N GLU D 91 -34.42 14.24 -22.01
CA GLU D 91 -33.90 12.91 -21.73
C GLU D 91 -34.75 12.10 -20.76
N ASN D 92 -35.85 12.68 -20.25
CA ASN D 92 -36.73 12.05 -19.24
C ASN D 92 -35.95 11.57 -18.00
N ARG D 93 -35.23 12.49 -17.38
CA ARG D 93 -34.39 12.17 -16.23
C ARG D 93 -34.66 13.13 -15.07
N SER D 94 -34.39 12.65 -13.86
CA SER D 94 -34.30 13.52 -12.69
C SER D 94 -32.96 14.26 -12.73
N VAL D 95 -32.88 15.37 -12.00
CA VAL D 95 -31.64 16.16 -11.88
C VAL D 95 -31.35 16.26 -10.39
N LEU D 96 -30.42 15.43 -9.89
CA LEU D 96 -30.35 15.12 -8.48
C LEU D 96 -28.90 15.08 -7.97
N HIS D 97 -28.04 15.99 -8.46
CA HIS D 97 -26.69 16.04 -7.90
C HIS D 97 -26.73 16.40 -6.43
N VAL D 98 -27.72 17.17 -6.01
CA VAL D 98 -27.88 17.47 -4.58
C VAL D 98 -28.01 16.20 -3.74
N ALA D 99 -28.61 15.13 -4.29
CA ALA D 99 -28.74 13.90 -3.51
C ALA D 99 -27.37 13.34 -3.14
N LEU D 100 -26.37 13.62 -3.97
CA LEU D 100 -25.01 13.11 -3.79
C LEU D 100 -24.39 13.54 -2.48
N ARG D 101 -24.84 14.64 -1.88
CA ARG D 101 -24.29 15.17 -0.64
C ARG D 101 -25.36 15.34 0.42
N ALA D 102 -26.51 14.69 0.22
CA ALA D 102 -27.59 14.76 1.17
C ALA D 102 -27.24 13.98 2.44
N PRO D 103 -27.80 14.37 3.58
CA PRO D 103 -27.55 13.61 4.81
C PRO D 103 -28.14 12.22 4.70
N ARG D 104 -27.56 11.29 5.47
CA ARG D 104 -27.86 9.87 5.28
C ARG D 104 -29.34 9.54 5.50
N ASP D 105 -30.04 10.33 6.33
CA ASP D 105 -31.46 10.12 6.59
C ASP D 105 -32.37 10.87 5.63
N ALA D 106 -31.82 11.52 4.59
CA ALA D 106 -32.66 12.27 3.69
C ALA D 106 -33.53 11.33 2.85
N VAL D 107 -34.63 11.87 2.33
CA VAL D 107 -35.54 11.13 1.46
C VAL D 107 -35.70 11.92 0.17
N ILE D 108 -35.16 11.38 -0.91
CA ILE D 108 -35.20 12.04 -2.21
C ILE D 108 -35.54 10.95 -3.22
N ASN D 109 -36.74 11.01 -3.77
CA ASN D 109 -37.25 9.91 -4.58
C ASN D 109 -37.16 10.21 -6.06
N SER D 110 -36.66 9.22 -6.78
CA SER D 110 -36.65 9.27 -8.23
C SER D 110 -37.29 7.98 -8.70
N ASP D 111 -38.26 8.12 -9.62
CA ASP D 111 -38.96 6.99 -10.21
C ASP D 111 -39.46 6.02 -9.13
N GLY D 112 -39.89 6.57 -8.00
CA GLY D 112 -40.45 5.79 -6.92
C GLY D 112 -39.46 5.24 -5.91
N VAL D 113 -38.17 5.57 -6.02
CA VAL D 113 -37.13 4.95 -5.20
C VAL D 113 -36.31 6.03 -4.50
N ASN D 114 -36.17 5.91 -3.18
CA ASN D 114 -35.34 6.83 -2.40
C ASN D 114 -33.88 6.61 -2.78
N VAL D 115 -33.31 7.56 -3.55
CA VAL D 115 -31.95 7.39 -4.05
C VAL D 115 -30.91 7.55 -2.95
N VAL D 116 -31.26 8.15 -1.80
CA VAL D 116 -30.25 8.46 -0.79
C VAL D 116 -29.52 7.24 -0.24
N PRO D 117 -30.20 6.14 0.15
CA PRO D 117 -29.45 4.96 0.61
C PRO D 117 -28.46 4.44 -0.42
N GLU D 118 -28.75 4.55 -1.70
CA GLU D 118 -27.78 4.08 -2.69
C GLU D 118 -26.59 5.03 -2.80
N VAL D 119 -26.82 6.35 -2.70
CA VAL D 119 -25.68 7.27 -2.67
C VAL D 119 -24.75 6.89 -1.52
N TRP D 120 -25.33 6.54 -0.36
CA TRP D 120 -24.52 6.28 0.83
C TRP D 120 -23.91 4.89 0.81
N ALA D 121 -24.53 3.94 0.11
CA ALA D 121 -23.87 2.66 -0.10
C ALA D 121 -22.53 2.87 -0.80
N VAL D 122 -22.55 3.58 -1.94
CA VAL D 122 -21.32 3.78 -2.69
C VAL D 122 -20.32 4.58 -1.87
N LYS D 123 -20.77 5.64 -1.20
CA LYS D 123 -19.89 6.39 -0.29
C LYS D 123 -19.23 5.47 0.73
N ASP D 124 -20.03 4.59 1.37
CA ASP D 124 -19.51 3.71 2.41
C ASP D 124 -18.51 2.72 1.85
N LYS D 125 -18.74 2.25 0.63
CA LYS D 125 -17.77 1.40 -0.04
C LYS D 125 -16.50 2.17 -0.43
N ILE D 126 -16.66 3.40 -0.93
CA ILE D 126 -15.48 4.24 -1.17
C ILE D 126 -14.70 4.43 0.12
N LYS D 127 -15.42 4.78 1.20
CA LYS D 127 -14.77 5.01 2.49
C LYS D 127 -13.97 3.79 2.92
N GLN D 128 -14.55 2.60 2.79
CA GLN D 128 -13.83 1.40 3.19
C GLN D 128 -12.65 1.12 2.27
N PHE D 129 -12.89 1.15 0.96
CA PHE D 129 -11.76 0.92 0.05
C PHE D 129 -10.67 1.97 0.25
N SER D 130 -11.06 3.24 0.47
CA SER D 130 -10.06 4.27 0.67
C SER D 130 -9.26 4.00 1.93
N GLU D 131 -9.89 3.37 2.92
CA GLU D 131 -9.21 3.05 4.17
C GLU D 131 -8.25 1.87 3.98
N THR D 132 -8.70 0.80 3.30
CA THR D 132 -7.81 -0.28 2.92
C THR D 132 -6.66 0.23 2.04
N PHE D 133 -6.95 1.18 1.14
CA PHE D 133 -5.95 1.56 0.14
C PHE D 133 -4.82 2.37 0.77
N ARG D 134 -5.17 3.33 1.61
CA ARG D 134 -4.15 4.24 2.16
C ARG D 134 -3.40 3.61 3.33
N SER D 135 -3.89 2.51 3.89
CA SER D 135 -3.16 1.91 4.99
C SER D 135 -2.07 0.96 4.51
N GLY D 136 -2.09 0.61 3.23
CA GLY D 136 -1.14 -0.34 2.68
C GLY D 136 -1.70 -1.73 2.45
N SER D 137 -2.89 -2.05 2.98
CA SER D 137 -3.39 -3.42 2.85
C SER D 137 -3.96 -3.71 1.47
N TRP D 138 -4.05 -2.71 0.59
CA TRP D 138 -4.11 -3.00 -0.83
C TRP D 138 -2.68 -2.94 -1.35
N VAL D 139 -2.30 -3.92 -2.18
CA VAL D 139 -0.94 -4.00 -2.67
C VAL D 139 -0.93 -4.34 -4.15
N GLY D 140 0.15 -3.91 -4.81
CA GLY D 140 0.31 -4.14 -6.22
C GLY D 140 0.98 -5.46 -6.51
N ALA D 141 1.21 -5.68 -7.81
CA ALA D 141 1.72 -6.96 -8.31
C ALA D 141 3.04 -7.36 -7.66
N THR D 142 3.84 -6.42 -7.19
CA THR D 142 5.11 -6.74 -6.54
C THR D 142 5.03 -6.52 -5.03
N GLY D 143 3.83 -6.56 -4.47
CA GLY D 143 3.69 -6.40 -3.05
C GLY D 143 3.97 -5.00 -2.58
N LYS D 144 3.93 -4.13 -3.41
CA LYS D 144 4.20 -2.79 -2.94
C LYS D 144 2.88 -2.03 -2.80
N PRO D 145 2.84 -1.05 -1.92
CA PRO D 145 1.61 -0.26 -1.77
C PRO D 145 1.48 0.80 -2.87
N LEU D 146 0.25 0.99 -3.34
CA LEU D 146 -0.04 1.94 -4.41
C LEU D 146 -0.23 3.33 -3.82
N THR D 147 0.60 4.30 -4.26
CA THR D 147 0.55 5.67 -3.76
C THR D 147 0.31 6.74 -4.83
N ASN D 148 0.35 6.39 -6.11
CA ASN D 148 0.06 7.31 -7.21
C ASN D 148 -1.22 6.85 -7.89
N VAL D 149 -2.17 7.77 -8.09
CA VAL D 149 -3.46 7.43 -8.68
C VAL D 149 -3.63 8.19 -9.99
N VAL D 150 -3.86 7.46 -11.07
CA VAL D 150 -4.24 8.05 -12.34
C VAL D 150 -5.74 7.87 -12.54
N SER D 151 -6.46 8.98 -12.73
CA SER D 151 -7.90 8.96 -12.97
C SER D 151 -8.15 9.17 -14.46
N VAL D 152 -8.70 8.14 -15.11
CA VAL D 152 -8.91 8.15 -16.56
C VAL D 152 -10.36 8.53 -16.84
N GLY D 153 -10.56 9.61 -17.60
CA GLY D 153 -11.90 10.02 -17.93
C GLY D 153 -11.92 11.42 -18.50
N ILE D 154 -12.99 11.70 -19.25
CA ILE D 154 -13.09 12.92 -20.05
C ILE D 154 -14.22 13.80 -19.52
N GLY D 155 -14.25 15.03 -19.99
CA GLY D 155 -15.34 15.94 -19.71
C GLY D 155 -15.61 16.11 -18.25
N GLY D 156 -16.85 15.79 -17.84
CA GLY D 156 -17.25 15.93 -16.45
C GLY D 156 -16.50 15.02 -15.50
N SER D 157 -15.99 13.88 -15.99
CA SER D 157 -15.19 13.02 -15.13
C SER D 157 -13.82 13.60 -14.85
N PHE D 158 -13.49 14.73 -15.48
CA PHE D 158 -12.15 15.32 -15.48
C PHE D 158 -12.14 16.69 -14.80
N LEU D 159 -12.94 17.66 -15.28
CA LEU D 159 -12.73 19.06 -14.90
C LEU D 159 -13.11 19.34 -13.44
N GLY D 160 -14.34 18.97 -13.05
CA GLY D 160 -14.80 19.10 -11.67
C GLY D 160 -13.85 18.47 -10.66
N PRO D 161 -13.58 17.17 -10.81
CA PRO D 161 -12.53 16.55 -9.98
C PRO D 161 -11.20 17.28 -10.02
N LEU D 162 -10.77 17.76 -11.19
CA LEU D 162 -9.48 18.46 -11.26
C LEU D 162 -9.54 19.77 -10.49
N PHE D 163 -10.67 20.49 -10.57
CA PHE D 163 -10.84 21.72 -9.80
C PHE D 163 -10.65 21.46 -8.31
N VAL D 164 -11.31 20.41 -7.79
CA VAL D 164 -11.30 20.17 -6.34
C VAL D 164 -9.92 19.70 -5.89
N HIS D 165 -9.29 18.83 -6.69
CA HIS D 165 -7.94 18.38 -6.36
C HIS D 165 -6.99 19.54 -6.25
N THR D 166 -7.13 20.53 -7.16
CA THR D 166 -6.21 21.66 -7.20
C THR D 166 -6.41 22.56 -6.00
N ALA D 167 -7.67 22.78 -5.61
CA ALA D 167 -7.94 23.67 -4.48
C ALA D 167 -7.60 23.01 -3.15
N LEU D 168 -7.54 21.69 -3.10
CA LEU D 168 -7.23 20.96 -1.83
C LEU D 168 -5.73 20.69 -1.69
N GLN D 169 -4.98 20.73 -2.77
CA GLN D 169 -3.54 20.37 -2.76
C GLN D 169 -2.77 21.24 -1.76
N THR D 170 -3.17 22.49 -1.61
CA THR D 170 -2.40 23.44 -0.76
C THR D 170 -3.07 23.72 0.58
N ASP D 171 -4.35 23.35 0.77
CA ASP D 171 -4.94 23.50 2.11
C ASP D 171 -4.20 22.58 3.07
N PRO D 172 -3.72 23.10 4.21
CA PRO D 172 -2.81 22.30 5.07
C PRO D 172 -3.35 20.94 5.56
N GLU D 173 -4.60 20.88 6.07
CA GLU D 173 -5.11 19.59 6.56
C GLU D 173 -5.13 18.55 5.46
N ALA D 174 -5.71 18.89 4.31
CA ALA D 174 -5.69 17.98 3.16
C ALA D 174 -4.27 17.67 2.71
N ALA D 175 -3.38 18.66 2.74
CA ALA D 175 -2.00 18.42 2.32
C ALA D 175 -1.33 17.37 3.21
N GLU D 176 -1.45 17.52 4.52
CA GLU D 176 -0.96 16.50 5.43
C GLU D 176 -1.53 15.13 5.08
N SER D 177 -2.87 15.03 4.92
CA SER D 177 -3.49 13.76 4.55
C SER D 177 -3.01 13.24 3.18
N ALA D 178 -2.33 14.08 2.37
CA ALA D 178 -1.94 13.75 1.01
C ALA D 178 -0.45 13.49 0.84
N LYS D 179 0.34 13.59 1.91
CA LYS D 179 1.79 13.59 1.78
C LYS D 179 2.28 12.32 1.12
N GLY D 180 3.13 12.46 0.11
CA GLY D 180 3.63 11.31 -0.60
C GLY D 180 2.73 10.77 -1.69
N ARG D 181 1.52 11.29 -1.83
CA ARG D 181 0.55 10.75 -2.77
C ARG D 181 0.34 11.70 -3.93
N GLN D 182 0.27 11.12 -5.12
CA GLN D 182 -0.07 11.85 -6.32
C GLN D 182 -1.44 11.41 -6.80
N LEU D 183 -2.22 12.38 -7.28
CA LEU D 183 -3.44 12.15 -8.06
C LEU D 183 -3.30 12.90 -9.39
N ARG D 184 -3.21 12.16 -10.49
CA ARG D 184 -3.10 12.69 -11.85
C ARG D 184 -4.34 12.34 -12.65
N PHE D 185 -4.59 13.11 -13.71
CA PHE D 185 -5.73 12.90 -14.59
C PHE D 185 -5.27 12.61 -16.01
N LEU D 186 -5.91 11.62 -16.63
CA LEU D 186 -5.68 11.29 -18.04
C LEU D 186 -6.99 11.54 -18.78
N ALA D 187 -7.10 12.73 -19.38
CA ALA D 187 -8.31 13.17 -20.06
C ALA D 187 -8.18 13.09 -21.59
N ASN D 188 -7.09 13.61 -22.15
CA ASN D 188 -6.98 13.71 -23.59
C ASN D 188 -6.68 12.36 -24.21
N VAL D 189 -7.36 12.05 -25.30
CA VAL D 189 -7.07 10.86 -26.07
C VAL D 189 -5.78 11.00 -26.86
N ASP D 190 -5.27 12.22 -26.98
CA ASP D 190 -3.94 12.46 -27.54
C ASP D 190 -2.94 11.60 -26.78
N PRO D 191 -2.24 10.67 -27.44
CA PRO D 191 -1.30 9.80 -26.71
C PRO D 191 -0.18 10.57 -26.06
N VAL D 192 -0.04 11.85 -26.36
CA VAL D 192 0.88 12.71 -25.61
C VAL D 192 0.44 12.80 -24.15
N ASP D 193 -0.87 12.87 -23.88
CA ASP D 193 -1.33 12.99 -22.49
C ASP D 193 -1.11 11.70 -21.70
N VAL D 194 -1.22 10.55 -22.36
CA VAL D 194 -0.78 9.28 -21.78
C VAL D 194 0.65 9.40 -21.29
N ALA D 195 1.54 9.83 -22.21
CA ALA D 195 2.94 9.99 -21.83
C ALA D 195 3.09 10.92 -20.63
N ARG D 196 2.38 12.06 -20.65
CA ARG D 196 2.39 12.97 -19.50
C ARG D 196 2.02 12.25 -18.20
N SER D 197 0.95 11.46 -18.25
CA SER D 197 0.38 10.94 -17.02
C SER D 197 1.23 9.84 -16.39
N ILE D 198 1.93 9.04 -17.21
CA ILE D 198 2.78 8.01 -16.65
C ILE D 198 4.24 8.43 -16.48
N LYS D 199 4.60 9.67 -16.77
CA LYS D 199 5.99 10.09 -16.60
C LYS D 199 6.41 10.04 -15.13
N ASP D 200 7.56 9.41 -14.87
CA ASP D 200 8.11 9.29 -13.51
C ASP D 200 7.22 8.48 -12.58
N LEU D 201 6.49 7.51 -13.13
CA LEU D 201 5.70 6.60 -12.33
C LEU D 201 6.19 5.17 -12.53
N ASP D 202 6.00 4.39 -11.49
CA ASP D 202 6.25 2.97 -11.47
C ASP D 202 4.91 2.25 -11.51
N PRO D 203 4.67 1.35 -12.48
CA PRO D 203 3.39 0.65 -12.49
C PRO D 203 3.15 -0.13 -11.20
N ALA D 204 4.22 -0.56 -10.53
CA ALA D 204 4.10 -1.28 -9.27
C ALA D 204 3.55 -0.42 -8.14
N THR D 205 3.57 0.91 -8.27
CA THR D 205 3.07 1.79 -7.22
C THR D 205 1.95 2.69 -7.72
N THR D 206 1.31 2.32 -8.82
CA THR D 206 0.27 3.12 -9.43
C THR D 206 -1.05 2.34 -9.37
N LEU D 207 -2.14 3.06 -9.06
CA LEU D 207 -3.51 2.54 -9.15
C LEU D 207 -4.30 3.38 -10.14
N VAL D 208 -5.03 2.73 -11.03
CA VAL D 208 -5.76 3.41 -12.10
C VAL D 208 -7.25 3.33 -11.81
N VAL D 209 -7.91 4.48 -11.78
CA VAL D 209 -9.36 4.57 -11.64
C VAL D 209 -9.92 4.94 -12.99
N VAL D 210 -10.61 4.01 -13.66
CA VAL D 210 -11.18 4.27 -14.98
C VAL D 210 -12.59 4.77 -14.79
N VAL D 211 -12.85 6.01 -15.19
CA VAL D 211 -14.15 6.62 -14.89
C VAL D 211 -14.95 6.69 -16.17
N SER D 212 -15.92 5.78 -16.31
CA SER D 212 -16.83 5.76 -17.44
C SER D 212 -18.08 4.95 -17.08
N LYS D 213 -19.25 5.58 -17.08
CA LYS D 213 -20.47 4.92 -16.61
C LYS D 213 -20.78 3.67 -17.41
N THR D 214 -20.80 3.80 -18.74
CA THR D 214 -21.06 2.67 -19.62
C THR D 214 -19.82 1.86 -19.94
N PHE D 215 -18.63 2.36 -19.61
CA PHE D 215 -17.36 1.72 -19.97
C PHE D 215 -17.20 1.53 -21.48
N THR D 216 -17.89 2.35 -22.29
CA THR D 216 -17.71 2.32 -23.73
C THR D 216 -17.17 3.62 -24.29
N THR D 217 -17.07 4.67 -23.48
CA THR D 217 -16.55 5.96 -23.91
C THR D 217 -15.25 5.78 -24.69
N ALA D 218 -15.26 6.23 -25.96
CA ALA D 218 -14.20 5.91 -26.90
C ALA D 218 -12.84 6.42 -26.41
N GLU D 219 -12.74 7.72 -26.13
CA GLU D 219 -11.50 8.30 -25.59
C GLU D 219 -11.06 7.61 -24.30
N THR D 220 -11.96 7.55 -23.30
CA THR D 220 -11.61 7.02 -21.99
C THR D 220 -11.15 5.57 -22.08
N MET D 221 -11.89 4.74 -22.81
CA MET D 221 -11.54 3.33 -22.84
C MET D 221 -10.28 3.07 -23.68
N LEU D 222 -10.05 3.84 -24.76
CA LEU D 222 -8.76 3.74 -25.44
C LEU D 222 -7.63 4.14 -24.52
N ASN D 223 -7.82 5.19 -23.72
CA ASN D 223 -6.80 5.54 -22.74
C ASN D 223 -6.63 4.45 -21.69
N ALA D 224 -7.75 3.89 -21.20
CA ALA D 224 -7.67 2.83 -20.20
C ALA D 224 -6.98 1.59 -20.75
N ARG D 225 -7.28 1.22 -22.00
CA ARG D 225 -6.60 0.08 -22.62
C ARG D 225 -5.10 0.35 -22.75
N THR D 226 -4.73 1.60 -23.05
CA THR D 226 -3.33 1.97 -23.17
C THR D 226 -2.62 1.84 -21.83
N ILE D 227 -3.16 2.48 -20.80
CA ILE D 227 -2.57 2.35 -19.47
C ILE D 227 -2.57 0.90 -19.01
N LYS D 228 -3.57 0.10 -19.45
CA LYS D 228 -3.62 -1.31 -19.05
C LYS D 228 -2.44 -2.05 -19.64
N GLU D 229 -2.20 -1.88 -20.95
CA GLU D 229 -1.04 -2.47 -21.61
C GLU D 229 0.27 -1.97 -21.02
N TRP D 230 0.25 -0.79 -20.38
CA TRP D 230 1.42 -0.32 -19.64
C TRP D 230 1.63 -1.09 -18.35
N ILE D 231 0.56 -1.52 -17.69
CA ILE D 231 0.70 -2.31 -16.48
C ILE D 231 1.10 -3.74 -16.83
N VAL D 232 0.41 -4.33 -17.81
CA VAL D 232 0.70 -5.71 -18.19
C VAL D 232 2.13 -5.83 -18.71
N SER D 233 2.58 -4.82 -19.44
CA SER D 233 3.92 -4.89 -20.02
C SER D 233 4.98 -5.01 -18.95
N SER D 234 4.74 -4.45 -17.77
CA SER D 234 5.69 -4.47 -16.67
C SER D 234 5.44 -5.58 -15.67
N LEU D 235 4.17 -5.91 -15.41
CA LEU D 235 3.76 -6.70 -14.27
C LEU D 235 3.01 -7.98 -14.61
N GLY D 236 2.82 -8.31 -15.88
CA GLY D 236 2.13 -9.52 -16.25
C GLY D 236 0.64 -9.33 -16.33
N PRO D 237 -0.03 -10.19 -17.12
CA PRO D 237 -1.48 -10.00 -17.32
C PRO D 237 -2.28 -10.02 -16.05
N GLN D 238 -1.79 -10.67 -15.00
CA GLN D 238 -2.60 -10.88 -13.81
C GLN D 238 -2.60 -9.68 -12.87
N ALA D 239 -1.84 -8.63 -13.19
CA ALA D 239 -1.82 -7.44 -12.35
C ALA D 239 -2.99 -6.51 -12.59
N VAL D 240 -3.75 -6.73 -13.66
CA VAL D 240 -4.83 -5.81 -14.02
C VAL D 240 -5.77 -5.60 -12.84
N SER D 241 -6.24 -6.71 -12.25
CA SER D 241 -7.26 -6.66 -11.21
C SER D 241 -6.79 -6.00 -9.93
N LYS D 242 -5.47 -5.80 -9.78
CA LYS D 242 -4.94 -5.23 -8.56
C LYS D 242 -4.40 -3.82 -8.73
N HIS D 243 -4.30 -3.33 -9.97
CA HIS D 243 -3.89 -1.95 -10.22
C HIS D 243 -4.97 -1.08 -10.85
N MET D 244 -6.15 -1.63 -11.13
CA MET D 244 -7.16 -0.89 -11.87
C MET D 244 -8.53 -1.17 -11.28
N ILE D 245 -9.23 -0.11 -10.87
CA ILE D 245 -10.62 -0.19 -10.46
C ILE D 245 -11.40 0.76 -11.35
N ALA D 246 -12.71 0.77 -11.18
CA ALA D 246 -13.57 1.46 -12.11
C ALA D 246 -14.64 2.24 -11.37
N VAL D 247 -14.99 3.40 -11.91
CA VAL D 247 -16.23 4.09 -11.57
C VAL D 247 -17.13 3.86 -12.77
N SER D 248 -18.06 2.92 -12.63
CA SER D 248 -18.86 2.45 -13.75
C SER D 248 -20.00 1.60 -13.20
N THR D 249 -21.06 1.49 -14.00
CA THR D 249 -22.14 0.56 -13.72
C THR D 249 -22.11 -0.67 -14.60
N ASN D 250 -21.26 -0.69 -15.64
CA ASN D 250 -21.26 -1.82 -16.58
C ASN D 250 -20.38 -2.95 -16.04
N LEU D 251 -20.98 -3.74 -15.14
CA LEU D 251 -20.25 -4.86 -14.53
C LEU D 251 -19.79 -5.86 -15.59
N LYS D 252 -20.57 -6.04 -16.65
CA LYS D 252 -20.15 -6.93 -17.73
C LYS D 252 -18.84 -6.44 -18.36
N LEU D 253 -18.83 -5.21 -18.83
CA LEU D 253 -17.63 -4.72 -19.54
C LEU D 253 -16.46 -4.50 -18.59
N VAL D 254 -16.73 -4.16 -17.32
CA VAL D 254 -15.65 -4.00 -16.35
C VAL D 254 -14.87 -5.30 -16.18
N LYS D 255 -15.57 -6.42 -15.96
CA LYS D 255 -14.88 -7.71 -15.80
C LYS D 255 -14.20 -8.13 -17.10
N GLU D 256 -14.85 -7.92 -18.24
CA GLU D 256 -14.21 -8.26 -19.51
C GLU D 256 -12.91 -7.50 -19.68
N PHE D 257 -12.85 -6.27 -19.18
CA PHE D 257 -11.64 -5.48 -19.25
C PHE D 257 -10.54 -6.09 -18.37
N GLY D 258 -10.92 -6.87 -17.36
CA GLY D 258 -9.96 -7.44 -16.41
C GLY D 258 -10.04 -6.89 -14.99
N ILE D 259 -10.92 -5.94 -14.68
CA ILE D 259 -11.06 -5.42 -13.32
C ILE D 259 -12.04 -6.31 -12.56
N ASP D 260 -11.79 -6.51 -11.28
CA ASP D 260 -12.72 -7.25 -10.43
C ASP D 260 -14.03 -6.48 -10.36
N PRO D 261 -15.17 -7.08 -10.76
CA PRO D 261 -16.42 -6.29 -10.80
C PRO D 261 -16.86 -5.79 -9.46
N ASN D 262 -16.37 -6.39 -8.39
CA ASN D 262 -16.62 -5.80 -7.09
C ASN D 262 -15.93 -4.44 -6.92
N ASN D 263 -14.90 -4.15 -7.72
CA ASN D 263 -14.17 -2.89 -7.67
C ASN D 263 -14.74 -1.84 -8.62
N ALA D 264 -16.00 -1.99 -9.00
CA ALA D 264 -16.74 -0.98 -9.74
C ALA D 264 -17.54 -0.15 -8.75
N PHE D 265 -17.65 1.14 -9.02
CA PHE D 265 -18.32 2.06 -8.11
C PHE D 265 -19.40 2.80 -8.89
N ALA D 266 -20.64 2.71 -8.43
CA ALA D 266 -21.79 3.15 -9.21
C ALA D 266 -22.04 4.67 -9.09
N PHE D 267 -22.60 5.22 -10.15
CA PHE D 267 -23.30 6.50 -10.11
C PHE D 267 -24.44 6.39 -11.12
N TRP D 268 -25.13 7.49 -11.38
CA TRP D 268 -26.51 7.33 -11.87
C TRP D 268 -26.82 8.38 -12.91
N ASP D 269 -27.85 8.08 -13.71
CA ASP D 269 -28.11 8.92 -14.87
C ASP D 269 -28.74 10.24 -14.49
N TRP D 270 -29.21 10.38 -13.27
CA TRP D 270 -29.59 11.71 -12.80
C TRP D 270 -28.40 12.49 -12.26
N VAL D 271 -27.17 11.99 -12.44
CA VAL D 271 -25.96 12.75 -12.17
C VAL D 271 -25.41 13.22 -13.51
N GLY D 272 -25.70 14.46 -13.87
CA GLY D 272 -25.10 15.03 -15.07
C GLY D 272 -23.58 15.02 -14.96
N GLY D 273 -22.92 14.74 -16.09
CA GLY D 273 -21.49 14.60 -16.05
C GLY D 273 -20.81 15.84 -15.50
N ARG D 274 -21.23 17.00 -15.99
CA ARG D 274 -20.66 18.25 -15.47
C ARG D 274 -21.15 18.57 -14.06
N TYR D 275 -21.98 17.70 -13.45
CA TYR D 275 -22.46 17.84 -12.07
C TYR D 275 -22.00 16.69 -11.18
N SER D 276 -21.01 15.92 -11.63
CA SER D 276 -20.75 14.61 -11.05
C SER D 276 -19.63 14.58 -10.02
N VAL D 277 -19.05 15.71 -9.63
CA VAL D 277 -17.83 15.58 -8.82
C VAL D 277 -18.17 15.06 -7.42
N CYS D 278 -19.39 15.30 -6.93
CA CYS D 278 -19.80 14.76 -5.63
C CYS D 278 -20.19 13.28 -5.69
N SER D 279 -20.31 12.68 -6.87
CA SER D 279 -20.54 11.25 -7.00
C SER D 279 -19.19 10.53 -6.91
N ALA D 280 -19.19 9.22 -7.13
CA ALA D 280 -17.96 8.47 -7.05
C ALA D 280 -16.91 8.98 -8.03
N VAL D 281 -17.34 9.67 -9.08
CA VAL D 281 -16.45 10.22 -10.11
C VAL D 281 -15.33 11.02 -9.46
N GLY D 282 -15.71 11.87 -8.50
CA GLY D 282 -14.72 12.62 -7.75
C GLY D 282 -14.41 11.98 -6.42
N VAL D 283 -15.42 11.41 -5.75
CA VAL D 283 -15.25 11.01 -4.35
C VAL D 283 -14.23 9.89 -4.22
N LEU D 284 -14.25 8.93 -5.12
CA LEU D 284 -13.25 7.86 -5.03
C LEU D 284 -11.83 8.36 -5.22
N PRO D 285 -11.46 9.02 -6.34
CA PRO D 285 -10.06 9.47 -6.49
C PRO D 285 -9.65 10.43 -5.39
N LEU D 286 -10.50 11.41 -5.11
CA LEU D 286 -10.18 12.36 -4.05
C LEU D 286 -9.96 11.65 -2.71
N SER D 287 -10.83 10.70 -2.37
CA SER D 287 -10.67 9.99 -1.09
C SER D 287 -9.40 9.16 -1.06
N LEU D 288 -8.99 8.58 -2.19
CA LEU D 288 -7.72 7.89 -2.20
C LEU D 288 -6.58 8.84 -1.87
N GLN D 289 -6.71 10.12 -2.28
CA GLN D 289 -5.61 11.06 -2.15
C GLN D 289 -5.62 11.73 -0.79
N TYR D 290 -6.78 12.16 -0.32
CA TYR D 290 -6.91 12.99 0.88
C TYR D 290 -7.57 12.29 2.06
N GLY D 291 -7.98 11.03 1.92
CA GLY D 291 -8.82 10.39 2.93
C GLY D 291 -10.27 10.79 2.76
N PHE D 292 -11.17 9.83 2.93
CA PHE D 292 -12.59 10.13 2.89
C PHE D 292 -13.01 11.26 3.83
N PRO D 293 -12.50 11.37 5.07
CA PRO D 293 -12.98 12.46 5.94
C PRO D 293 -12.76 13.84 5.35
N ILE D 294 -11.64 14.04 4.64
CA ILE D 294 -11.47 15.30 3.90
C ILE D 294 -12.60 15.46 2.90
N VAL D 295 -12.83 14.43 2.08
CA VAL D 295 -13.88 14.52 1.06
C VAL D 295 -15.25 14.74 1.67
N GLN D 296 -15.52 14.12 2.83
CA GLN D 296 -16.80 14.29 3.50
C GLN D 296 -17.08 15.75 3.84
N LYS D 297 -16.04 16.48 4.26
CA LYS D 297 -16.18 17.91 4.53
C LYS D 297 -16.57 18.68 3.27
N PHE D 298 -15.93 18.37 2.14
CA PHE D 298 -16.31 18.92 0.85
C PHE D 298 -17.82 18.73 0.58
N LEU D 299 -18.28 17.48 0.68
CA LEU D 299 -19.71 17.20 0.50
C LEU D 299 -20.55 18.00 1.49
N GLU D 300 -20.13 18.02 2.76
CA GLU D 300 -20.85 18.80 3.76
C GLU D 300 -20.97 20.27 3.34
N GLY D 301 -19.90 20.84 2.80
CA GLY D 301 -19.96 22.22 2.34
C GLY D 301 -20.92 22.41 1.19
N ALA D 302 -20.86 21.52 0.18
CA ALA D 302 -21.83 21.58 -0.91
C ALA D 302 -23.24 21.37 -0.37
N SER D 303 -23.38 20.45 0.59
CA SER D 303 -24.68 20.19 1.19
C SER D 303 -25.25 21.45 1.82
N SER D 304 -24.38 22.28 2.41
CA SER D 304 -24.84 23.47 3.10
C SER D 304 -25.48 24.45 2.14
N ILE D 305 -24.91 24.60 0.93
CA ILE D 305 -25.44 25.54 -0.05
C ILE D 305 -26.75 25.03 -0.62
N ASP D 306 -26.85 23.72 -0.79
CA ASP D 306 -28.10 23.10 -1.22
C ASP D 306 -29.26 23.56 -0.35
N ASN D 307 -29.15 23.34 0.96
CA ASN D 307 -30.19 23.78 1.88
C ASN D 307 -30.46 25.27 1.73
N HIS D 308 -29.40 26.07 1.70
CA HIS D 308 -29.51 27.52 1.56
C HIS D 308 -30.26 27.90 0.30
N PHE D 309 -29.75 27.46 -0.85
CA PHE D 309 -30.41 27.66 -2.13
C PHE D 309 -31.89 27.23 -2.09
N HIS D 310 -32.18 26.11 -1.40
CA HIS D 310 -33.54 25.57 -1.43
C HIS D 310 -34.50 26.39 -0.57
N THR D 311 -34.05 26.89 0.58
CA THR D 311 -34.93 27.47 1.58
C THR D 311 -34.93 29.00 1.59
N SER D 312 -33.78 29.63 1.34
CA SER D 312 -33.61 31.05 1.64
C SER D 312 -34.44 31.94 0.74
N SER D 313 -35.08 32.94 1.33
CA SER D 313 -35.75 33.98 0.55
C SER D 313 -34.78 34.60 -0.47
N PHE D 314 -35.34 35.10 -1.57
CA PHE D 314 -34.51 35.39 -2.73
C PHE D 314 -33.51 36.50 -2.44
N GLU D 315 -33.92 37.55 -1.72
CA GLU D 315 -33.03 38.66 -1.41
C GLU D 315 -31.81 38.24 -0.61
N LYS D 316 -31.82 37.02 -0.07
CA LYS D 316 -30.68 36.47 0.66
C LYS D 316 -30.15 35.19 0.02
N ASN D 317 -30.71 34.77 -1.09
CA ASN D 317 -30.35 33.49 -1.68
C ASN D 317 -29.22 33.75 -2.67
N ILE D 318 -28.01 33.38 -2.26
CA ILE D 318 -26.83 33.75 -3.04
C ILE D 318 -26.88 33.16 -4.42
N PRO D 319 -27.20 31.88 -4.64
CA PRO D 319 -27.29 31.37 -6.02
C PRO D 319 -28.40 32.01 -6.83
N VAL D 320 -29.52 32.36 -6.21
CA VAL D 320 -30.56 33.08 -6.95
C VAL D 320 -30.04 34.43 -7.40
N LEU D 321 -29.44 35.18 -6.49
CA LEU D 321 -28.88 36.49 -6.83
C LEU D 321 -27.91 36.38 -8.00
N LEU D 322 -26.91 35.51 -7.88
CA LEU D 322 -25.90 35.35 -8.94
C LEU D 322 -26.53 35.07 -10.30
N GLY D 323 -27.43 34.10 -10.36
CA GLY D 323 -28.05 33.76 -11.63
C GLY D 323 -28.86 34.91 -12.21
N LEU D 324 -29.60 35.61 -11.37
CA LEU D 324 -30.41 36.72 -11.88
C LEU D 324 -29.52 37.84 -12.40
N LEU D 325 -28.46 38.17 -11.67
CA LEU D 325 -27.54 39.21 -12.14
C LEU D 325 -26.87 38.79 -13.44
N SER D 326 -26.53 37.51 -13.57
CA SER D 326 -25.94 37.04 -14.81
C SER D 326 -26.94 37.16 -15.96
N VAL D 327 -28.22 36.86 -15.73
CA VAL D 327 -29.22 37.07 -16.77
C VAL D 327 -29.33 38.56 -17.10
N TRP D 328 -29.35 39.41 -16.07
CA TRP D 328 -29.38 40.85 -16.30
C TRP D 328 -28.25 41.29 -17.22
N ASN D 329 -27.03 40.84 -16.94
CA ASN D 329 -25.87 41.25 -17.71
C ASN D 329 -25.92 40.74 -19.14
N VAL D 330 -26.43 39.53 -19.33
CA VAL D 330 -26.37 38.87 -20.62
C VAL D 330 -27.53 39.28 -21.51
N SER D 331 -28.75 39.11 -21.04
CA SER D 331 -29.91 39.28 -21.91
C SER D 331 -30.46 40.69 -21.93
N PHE D 332 -29.98 41.56 -21.06
CA PHE D 332 -30.49 42.92 -20.99
C PHE D 332 -29.40 43.95 -21.28
N LEU D 333 -28.27 43.88 -20.59
CA LEU D 333 -27.13 44.71 -20.91
C LEU D 333 -26.37 44.22 -22.13
N GLY D 334 -26.61 42.99 -22.58
CA GLY D 334 -26.02 42.51 -23.81
C GLY D 334 -24.60 42.00 -23.72
N TYR D 335 -24.09 41.73 -22.52
CA TYR D 335 -22.71 41.27 -22.38
C TYR D 335 -22.63 39.79 -22.75
N PRO D 336 -21.87 39.42 -23.79
CA PRO D 336 -21.89 38.04 -24.28
C PRO D 336 -20.92 37.13 -23.57
N ALA D 337 -20.04 37.65 -22.73
CA ALA D 337 -19.06 36.83 -22.04
C ALA D 337 -19.01 37.21 -20.57
N ARG D 338 -18.48 36.28 -19.77
CA ARG D 338 -18.28 36.51 -18.35
C ARG D 338 -16.91 35.97 -17.96
N ALA D 339 -16.20 36.70 -17.11
CA ALA D 339 -14.87 36.31 -16.67
C ALA D 339 -14.89 35.81 -15.23
N ILE D 340 -14.17 34.72 -14.96
CA ILE D 340 -14.11 34.10 -13.63
C ILE D 340 -12.70 34.30 -13.10
N LEU D 341 -12.57 35.16 -12.09
CA LEU D 341 -11.27 35.69 -11.71
C LEU D 341 -11.06 35.48 -10.22
N PRO D 342 -10.76 34.25 -9.80
CA PRO D 342 -10.45 33.99 -8.40
C PRO D 342 -9.04 34.45 -8.06
N TYR D 343 -8.89 35.15 -6.93
CA TYR D 343 -7.55 35.55 -6.50
C TYR D 343 -7.00 34.51 -5.53
N SER D 344 -6.64 33.37 -6.14
CA SER D 344 -6.17 32.20 -5.41
C SER D 344 -5.55 31.25 -6.41
N GLN D 345 -4.24 30.99 -6.31
CA GLN D 345 -3.65 29.94 -7.13
C GLN D 345 -4.26 28.56 -6.83
N ALA D 346 -4.89 28.38 -5.66
CA ALA D 346 -5.59 27.12 -5.38
C ALA D 346 -6.82 26.95 -6.25
N LEU D 347 -7.42 28.06 -6.67
CA LEU D 347 -8.57 28.02 -7.57
C LEU D 347 -8.14 28.11 -9.03
N GLU D 348 -6.91 27.69 -9.34
CA GLU D 348 -6.41 27.78 -10.70
C GLU D 348 -7.31 27.03 -11.67
N LYS D 349 -7.87 25.90 -11.24
CA LYS D 349 -8.67 25.09 -12.15
C LYS D 349 -10.18 25.26 -11.91
N LEU D 350 -10.58 26.34 -11.25
CA LEU D 350 -12.01 26.63 -11.11
C LEU D 350 -12.61 27.05 -12.45
N ALA D 351 -12.01 28.05 -13.09
CA ALA D 351 -12.58 28.58 -14.32
C ALA D 351 -12.73 27.52 -15.41
N PRO D 352 -11.78 26.61 -15.62
CA PRO D 352 -12.02 25.56 -16.61
C PRO D 352 -13.23 24.68 -16.29
N HIS D 353 -13.56 24.53 -15.00
CA HIS D 353 -14.75 23.74 -14.64
C HIS D 353 -16.03 24.54 -14.86
N ILE D 354 -16.08 25.79 -14.41
CA ILE D 354 -17.24 26.66 -14.68
C ILE D 354 -17.51 26.70 -16.17
N GLN D 355 -16.45 26.71 -16.98
CA GLN D 355 -16.55 26.72 -18.44
C GLN D 355 -17.44 25.60 -18.95
N GLN D 356 -17.18 24.36 -18.50
CA GLN D 356 -18.06 23.26 -18.88
C GLN D 356 -19.41 23.40 -18.23
N LEU D 357 -19.42 23.66 -16.93
CA LEU D 357 -20.69 23.69 -16.20
C LEU D 357 -21.67 24.64 -16.85
N SER D 358 -21.20 25.83 -17.20
CA SER D 358 -22.03 26.91 -17.73
C SER D 358 -22.35 26.75 -19.20
N MET D 359 -21.35 26.48 -20.05
CA MET D 359 -21.59 26.54 -21.49
C MET D 359 -22.27 25.27 -22.00
N GLU D 360 -21.98 24.13 -21.38
CA GLU D 360 -22.62 22.90 -21.77
C GLU D 360 -24.05 22.81 -21.23
N SER D 361 -24.32 23.50 -20.13
CA SER D 361 -25.68 23.59 -19.62
C SER D 361 -26.53 24.56 -20.42
N ASN D 362 -26.04 25.79 -20.62
CA ASN D 362 -26.90 26.86 -21.10
C ASN D 362 -26.60 27.30 -22.51
N GLY D 363 -25.59 26.72 -23.15
CA GLY D 363 -25.35 27.07 -24.54
C GLY D 363 -26.41 26.40 -25.38
N LYS D 364 -27.66 26.80 -25.21
CA LYS D 364 -28.80 26.17 -25.86
C LYS D 364 -29.50 27.19 -26.74
N GLY D 365 -30.16 26.71 -27.79
CA GLY D 365 -30.79 27.60 -28.74
C GLY D 365 -32.29 27.43 -28.83
N VAL D 366 -32.86 26.49 -28.06
CA VAL D 366 -34.30 26.29 -28.01
C VAL D 366 -34.75 26.26 -26.55
N SER D 367 -36.03 26.54 -26.35
CA SER D 367 -36.61 26.42 -25.03
C SER D 367 -36.73 24.96 -24.64
N ILE D 368 -37.00 24.72 -23.35
CA ILE D 368 -37.17 23.36 -22.90
C ILE D 368 -38.33 22.69 -23.62
N ASP D 369 -39.32 23.46 -24.08
CA ASP D 369 -40.40 22.92 -24.89
C ASP D 369 -40.09 22.95 -26.38
N GLY D 370 -38.83 23.18 -26.75
CA GLY D 370 -38.43 23.10 -28.15
C GLY D 370 -38.69 24.33 -28.98
N VAL D 371 -39.02 25.47 -28.38
CA VAL D 371 -39.25 26.69 -29.13
C VAL D 371 -37.90 27.35 -29.43
N ARG D 372 -37.68 27.74 -30.67
CA ARG D 372 -36.44 28.46 -31.00
C ARG D 372 -36.41 29.79 -30.26
N LEU D 373 -35.34 30.03 -29.49
CA LEU D 373 -35.23 31.26 -28.72
C LEU D 373 -34.93 32.43 -29.65
N PRO D 374 -35.63 33.59 -29.55
CA PRO D 374 -35.28 34.75 -30.37
C PRO D 374 -34.10 35.48 -29.73
N TYR D 375 -33.50 34.87 -28.71
CA TYR D 375 -32.39 35.52 -27.97
C TYR D 375 -31.30 34.49 -27.67
N GLU D 376 -30.07 34.97 -27.53
CA GLU D 376 -28.94 34.06 -27.20
C GLU D 376 -28.96 33.81 -25.71
N ALA D 377 -28.50 32.63 -25.28
CA ALA D 377 -28.59 32.28 -23.86
C ALA D 377 -27.21 32.18 -23.22
N GLY D 378 -26.65 30.98 -23.19
CA GLY D 378 -25.40 30.78 -22.44
C GLY D 378 -24.30 31.75 -22.79
N GLU D 379 -23.73 32.35 -21.76
CA GLU D 379 -22.60 33.28 -21.96
C GLU D 379 -21.32 32.49 -22.15
N ILE D 380 -20.30 33.14 -22.69
CA ILE D 380 -19.01 32.53 -22.94
C ILE D 380 -18.18 32.78 -21.68
N ASP D 381 -17.78 31.71 -21.01
CA ASP D 381 -17.05 31.82 -19.75
C ASP D 381 -15.58 31.55 -19.96
N PHE D 382 -14.77 32.31 -19.24
CA PHE D 382 -13.33 32.09 -19.23
C PHE D 382 -12.82 32.72 -17.94
N GLY D 383 -11.55 32.47 -17.65
CA GLY D 383 -10.91 33.16 -16.55
C GLY D 383 -9.54 32.59 -16.30
N GLU D 384 -8.74 33.38 -15.58
CA GLU D 384 -7.51 32.93 -14.99
C GLU D 384 -7.49 33.46 -13.57
N PRO D 385 -6.80 32.77 -12.66
CA PRO D 385 -6.66 33.27 -11.29
C PRO D 385 -5.84 34.55 -11.23
N GLY D 386 -6.20 35.43 -10.30
CA GLY D 386 -5.31 36.50 -9.93
C GLY D 386 -4.10 35.95 -9.21
N THR D 387 -2.96 36.61 -9.38
CA THR D 387 -2.80 37.77 -10.27
C THR D 387 -2.53 37.42 -11.75
N ASN D 388 -2.50 36.13 -12.08
CA ASN D 388 -2.13 35.70 -13.43
C ASN D 388 -2.97 36.41 -14.49
N GLY D 389 -4.28 36.16 -14.51
CA GLY D 389 -5.16 36.82 -15.45
C GLY D 389 -5.02 38.34 -15.45
N GLN D 390 -4.73 38.91 -14.28
CA GLN D 390 -4.53 40.36 -14.17
C GLN D 390 -3.39 40.85 -15.04
N HIS D 391 -2.36 40.03 -15.23
CA HIS D 391 -1.22 40.44 -16.03
C HIS D 391 -1.29 39.88 -17.43
N SER D 392 -2.44 39.29 -17.81
CA SER D 392 -2.63 38.74 -19.14
C SER D 392 -3.62 39.55 -19.98
N PHE D 393 -4.88 39.64 -19.55
CA PHE D 393 -5.93 40.19 -20.40
C PHE D 393 -6.73 41.31 -19.76
N TYR D 394 -6.36 41.81 -18.59
CA TYR D 394 -7.12 42.92 -18.04
C TYR D 394 -7.02 44.18 -18.90
N GLN D 395 -6.04 44.27 -19.80
CA GLN D 395 -6.00 45.39 -20.73
C GLN D 395 -7.33 45.54 -21.46
N LEU D 396 -7.88 44.44 -21.98
CA LEU D 396 -9.15 44.52 -22.67
C LEU D 396 -10.32 44.73 -21.72
N ILE D 397 -10.24 44.20 -20.50
CA ILE D 397 -11.40 44.30 -19.59
C ILE D 397 -11.62 45.74 -19.15
N HIS D 398 -10.56 46.52 -19.01
CA HIS D 398 -10.64 47.94 -18.63
C HIS D 398 -10.87 48.87 -19.81
N GLN D 399 -10.29 48.57 -20.98
CA GLN D 399 -10.25 49.53 -22.09
C GLN D 399 -10.74 49.00 -23.43
N GLY D 400 -11.18 47.76 -23.49
CA GLY D 400 -11.81 47.21 -24.68
C GLY D 400 -13.21 46.72 -24.33
N ARG D 401 -13.65 45.64 -24.97
CA ARG D 401 -14.96 45.09 -24.69
C ARG D 401 -15.19 44.91 -23.20
N VAL D 402 -16.35 45.38 -22.74
CA VAL D 402 -16.75 45.22 -21.35
C VAL D 402 -17.09 43.76 -21.07
N ILE D 403 -16.55 43.23 -19.97
CA ILE D 403 -16.75 41.85 -19.57
C ILE D 403 -17.09 41.82 -18.09
N PRO D 404 -18.30 41.40 -17.68
CA PRO D 404 -18.64 41.35 -16.25
C PRO D 404 -17.83 40.29 -15.53
N CYS D 405 -17.33 40.64 -14.35
CA CYS D 405 -16.28 39.86 -13.70
C CYS D 405 -16.76 39.30 -12.37
N ASP D 406 -16.47 38.02 -12.14
CA ASP D 406 -16.59 37.40 -10.83
C ASP D 406 -15.24 37.50 -10.11
N PHE D 407 -15.18 38.27 -9.04
CA PHE D 407 -13.99 38.33 -8.21
C PHE D 407 -14.20 37.51 -6.94
N ILE D 408 -13.28 36.60 -6.66
CA ILE D 408 -13.37 35.70 -5.50
C ILE D 408 -12.11 35.88 -4.65
N GLY D 409 -12.31 36.36 -3.43
CA GLY D 409 -11.21 36.53 -2.49
C GLY D 409 -11.34 35.62 -1.27
N VAL D 410 -10.23 35.35 -0.60
CA VAL D 410 -10.17 34.47 0.56
C VAL D 410 -9.42 35.20 1.67
N ILE D 411 -10.01 35.22 2.87
CA ILE D 411 -9.43 36.02 3.94
C ILE D 411 -8.21 35.33 4.51
N LYS D 412 -8.30 34.03 4.70
CA LYS D 412 -7.26 33.25 5.36
C LYS D 412 -6.45 32.52 4.29
N SER D 413 -5.17 32.79 4.23
CA SER D 413 -4.34 32.14 3.22
C SER D 413 -4.17 30.67 3.55
N GLN D 414 -4.33 29.82 2.53
CA GLN D 414 -3.97 28.41 2.70
C GLN D 414 -2.52 28.24 3.11
N GLN D 415 -1.63 29.09 2.61
CA GLN D 415 -0.19 28.99 2.85
C GLN D 415 0.37 30.37 3.14
N PRO D 416 0.24 30.86 4.38
CA PRO D 416 0.60 32.25 4.66
C PRO D 416 2.12 32.43 4.75
N VAL D 417 2.64 33.35 3.95
CA VAL D 417 4.06 33.71 3.99
C VAL D 417 4.18 35.13 4.49
N TYR D 418 5.08 35.34 5.43
CA TYR D 418 5.56 36.67 5.77
C TYR D 418 7.08 36.63 5.84
N LEU D 419 7.74 37.65 5.26
CA LEU D 419 9.22 37.75 5.32
C LEU D 419 9.60 38.86 6.30
N LYS D 420 10.73 38.74 7.02
CA LYS D 420 11.18 39.83 7.93
C LYS D 420 11.44 41.11 7.13
N GLY D 421 10.78 42.22 7.50
CA GLY D 421 11.06 43.51 6.86
C GLY D 421 10.27 43.73 5.57
N GLU D 422 9.13 43.05 5.40
CA GLU D 422 8.31 43.35 4.20
C GLU D 422 7.18 44.28 4.63
N THR D 423 6.78 45.20 3.76
CA THR D 423 5.69 46.10 4.07
C THR D 423 4.43 45.33 4.45
N VAL D 424 4.15 44.23 3.75
CA VAL D 424 2.94 43.43 3.93
C VAL D 424 3.32 41.96 3.75
N SER D 425 2.40 41.09 4.15
CA SER D 425 2.56 39.67 3.81
C SER D 425 2.24 39.44 2.34
N ASN D 426 2.76 38.34 1.79
CA ASN D 426 2.48 38.01 0.40
C ASN D 426 1.00 37.92 0.13
N HIS D 427 0.24 37.33 1.06
CA HIS D 427 -1.21 37.20 0.88
C HIS D 427 -1.88 38.56 0.94
N ASP D 428 -1.42 39.44 1.82
CA ASP D 428 -1.87 40.83 1.78
C ASP D 428 -1.54 41.50 0.44
N GLU D 429 -0.41 41.15 -0.17
CA GLU D 429 -0.06 41.77 -1.46
C GLU D 429 -0.95 41.24 -2.57
N LEU D 430 -1.20 39.93 -2.58
CA LEU D 430 -2.21 39.39 -3.47
C LEU D 430 -3.53 40.11 -3.28
N MET D 431 -3.96 40.24 -2.03
CA MET D 431 -5.32 40.70 -1.76
C MET D 431 -5.50 42.18 -2.05
N SER D 432 -4.41 42.96 -2.01
CA SER D 432 -4.50 44.37 -2.41
C SER D 432 -5.07 44.49 -3.81
N ASN D 433 -4.69 43.59 -4.69
CA ASN D 433 -5.24 43.59 -6.05
C ASN D 433 -6.72 43.23 -6.05
N PHE D 434 -7.14 42.32 -5.16
CA PHE D 434 -8.53 41.86 -5.14
C PHE D 434 -9.48 43.00 -4.78
N PHE D 435 -9.07 43.88 -3.87
CA PHE D 435 -9.94 44.99 -3.48
C PHE D 435 -9.87 46.16 -4.45
N ALA D 436 -8.77 46.31 -5.17
CA ALA D 436 -8.60 47.49 -6.01
C ALA D 436 -9.18 47.31 -7.41
N GLN D 437 -9.12 46.10 -7.95
CA GLN D 437 -9.55 45.92 -9.33
C GLN D 437 -11.05 46.21 -9.52
N PRO D 438 -11.96 45.82 -8.62
CA PRO D 438 -13.37 46.16 -8.87
C PRO D 438 -13.65 47.65 -8.82
N ASP D 439 -13.02 48.38 -7.90
CA ASP D 439 -13.11 49.84 -7.92
C ASP D 439 -12.56 50.43 -9.22
N ALA D 440 -11.43 49.89 -9.70
CA ALA D 440 -10.87 50.39 -10.95
C ALA D 440 -11.85 50.24 -12.11
N LEU D 441 -12.58 49.11 -12.14
CA LEU D 441 -13.57 48.89 -13.19
C LEU D 441 -14.79 49.77 -12.98
N ALA D 442 -15.23 49.91 -11.73
CA ALA D 442 -16.40 50.74 -11.44
C ALA D 442 -16.16 52.19 -11.86
N TYR D 443 -15.10 52.81 -11.31
CA TYR D 443 -14.93 54.26 -11.38
C TYR D 443 -14.36 54.72 -12.73
N GLY D 444 -13.26 54.10 -13.17
CA GLY D 444 -12.57 54.61 -14.34
C GLY D 444 -11.83 55.88 -14.02
N LYS D 445 -11.23 56.47 -15.05
CA LYS D 445 -10.46 57.70 -14.87
C LYS D 445 -10.84 58.67 -15.97
N THR D 446 -11.35 59.84 -15.57
CA THR D 446 -11.90 60.83 -16.49
C THR D 446 -10.78 61.54 -17.26
N PRO D 447 -11.08 62.04 -18.47
CA PRO D 447 -10.11 62.92 -19.15
C PRO D 447 -9.63 64.05 -18.26
N GLU D 448 -10.54 64.60 -17.43
CA GLU D 448 -10.20 65.76 -16.61
C GLU D 448 -9.14 65.41 -15.57
N GLN D 449 -9.32 64.29 -14.86
CA GLN D 449 -8.32 63.88 -13.87
C GLN D 449 -6.94 63.76 -14.50
N LEU D 450 -6.86 63.11 -15.66
CA LEU D 450 -5.57 63.01 -16.34
C LEU D 450 -5.05 64.40 -16.72
N HIS D 451 -5.94 65.24 -17.25
CA HIS D 451 -5.58 66.62 -17.53
C HIS D 451 -5.11 67.33 -16.26
N SER D 452 -5.83 67.13 -15.16
CA SER D 452 -5.42 67.75 -13.90
C SER D 452 -4.13 67.15 -13.37
N GLU D 453 -3.67 66.03 -13.92
CA GLU D 453 -2.42 65.43 -13.52
C GLU D 453 -1.29 65.73 -14.50
N LYS D 454 -1.52 66.72 -15.38
CA LYS D 454 -0.52 67.15 -16.37
C LYS D 454 -0.12 66.00 -17.28
N VAL D 455 -1.08 65.14 -17.59
CA VAL D 455 -0.82 64.13 -18.64
C VAL D 455 -0.81 64.84 -20.00
N PRO D 456 0.23 64.66 -20.82
CA PRO D 456 0.25 65.30 -22.13
C PRO D 456 -1.05 65.07 -22.87
N GLU D 457 -1.47 66.08 -23.62
CA GLU D 457 -2.77 65.99 -24.29
C GLU D 457 -2.83 64.80 -25.24
N ASN D 458 -1.70 64.45 -25.87
CA ASN D 458 -1.73 63.39 -26.90
C ASN D 458 -1.94 61.99 -26.32
N LEU D 459 -1.72 61.79 -25.03
CA LEU D 459 -1.90 60.49 -24.37
C LEU D 459 -3.21 60.36 -23.63
N ILE D 460 -3.83 61.50 -23.26
CA ILE D 460 -5.03 61.47 -22.42
C ILE D 460 -6.06 60.49 -22.97
N SER D 461 -6.30 60.55 -24.29
CA SER D 461 -7.16 59.56 -24.92
C SER D 461 -6.68 58.14 -24.64
N HIS D 462 -5.37 57.90 -24.73
CA HIS D 462 -4.84 56.57 -24.53
C HIS D 462 -4.86 56.14 -23.07
N LYS D 463 -4.94 57.09 -22.13
CA LYS D 463 -4.92 56.77 -20.72
C LYS D 463 -6.30 56.85 -20.07
N THR D 464 -7.34 57.04 -20.85
CA THR D 464 -8.68 57.17 -20.31
C THR D 464 -9.23 55.79 -19.91
N PHE D 465 -9.98 55.75 -18.82
CA PHE D 465 -10.75 54.57 -18.44
C PHE D 465 -12.21 54.97 -18.30
N GLN D 466 -13.06 54.44 -19.17
CA GLN D 466 -14.47 54.78 -19.11
C GLN D 466 -15.06 54.46 -17.75
N GLY D 467 -14.63 53.36 -17.14
CA GLY D 467 -15.30 52.95 -15.92
C GLY D 467 -16.72 52.49 -16.20
N ASN D 468 -17.51 52.46 -15.13
CA ASN D 468 -18.89 51.93 -15.18
C ASN D 468 -18.91 50.47 -15.62
N ARG D 469 -17.86 49.72 -15.28
CA ARG D 469 -17.81 48.32 -15.70
C ARG D 469 -18.09 47.39 -14.53
N PRO D 470 -18.99 46.41 -14.70
CA PRO D 470 -19.58 45.70 -13.55
C PRO D 470 -18.78 44.52 -13.07
N SER D 471 -18.76 44.34 -11.75
CA SER D 471 -18.11 43.19 -11.14
C SER D 471 -18.92 42.76 -9.93
N LEU D 472 -18.64 41.55 -9.44
CA LEU D 472 -19.07 41.13 -8.12
C LEU D 472 -17.89 40.48 -7.40
N SER D 473 -17.87 40.62 -6.07
CA SER D 473 -16.81 40.07 -5.26
C SER D 473 -17.35 39.01 -4.29
N PHE D 474 -16.62 37.90 -4.18
CA PHE D 474 -16.81 36.92 -3.13
C PHE D 474 -15.67 37.06 -2.14
N LEU D 475 -15.99 37.29 -0.88
CA LEU D 475 -15.00 37.19 0.19
C LEU D 475 -15.36 35.95 1.00
N LEU D 476 -14.54 34.91 0.89
CA LEU D 476 -14.72 33.70 1.68
C LEU D 476 -13.78 33.74 2.88
N SER D 477 -14.15 33.00 3.92
CA SER D 477 -13.34 32.99 5.14
C SER D 477 -12.06 32.20 4.93
N SER D 478 -12.14 31.08 4.23
CA SER D 478 -10.97 30.24 4.06
C SER D 478 -11.22 29.38 2.84
N LEU D 479 -10.29 28.52 2.55
CA LEU D 479 -10.41 27.63 1.43
C LEU D 479 -9.94 26.27 1.90
N SER D 480 -10.73 25.66 2.78
CA SER D 480 -10.59 24.26 3.12
C SER D 480 -11.69 23.49 2.40
N ALA D 481 -11.66 22.17 2.56
CA ALA D 481 -12.58 21.28 1.85
C ALA D 481 -14.01 21.78 1.91
N TYR D 482 -14.48 22.14 3.12
CA TYR D 482 -15.85 22.61 3.30
C TYR D 482 -16.14 23.80 2.39
N GLU D 483 -15.31 24.83 2.48
CA GLU D 483 -15.57 26.05 1.73
C GLU D 483 -15.49 25.79 0.22
N ILE D 484 -14.56 24.92 -0.20
CA ILE D 484 -14.48 24.58 -1.60
C ILE D 484 -15.78 23.92 -2.06
N GLY D 485 -16.32 23.00 -1.25
CA GLY D 485 -17.61 22.40 -1.56
C GLY D 485 -18.71 23.44 -1.65
N GLN D 486 -18.71 24.42 -0.75
CA GLN D 486 -19.66 25.51 -0.84
C GLN D 486 -19.51 26.27 -2.17
N LEU D 487 -18.26 26.44 -2.64
CA LEU D 487 -18.05 27.24 -3.85
C LEU D 487 -18.56 26.50 -5.08
N LEU D 488 -18.26 25.21 -5.18
CA LEU D 488 -18.75 24.42 -6.34
C LEU D 488 -20.27 24.45 -6.36
N SER D 489 -20.89 24.33 -5.19
CA SER D 489 -22.35 24.21 -5.13
C SER D 489 -23.02 25.51 -5.55
N ILE D 490 -22.43 26.65 -5.18
CA ILE D 490 -22.98 27.96 -5.56
C ILE D 490 -23.03 28.10 -7.08
N TYR D 491 -21.93 27.74 -7.76
CA TYR D 491 -21.94 27.80 -9.23
C TYR D 491 -22.84 26.74 -9.84
N GLU D 492 -22.94 25.55 -9.23
CA GLU D 492 -23.82 24.55 -9.80
C GLU D 492 -25.25 25.07 -9.83
N HIS D 493 -25.64 25.79 -8.79
CA HIS D 493 -27.01 26.27 -8.68
C HIS D 493 -27.26 27.58 -9.38
N ARG D 494 -26.25 28.47 -9.45
CA ARG D 494 -26.38 29.68 -10.27
C ARG D 494 -26.54 29.33 -11.73
N ILE D 495 -25.85 28.28 -12.17
CA ILE D 495 -25.95 27.87 -13.61
C ILE D 495 -27.38 27.38 -13.82
N ALA D 496 -27.93 26.69 -12.84
CA ALA D 496 -29.28 26.15 -12.99
C ALA D 496 -30.32 27.27 -12.98
N VAL D 497 -30.10 28.31 -12.19
CA VAL D 497 -31.05 29.42 -12.15
C VAL D 497 -31.11 30.13 -13.51
N GLN D 498 -29.96 30.32 -14.17
CA GLN D 498 -29.98 31.00 -15.46
C GLN D 498 -30.81 30.23 -16.48
N GLY D 499 -30.53 28.94 -16.64
CA GLY D 499 -31.39 28.13 -17.48
C GLY D 499 -32.85 28.09 -17.05
N PHE D 500 -33.12 28.26 -15.76
CA PHE D 500 -34.54 28.28 -15.34
C PHE D 500 -35.22 29.56 -15.79
N ILE D 501 -34.55 30.70 -15.67
CA ILE D 501 -35.13 31.97 -16.11
C ILE D 501 -35.27 31.99 -17.62
N TRP D 502 -34.17 31.69 -18.33
CA TRP D 502 -34.22 31.55 -19.78
C TRP D 502 -35.23 30.50 -20.24
N GLY D 503 -35.62 29.57 -19.36
CA GLY D 503 -36.59 28.56 -19.74
C GLY D 503 -36.05 27.51 -20.68
N ILE D 504 -34.79 27.13 -20.49
CA ILE D 504 -34.13 26.14 -21.34
C ILE D 504 -33.90 24.92 -20.49
N ASN D 505 -33.30 23.88 -21.06
CA ASN D 505 -33.00 22.66 -20.34
C ASN D 505 -31.50 22.71 -20.05
N SER D 506 -31.17 22.98 -18.78
CA SER D 506 -29.77 23.12 -18.38
C SER D 506 -29.08 21.78 -18.24
N PHE D 507 -29.78 20.66 -18.44
CA PHE D 507 -29.24 19.39 -18.03
C PHE D 507 -29.16 18.36 -19.14
N ASP D 508 -29.50 18.70 -20.38
CA ASP D 508 -29.17 17.84 -21.51
C ASP D 508 -28.00 18.44 -22.29
N GLN D 509 -27.53 17.70 -23.28
CA GLN D 509 -26.37 18.16 -24.05
C GLN D 509 -26.46 17.50 -25.42
N TRP D 510 -27.49 17.88 -26.17
CA TRP D 510 -27.67 17.23 -27.46
C TRP D 510 -26.64 17.72 -28.46
N GLY D 511 -26.15 18.95 -28.27
CA GLY D 511 -25.18 19.52 -29.16
C GLY D 511 -23.91 18.70 -29.34
N VAL D 512 -23.69 17.69 -28.49
CA VAL D 512 -22.47 16.92 -28.59
C VAL D 512 -22.48 15.91 -29.74
N GLU D 513 -23.66 15.51 -30.23
CA GLU D 513 -23.75 14.25 -30.99
C GLU D 513 -23.16 14.36 -32.40
N LEU D 514 -23.36 15.50 -33.07
CA LEU D 514 -23.04 15.59 -34.49
C LEU D 514 -21.53 15.49 -34.74
N GLY D 515 -20.72 16.21 -33.95
CA GLY D 515 -19.29 15.99 -34.02
C GLY D 515 -18.89 14.56 -33.75
N LYS D 516 -19.64 13.87 -32.88
CA LYS D 516 -19.36 12.48 -32.56
C LYS D 516 -19.66 11.56 -33.74
N SER D 517 -20.82 11.75 -34.37
CA SER D 517 -21.19 10.91 -35.50
C SER D 517 -20.14 11.00 -36.60
N LEU D 518 -19.75 12.21 -36.97
CA LEU D 518 -18.80 12.41 -38.05
C LEU D 518 -17.43 11.85 -37.72
N ALA D 519 -17.04 11.91 -36.44
CA ALA D 519 -15.76 11.38 -36.04
C ALA D 519 -15.69 9.88 -36.24
N SER D 520 -16.83 9.18 -36.09
CA SER D 520 -16.82 7.74 -36.32
C SER D 520 -16.70 7.43 -37.79
N THR D 521 -17.28 8.29 -38.63
CA THR D 521 -17.08 8.19 -40.07
C THR D 521 -15.60 8.36 -40.42
N VAL D 522 -14.97 9.44 -39.93
CA VAL D 522 -13.55 9.66 -40.21
C VAL D 522 -12.72 8.51 -39.69
N ARG D 523 -13.04 8.03 -38.48
CA ARG D 523 -12.28 6.92 -37.91
C ARG D 523 -12.26 5.73 -38.85
N LYS D 524 -13.42 5.43 -39.47
CA LYS D 524 -13.49 4.29 -40.38
C LYS D 524 -12.65 4.54 -41.63
N GLN D 525 -12.74 5.74 -42.19
CA GLN D 525 -11.92 6.10 -43.32
C GLN D 525 -10.44 5.97 -42.99
N LEU D 526 -10.04 6.42 -41.80
CA LEU D 526 -8.64 6.26 -41.41
C LEU D 526 -8.27 4.79 -41.29
N HIS D 527 -9.15 3.96 -40.73
CA HIS D 527 -8.80 2.56 -40.57
C HIS D 527 -8.63 1.87 -41.91
N ALA D 528 -9.47 2.25 -42.89
CA ALA D 528 -9.44 1.60 -44.19
C ALA D 528 -8.25 2.05 -45.02
N SER D 529 -7.87 3.32 -44.90
CA SER D 529 -6.68 3.80 -45.60
C SER D 529 -5.41 3.23 -44.98
N ARG D 530 -5.31 3.26 -43.64
CA ARG D 530 -4.11 2.76 -42.98
C ARG D 530 -3.91 1.28 -43.22
N MET D 531 -4.90 0.47 -42.87
CA MET D 531 -4.68 -0.97 -42.84
C MET D 531 -5.13 -1.68 -44.12
N GLU D 532 -5.92 -1.04 -44.96
CA GLU D 532 -6.38 -1.69 -46.18
C GLU D 532 -5.98 -0.96 -47.44
N GLY D 533 -5.43 0.26 -47.34
CA GLY D 533 -4.98 1.03 -48.49
C GLY D 533 -6.08 1.77 -49.23
N LYS D 534 -7.30 1.78 -48.70
CA LYS D 534 -8.43 2.35 -49.43
C LYS D 534 -8.19 3.83 -49.70
N PRO D 535 -8.56 4.33 -50.88
CA PRO D 535 -8.48 5.78 -51.15
C PRO D 535 -9.54 6.53 -50.35
N VAL D 536 -9.34 7.84 -50.27
CA VAL D 536 -10.23 8.70 -49.49
C VAL D 536 -11.50 8.93 -50.29
N GLU D 537 -12.65 8.76 -49.64
CA GLU D 537 -13.90 8.85 -50.39
C GLU D 537 -15.09 9.02 -49.44
N GLY D 538 -16.02 9.87 -49.85
CA GLY D 538 -17.15 10.23 -49.03
C GLY D 538 -17.07 11.62 -48.43
N PHE D 539 -16.08 12.41 -48.80
CA PHE D 539 -15.80 13.67 -48.14
C PHE D 539 -15.81 14.82 -49.14
N ASN D 540 -16.10 16.01 -48.64
CA ASN D 540 -16.08 17.19 -49.48
C ASN D 540 -14.64 17.49 -49.89
N PRO D 541 -14.44 18.29 -50.95
CA PRO D 541 -13.06 18.49 -51.45
C PRO D 541 -12.08 18.97 -50.39
N SER D 542 -12.55 19.80 -49.45
CA SER D 542 -11.65 20.29 -48.40
C SER D 542 -11.22 19.16 -47.48
N SER D 543 -12.14 18.28 -47.10
CA SER D 543 -11.76 17.25 -46.14
C SER D 543 -10.98 16.12 -46.82
N ALA D 544 -11.30 15.82 -48.07
CA ALA D 544 -10.54 14.82 -48.82
C ALA D 544 -9.08 15.23 -48.94
N SER D 545 -8.82 16.49 -49.30
CA SER D 545 -7.45 16.98 -49.38
C SER D 545 -6.73 16.85 -48.04
N LEU D 546 -7.36 17.32 -46.95
CA LEU D 546 -6.75 17.25 -45.62
C LEU D 546 -6.40 15.81 -45.22
N LEU D 547 -7.35 14.88 -45.44
CA LEU D 547 -7.11 13.48 -45.08
C LEU D 547 -6.02 12.86 -45.92
N THR D 548 -6.01 13.13 -47.23
CA THR D 548 -4.91 12.69 -48.08
C THR D 548 -3.57 13.14 -47.52
N ARG D 549 -3.46 14.44 -47.26
CA ARG D 549 -2.24 14.99 -46.66
C ARG D 549 -1.87 14.26 -45.39
N PHE D 550 -2.84 14.12 -44.48
CA PHE D 550 -2.57 13.45 -43.22
C PHE D 550 -2.14 12.02 -43.46
N LEU D 551 -2.78 11.35 -44.42
CA LEU D 551 -2.51 9.95 -44.73
C LEU D 551 -1.33 9.78 -45.69
N ALA D 552 -0.65 10.86 -46.08
CA ALA D 552 0.49 10.70 -46.96
C ALA D 552 1.73 10.25 -46.21
N VAL D 553 1.85 10.63 -44.93
CA VAL D 553 2.94 10.17 -44.07
C VAL D 553 2.57 8.78 -43.54
N LYS D 554 3.24 7.76 -44.05
CA LYS D 554 2.89 6.41 -43.67
C LYS D 554 3.35 6.15 -42.24
N PRO D 555 2.51 5.47 -41.42
CA PRO D 555 2.91 5.18 -40.04
C PRO D 555 4.07 4.21 -40.00
N SER D 556 5.23 4.66 -39.55
CA SER D 556 6.34 3.68 -39.41
C SER D 556 5.85 2.66 -38.40
N THR D 557 4.79 3.02 -37.69
CA THR D 557 4.23 2.12 -36.65
C THR D 557 3.84 0.82 -37.35
N PRO D 558 4.19 -0.36 -36.78
CA PRO D 558 3.89 -1.61 -37.46
C PRO D 558 2.39 -1.52 -37.64
N TYR D 559 1.80 -1.51 -38.69
CA TYR D 559 0.33 -1.32 -38.85
C TYR D 559 -0.41 -2.03 -37.71
N ASP D 560 -0.03 -3.49 -37.54
CA ASP D 560 -0.75 -4.07 -36.38
C ASP D 560 0.23 -4.62 -35.36
N THR D 561 0.93 -3.79 -34.62
CA THR D 561 1.83 -4.26 -33.53
C THR D 561 1.86 -3.19 -32.43
N THR D 562 1.90 -3.59 -31.18
CA THR D 562 1.81 -2.69 -30.03
C THR D 562 3.07 -1.86 -29.86
N VAL D 563 2.89 -0.53 -29.79
CA VAL D 563 3.94 0.42 -29.42
C VAL D 563 3.41 1.38 -28.35
N LEU D 564 4.22 1.62 -27.32
CA LEU D 564 3.96 2.49 -26.18
C LEU D 564 5.09 3.50 -26.01
N PRO D 565 4.82 4.66 -25.37
CA PRO D 565 5.85 5.71 -25.22
C PRO D 565 7.14 5.22 -24.58
C1 G6P E . 22.23 -18.64 19.14
C2 G6P E . 23.59 -19.32 18.97
C3 G6P E . 24.07 -19.49 17.53
C4 G6P E . 23.72 -18.33 16.62
C5 G6P E . 22.85 -17.37 17.41
C6 G6P E . 22.39 -16.16 16.63
O1 G6P E . 22.33 -17.56 20.06
O2 G6P E . 24.59 -18.67 19.78
O3 G6P E . 23.47 -20.67 16.98
O4 G6P E . 24.94 -17.69 16.21
O5 G6P E . 21.76 -18.10 17.92
O6 G6P E . 23.33 -15.17 16.98
P G6P E . 22.88 -13.68 17.29
O1P G6P E . 24.16 -12.94 17.02
O2P G6P E . 21.77 -13.42 16.31
O3P G6P E . 22.46 -13.72 18.73
C1 G6P F . -6.34 -38.51 19.81
C2 G6P F . -5.59 -39.29 20.91
C3 G6P F . -6.28 -39.49 22.20
C4 G6P F . -7.33 -38.47 22.53
C5 G6P F . -8.13 -38.11 21.26
C6 G6P F . -9.32 -37.22 21.57
O1 G6P F . -7.11 -39.35 19.11
O2 G6P F . -5.25 -40.61 20.36
O3 G6P F . -5.26 -39.46 23.27
O4 G6P F . -8.21 -39.00 23.48
O5 G6P F . -7.25 -37.45 20.32
O6 G6P F . -10.43 -38.06 21.42
P G6P F . -11.76 -37.46 20.65
O1P G6P F . -11.45 -37.28 19.20
O2P G6P F . -12.08 -36.13 21.31
O3P G6P F . -12.91 -38.44 20.81
#